data_1WWB
# 
_entry.id   1WWB 
# 
_audit_conform.dict_name       mmcif_pdbx.dic 
_audit_conform.dict_version    5.398 
_audit_conform.dict_location   http://mmcif.pdb.org/dictionaries/ascii/mmcif_pdbx.dic 
# 
loop_
_database_2.database_id 
_database_2.database_code 
_database_2.pdbx_database_accession 
_database_2.pdbx_DOI 
PDB   1WWB         pdb_00001wwb 10.2210/pdb1wwb/pdb 
RCSB  RCSB000992   ?            ?                   
WWPDB D_1000000992 ?            ?                   
# 
loop_
_pdbx_audit_revision_history.ordinal 
_pdbx_audit_revision_history.data_content_type 
_pdbx_audit_revision_history.major_revision 
_pdbx_audit_revision_history.minor_revision 
_pdbx_audit_revision_history.revision_date 
1 'Structure model' 1 0 1999-07-07 
2 'Structure model' 1 1 2008-04-26 
3 'Structure model' 1 2 2011-07-13 
4 'Structure model' 1 3 2023-08-23 
5 'Structure model' 1 4 2024-10-30 
# 
_pdbx_audit_revision_details.ordinal             1 
_pdbx_audit_revision_details.revision_ordinal    1 
_pdbx_audit_revision_details.data_content_type   'Structure model' 
_pdbx_audit_revision_details.provider            repository 
_pdbx_audit_revision_details.type                'Initial release' 
_pdbx_audit_revision_details.description         ? 
_pdbx_audit_revision_details.details             ? 
# 
loop_
_pdbx_audit_revision_group.ordinal 
_pdbx_audit_revision_group.revision_ordinal 
_pdbx_audit_revision_group.data_content_type 
_pdbx_audit_revision_group.group 
1 2 'Structure model' 'Version format compliance' 
2 3 'Structure model' 'Version format compliance' 
3 4 'Structure model' 'Data collection'           
4 4 'Structure model' 'Database references'       
5 4 'Structure model' 'Refinement description'    
6 5 'Structure model' 'Structure summary'         
# 
loop_
_pdbx_audit_revision_category.ordinal 
_pdbx_audit_revision_category.revision_ordinal 
_pdbx_audit_revision_category.data_content_type 
_pdbx_audit_revision_category.category 
1 4 'Structure model' chem_comp_atom                
2 4 'Structure model' chem_comp_bond                
3 4 'Structure model' database_2                    
4 4 'Structure model' pdbx_initial_refinement_model 
5 5 'Structure model' pdbx_entry_details            
6 5 'Structure model' pdbx_modification_feature     
# 
loop_
_pdbx_audit_revision_item.ordinal 
_pdbx_audit_revision_item.revision_ordinal 
_pdbx_audit_revision_item.data_content_type 
_pdbx_audit_revision_item.item 
1 4 'Structure model' '_database_2.pdbx_DOI'                
2 4 'Structure model' '_database_2.pdbx_database_accession' 
# 
_pdbx_database_status.status_code                     REL 
_pdbx_database_status.entry_id                        1WWB 
_pdbx_database_status.recvd_initial_deposition_date   1999-05-03 
_pdbx_database_status.deposit_site                    BNL 
_pdbx_database_status.process_site                    RCSB 
_pdbx_database_status.SG_entry                        . 
_pdbx_database_status.pdb_format_compatible           Y 
_pdbx_database_status.status_code_mr                  ? 
_pdbx_database_status.status_code_sf                  ? 
_pdbx_database_status.status_code_cs                  ? 
_pdbx_database_status.status_code_nmr_data            ? 
_pdbx_database_status.methods_development_category    ? 
# 
loop_
_pdbx_database_related.db_name 
_pdbx_database_related.db_id 
_pdbx_database_related.details 
_pdbx_database_related.content_type 
PDB 1WWA TRKA unspecified 
PDB 1WWC TRKC unspecified 
# 
loop_
_audit_author.name 
_audit_author.pdbx_ordinal 
'Wiesmann, C.' 1 
'Ultsch, M.H.' 2 
'Bass, S.H.'   3 
'De Vos, A.M.' 4 
# 
_citation.id                        primary 
_citation.title                     'Crystal structures of the neurotrophin-binding domain of TrkA, TrkB and TrkC.' 
_citation.journal_abbrev            J.Mol.Biol. 
_citation.journal_volume            290 
_citation.page_first                149 
_citation.page_last                 159 
_citation.year                      1999 
_citation.journal_id_ASTM           JMOBAK 
_citation.country                   UK 
_citation.journal_id_ISSN           0022-2836 
_citation.journal_id_CSD            0070 
_citation.book_publisher            ? 
_citation.pdbx_database_id_PubMed   10388563 
_citation.pdbx_database_id_DOI      10.1006/jmbi.1999.2816 
# 
loop_
_citation_author.citation_id 
_citation_author.name 
_citation_author.ordinal 
_citation_author.identifier_ORCID 
primary 'Ultsch, M.H.'  1 ? 
primary 'Wiesmann, C.'  2 ? 
primary 'Simmons, L.C.' 3 ? 
primary 'Henrich, J.'   4 ? 
primary 'Yang, M.'      5 ? 
primary 'Reilly, D.'    6 ? 
primary 'Bass, S.H.'    7 ? 
primary 'de Vos, A.M.'  8 ? 
# 
loop_
_entity.id 
_entity.type 
_entity.src_method 
_entity.pdbx_description 
_entity.formula_weight 
_entity.pdbx_number_of_molecules 
_entity.pdbx_ec 
_entity.pdbx_mutation 
_entity.pdbx_fragment 
_entity.details 
1 polymer man 'PROTEIN (Brain Derived Neurotrophic Factor Receptor TrkB)' 11802.254 1  ? ? 'LIGAND BINDING DOMAIN' ? 
2 water   nat water                                                       18.015    74 ? ? ?                       ? 
# 
_entity_poly.entity_id                      1 
_entity_poly.type                           'polypeptide(L)' 
_entity_poly.nstd_linkage                   no 
_entity_poly.nstd_monomer                   no 
_entity_poly.pdbx_seq_one_letter_code       
;VHFAPTITFLESPTSDHHWCIPFTVKGNPKPALQWFYNGAILNESKYICTKIHVTNHTEYHGCLQLDNPTHMNNGDYTLI
AKNEYGKDEKQISAHFMGWPGID
;
_entity_poly.pdbx_seq_one_letter_code_can   
;VHFAPTITFLESPTSDHHWCIPFTVKGNPKPALQWFYNGAILNESKYICTKIHVTNHTEYHGCLQLDNPTHMNNGDYTLI
AKNEYGKDEKQISAHFMGWPGID
;
_entity_poly.pdbx_strand_id                 X 
_entity_poly.pdbx_target_identifier         ? 
# 
_pdbx_entity_nonpoly.entity_id   2 
_pdbx_entity_nonpoly.name        water 
_pdbx_entity_nonpoly.comp_id     HOH 
# 
loop_
_entity_poly_seq.entity_id 
_entity_poly_seq.num 
_entity_poly_seq.mon_id 
_entity_poly_seq.hetero 
1 1   VAL n 
1 2   HIS n 
1 3   PHE n 
1 4   ALA n 
1 5   PRO n 
1 6   THR n 
1 7   ILE n 
1 8   THR n 
1 9   PHE n 
1 10  LEU n 
1 11  GLU n 
1 12  SER n 
1 13  PRO n 
1 14  THR n 
1 15  SER n 
1 16  ASP n 
1 17  HIS n 
1 18  HIS n 
1 19  TRP n 
1 20  CYS n 
1 21  ILE n 
1 22  PRO n 
1 23  PHE n 
1 24  THR n 
1 25  VAL n 
1 26  LYS n 
1 27  GLY n 
1 28  ASN n 
1 29  PRO n 
1 30  LYS n 
1 31  PRO n 
1 32  ALA n 
1 33  LEU n 
1 34  GLN n 
1 35  TRP n 
1 36  PHE n 
1 37  TYR n 
1 38  ASN n 
1 39  GLY n 
1 40  ALA n 
1 41  ILE n 
1 42  LEU n 
1 43  ASN n 
1 44  GLU n 
1 45  SER n 
1 46  LYS n 
1 47  TYR n 
1 48  ILE n 
1 49  CYS n 
1 50  THR n 
1 51  LYS n 
1 52  ILE n 
1 53  HIS n 
1 54  VAL n 
1 55  THR n 
1 56  ASN n 
1 57  HIS n 
1 58  THR n 
1 59  GLU n 
1 60  TYR n 
1 61  HIS n 
1 62  GLY n 
1 63  CYS n 
1 64  LEU n 
1 65  GLN n 
1 66  LEU n 
1 67  ASP n 
1 68  ASN n 
1 69  PRO n 
1 70  THR n 
1 71  HIS n 
1 72  MET n 
1 73  ASN n 
1 74  ASN n 
1 75  GLY n 
1 76  ASP n 
1 77  TYR n 
1 78  THR n 
1 79  LEU n 
1 80  ILE n 
1 81  ALA n 
1 82  LYS n 
1 83  ASN n 
1 84  GLU n 
1 85  TYR n 
1 86  GLY n 
1 87  LYS n 
1 88  ASP n 
1 89  GLU n 
1 90  LYS n 
1 91  GLN n 
1 92  ILE n 
1 93  SER n 
1 94  ALA n 
1 95  HIS n 
1 96  PHE n 
1 97  MET n 
1 98  GLY n 
1 99  TRP n 
1 100 PRO n 
1 101 GLY n 
1 102 ILE n 
1 103 ASP n 
# 
_entity_src_gen.entity_id                          1 
_entity_src_gen.pdbx_src_id                        1 
_entity_src_gen.pdbx_alt_source_flag               sample 
_entity_src_gen.pdbx_seq_type                      ? 
_entity_src_gen.pdbx_beg_seq_num                   ? 
_entity_src_gen.pdbx_end_seq_num                   ? 
_entity_src_gen.gene_src_common_name               human 
_entity_src_gen.gene_src_genus                     Homo 
_entity_src_gen.pdbx_gene_src_gene                 ? 
_entity_src_gen.gene_src_species                   ? 
_entity_src_gen.gene_src_strain                    ? 
_entity_src_gen.gene_src_tissue                    ? 
_entity_src_gen.gene_src_tissue_fraction           ? 
_entity_src_gen.gene_src_details                   ? 
_entity_src_gen.pdbx_gene_src_fragment             ? 
_entity_src_gen.pdbx_gene_src_scientific_name      'Homo sapiens' 
_entity_src_gen.pdbx_gene_src_ncbi_taxonomy_id     9606 
_entity_src_gen.pdbx_gene_src_variant              ? 
_entity_src_gen.pdbx_gene_src_cell_line            ? 
_entity_src_gen.pdbx_gene_src_atcc                 ? 
_entity_src_gen.pdbx_gene_src_organ                ? 
_entity_src_gen.pdbx_gene_src_organelle            ? 
_entity_src_gen.pdbx_gene_src_cell                 ? 
_entity_src_gen.pdbx_gene_src_cellular_location    ? 
_entity_src_gen.host_org_common_name               ? 
_entity_src_gen.pdbx_host_org_scientific_name      'Escherichia coli' 
_entity_src_gen.pdbx_host_org_ncbi_taxonomy_id     562 
_entity_src_gen.host_org_genus                     Escherichia 
_entity_src_gen.pdbx_host_org_gene                 ? 
_entity_src_gen.pdbx_host_org_organ                ? 
_entity_src_gen.host_org_species                   ? 
_entity_src_gen.pdbx_host_org_tissue               ? 
_entity_src_gen.pdbx_host_org_tissue_fraction      ? 
_entity_src_gen.pdbx_host_org_strain               ? 
_entity_src_gen.pdbx_host_org_variant              ? 
_entity_src_gen.pdbx_host_org_cell_line            ? 
_entity_src_gen.pdbx_host_org_atcc                 ? 
_entity_src_gen.pdbx_host_org_culture_collection   ? 
_entity_src_gen.pdbx_host_org_cell                 ? 
_entity_src_gen.pdbx_host_org_organelle            ? 
_entity_src_gen.pdbx_host_org_cellular_location    ? 
_entity_src_gen.pdbx_host_org_vector_type          ? 
_entity_src_gen.pdbx_host_org_vector               ? 
_entity_src_gen.host_org_details                   ? 
_entity_src_gen.expression_system_id               ? 
_entity_src_gen.plasmid_name                       ? 
_entity_src_gen.plasmid_details                    ? 
_entity_src_gen.pdbx_description                   ? 
# 
loop_
_chem_comp.id 
_chem_comp.type 
_chem_comp.mon_nstd_flag 
_chem_comp.name 
_chem_comp.pdbx_synonyms 
_chem_comp.formula 
_chem_comp.formula_weight 
ALA 'L-peptide linking' y ALANINE         ? 'C3 H7 N O2'     89.093  
ASN 'L-peptide linking' y ASPARAGINE      ? 'C4 H8 N2 O3'    132.118 
ASP 'L-peptide linking' y 'ASPARTIC ACID' ? 'C4 H7 N O4'     133.103 
CYS 'L-peptide linking' y CYSTEINE        ? 'C3 H7 N O2 S'   121.158 
GLN 'L-peptide linking' y GLUTAMINE       ? 'C5 H10 N2 O3'   146.144 
GLU 'L-peptide linking' y 'GLUTAMIC ACID' ? 'C5 H9 N O4'     147.129 
GLY 'peptide linking'   y GLYCINE         ? 'C2 H5 N O2'     75.067  
HIS 'L-peptide linking' y HISTIDINE       ? 'C6 H10 N3 O2 1' 156.162 
HOH non-polymer         . WATER           ? 'H2 O'           18.015  
ILE 'L-peptide linking' y ISOLEUCINE      ? 'C6 H13 N O2'    131.173 
LEU 'L-peptide linking' y LEUCINE         ? 'C6 H13 N O2'    131.173 
LYS 'L-peptide linking' y LYSINE          ? 'C6 H15 N2 O2 1' 147.195 
MET 'L-peptide linking' y METHIONINE      ? 'C5 H11 N O2 S'  149.211 
PHE 'L-peptide linking' y PHENYLALANINE   ? 'C9 H11 N O2'    165.189 
PRO 'L-peptide linking' y PROLINE         ? 'C5 H9 N O2'     115.130 
SER 'L-peptide linking' y SERINE          ? 'C3 H7 N O3'     105.093 
THR 'L-peptide linking' y THREONINE       ? 'C4 H9 N O3'     119.119 
TRP 'L-peptide linking' y TRYPTOPHAN      ? 'C11 H12 N2 O2'  204.225 
TYR 'L-peptide linking' y TYROSINE        ? 'C9 H11 N O3'    181.189 
VAL 'L-peptide linking' y VALINE          ? 'C5 H11 N O2'    117.146 
# 
loop_
_pdbx_poly_seq_scheme.asym_id 
_pdbx_poly_seq_scheme.entity_id 
_pdbx_poly_seq_scheme.seq_id 
_pdbx_poly_seq_scheme.mon_id 
_pdbx_poly_seq_scheme.ndb_seq_num 
_pdbx_poly_seq_scheme.pdb_seq_num 
_pdbx_poly_seq_scheme.auth_seq_num 
_pdbx_poly_seq_scheme.pdb_mon_id 
_pdbx_poly_seq_scheme.auth_mon_id 
_pdbx_poly_seq_scheme.pdb_strand_id 
_pdbx_poly_seq_scheme.pdb_ins_code 
_pdbx_poly_seq_scheme.hetero 
A 1 1   VAL 1   283 283 VAL VAL X . n 
A 1 2   HIS 2   284 284 HIS HIS X . n 
A 1 3   PHE 3   285 285 PHE PHE X . n 
A 1 4   ALA 4   286 286 ALA ALA X . n 
A 1 5   PRO 5   287 287 PRO PRO X . n 
A 1 6   THR 6   288 288 THR THR X . n 
A 1 7   ILE 7   289 289 ILE ILE X . n 
A 1 8   THR 8   290 290 THR THR X . n 
A 1 9   PHE 9   291 291 PHE PHE X . n 
A 1 10  LEU 10  292 292 LEU LEU X . n 
A 1 11  GLU 11  293 293 GLU GLU X . n 
A 1 12  SER 12  294 294 SER SER X . n 
A 1 13  PRO 13  295 295 PRO PRO X . n 
A 1 14  THR 14  296 296 THR THR X . n 
A 1 15  SER 15  297 297 SER SER X . n 
A 1 16  ASP 16  298 298 ASP ASP X . n 
A 1 17  HIS 17  299 299 HIS HIS X . n 
A 1 18  HIS 18  300 300 HIS HIS X . n 
A 1 19  TRP 19  301 301 TRP TRP X . n 
A 1 20  CYS 20  302 302 CYS CYS X . n 
A 1 21  ILE 21  303 303 ILE ILE X . n 
A 1 22  PRO 22  304 304 PRO PRO X . n 
A 1 23  PHE 23  305 305 PHE PHE X . n 
A 1 24  THR 24  306 306 THR THR X . n 
A 1 25  VAL 25  307 307 VAL VAL X . n 
A 1 26  LYS 26  308 308 LYS LYS X . n 
A 1 27  GLY 27  309 309 GLY GLY X . n 
A 1 28  ASN 28  310 310 ASN ASN X . n 
A 1 29  PRO 29  311 311 PRO PRO X . n 
A 1 30  LYS 30  312 312 LYS LYS X . n 
A 1 31  PRO 31  313 313 PRO PRO X . n 
A 1 32  ALA 32  314 314 ALA ALA X . n 
A 1 33  LEU 33  315 315 LEU LEU X . n 
A 1 34  GLN 34  316 316 GLN GLN X . n 
A 1 35  TRP 35  317 317 TRP TRP X . n 
A 1 36  PHE 36  318 318 PHE PHE X . n 
A 1 37  TYR 37  319 319 TYR TYR X . n 
A 1 38  ASN 38  320 320 ASN ASN X . n 
A 1 39  GLY 39  321 321 GLY GLY X . n 
A 1 40  ALA 40  322 322 ALA ALA X . n 
A 1 41  ILE 41  323 323 ILE ILE X . n 
A 1 42  LEU 42  324 324 LEU LEU X . n 
A 1 43  ASN 43  325 325 ASN ASN X . n 
A 1 44  GLU 44  326 326 GLU GLU X . n 
A 1 45  SER 45  327 327 SER SER X . n 
A 1 46  LYS 46  328 328 LYS LYS X . n 
A 1 47  TYR 47  329 329 TYR TYR X . n 
A 1 48  ILE 48  330 330 ILE ILE X . n 
A 1 49  CYS 49  331 331 CYS CYS X . n 
A 1 50  THR 50  332 332 THR THR X . n 
A 1 51  LYS 51  333 333 LYS LYS X . n 
A 1 52  ILE 52  334 334 ILE ILE X . n 
A 1 53  HIS 53  335 335 HIS HIS X . n 
A 1 54  VAL 54  336 336 VAL VAL X . n 
A 1 55  THR 55  337 337 THR THR X . n 
A 1 56  ASN 56  338 338 ASN ASN X . n 
A 1 57  HIS 57  339 339 HIS HIS X . n 
A 1 58  THR 58  340 340 THR THR X . n 
A 1 59  GLU 59  341 341 GLU GLU X . n 
A 1 60  TYR 60  342 342 TYR TYR X . n 
A 1 61  HIS 61  343 343 HIS HIS X . n 
A 1 62  GLY 62  344 344 GLY GLY X . n 
A 1 63  CYS 63  345 345 CYS CYS X . n 
A 1 64  LEU 64  346 346 LEU LEU X . n 
A 1 65  GLN 65  347 347 GLN GLN X . n 
A 1 66  LEU 66  348 348 LEU LEU X . n 
A 1 67  ASP 67  349 349 ASP ASP X . n 
A 1 68  ASN 68  350 350 ASN ASN X . n 
A 1 69  PRO 69  351 351 PRO PRO X . n 
A 1 70  THR 70  352 352 THR THR X . n 
A 1 71  HIS 71  353 353 HIS HIS X . n 
A 1 72  MET 72  354 354 MET MET X . n 
A 1 73  ASN 73  355 355 ASN ASN X . n 
A 1 74  ASN 74  356 356 ASN ASN X . n 
A 1 75  GLY 75  357 357 GLY GLY X . n 
A 1 76  ASP 76  358 358 ASP ASP X . n 
A 1 77  TYR 77  359 359 TYR TYR X . n 
A 1 78  THR 78  360 360 THR THR X . n 
A 1 79  LEU 79  361 361 LEU LEU X . n 
A 1 80  ILE 80  362 362 ILE ILE X . n 
A 1 81  ALA 81  363 363 ALA ALA X . n 
A 1 82  LYS 82  364 364 LYS LYS X . n 
A 1 83  ASN 83  365 365 ASN ASN X . n 
A 1 84  GLU 84  366 366 GLU GLU X . n 
A 1 85  TYR 85  367 367 TYR TYR X . n 
A 1 86  GLY 86  368 368 GLY GLY X . n 
A 1 87  LYS 87  369 369 LYS LYS X . n 
A 1 88  ASP 88  370 370 ASP ASP X . n 
A 1 89  GLU 89  371 371 GLU GLU X . n 
A 1 90  LYS 90  372 372 LYS LYS X . n 
A 1 91  GLN 91  373 373 GLN GLN X . n 
A 1 92  ILE 92  374 374 ILE ILE X . n 
A 1 93  SER 93  375 375 SER SER X . n 
A 1 94  ALA 94  376 376 ALA ALA X . n 
A 1 95  HIS 95  377 377 HIS HIS X . n 
A 1 96  PHE 96  378 378 PHE PHE X . n 
A 1 97  MET 97  379 379 MET MET X . n 
A 1 98  GLY 98  380 380 GLY GLY X . n 
A 1 99  TRP 99  381 381 TRP TRP X . n 
A 1 100 PRO 100 382 382 PRO PRO X . n 
A 1 101 GLY 101 383 383 GLY GLY X . n 
A 1 102 ILE 102 384 384 ILE ILE X . n 
A 1 103 ASP 103 385 385 ASP ASP X . n 
# 
loop_
_pdbx_nonpoly_scheme.asym_id 
_pdbx_nonpoly_scheme.entity_id 
_pdbx_nonpoly_scheme.mon_id 
_pdbx_nonpoly_scheme.ndb_seq_num 
_pdbx_nonpoly_scheme.pdb_seq_num 
_pdbx_nonpoly_scheme.auth_seq_num 
_pdbx_nonpoly_scheme.pdb_mon_id 
_pdbx_nonpoly_scheme.auth_mon_id 
_pdbx_nonpoly_scheme.pdb_strand_id 
_pdbx_nonpoly_scheme.pdb_ins_code 
B 2 HOH 1  1  1  HOH HOH X . 
B 2 HOH 2  2  2  HOH HOH X . 
B 2 HOH 3  3  3  HOH HOH X . 
B 2 HOH 4  4  4  HOH HOH X . 
B 2 HOH 5  5  5  HOH HOH X . 
B 2 HOH 6  6  6  HOH HOH X . 
B 2 HOH 7  7  7  HOH HOH X . 
B 2 HOH 8  8  8  HOH HOH X . 
B 2 HOH 9  9  9  HOH HOH X . 
B 2 HOH 10 10 10 HOH HOH X . 
B 2 HOH 11 11 11 HOH HOH X . 
B 2 HOH 12 12 12 HOH HOH X . 
B 2 HOH 13 13 13 HOH HOH X . 
B 2 HOH 14 15 15 HOH HOH X . 
B 2 HOH 15 16 16 HOH HOH X . 
B 2 HOH 16 17 17 HOH HOH X . 
B 2 HOH 17 18 18 HOH HOH X . 
B 2 HOH 18 19 19 HOH HOH X . 
B 2 HOH 19 20 20 HOH HOH X . 
B 2 HOH 20 21 21 HOH HOH X . 
B 2 HOH 21 22 22 HOH HOH X . 
B 2 HOH 22 23 23 HOH HOH X . 
B 2 HOH 23 24 24 HOH HOH X . 
B 2 HOH 24 25 25 HOH HOH X . 
B 2 HOH 25 26 26 HOH HOH X . 
B 2 HOH 26 27 27 HOH HOH X . 
B 2 HOH 27 28 28 HOH HOH X . 
B 2 HOH 28 29 29 HOH HOH X . 
B 2 HOH 29 30 30 HOH HOH X . 
B 2 HOH 30 31 31 HOH HOH X . 
B 2 HOH 31 32 32 HOH HOH X . 
B 2 HOH 32 33 33 HOH HOH X . 
B 2 HOH 33 34 34 HOH HOH X . 
B 2 HOH 34 35 35 HOH HOH X . 
B 2 HOH 35 36 36 HOH HOH X . 
B 2 HOH 36 37 37 HOH HOH X . 
B 2 HOH 37 38 38 HOH HOH X . 
B 2 HOH 38 39 39 HOH HOH X . 
B 2 HOH 39 40 40 HOH HOH X . 
B 2 HOH 40 41 41 HOH HOH X . 
B 2 HOH 41 42 42 HOH HOH X . 
B 2 HOH 42 43 43 HOH HOH X . 
B 2 HOH 43 44 44 HOH HOH X . 
B 2 HOH 44 45 45 HOH HOH X . 
B 2 HOH 45 46 46 HOH HOH X . 
B 2 HOH 46 47 47 HOH HOH X . 
B 2 HOH 47 48 48 HOH HOH X . 
B 2 HOH 48 49 49 HOH HOH X . 
B 2 HOH 49 50 50 HOH HOH X . 
B 2 HOH 50 51 51 HOH HOH X . 
B 2 HOH 51 52 52 HOH HOH X . 
B 2 HOH 52 53 53 HOH HOH X . 
B 2 HOH 53 54 54 HOH HOH X . 
B 2 HOH 54 55 55 HOH HOH X . 
B 2 HOH 55 56 56 HOH HOH X . 
B 2 HOH 56 57 57 HOH HOH X . 
B 2 HOH 57 58 58 HOH HOH X . 
B 2 HOH 58 59 59 HOH HOH X . 
B 2 HOH 59 60 60 HOH HOH X . 
B 2 HOH 60 61 61 HOH HOH X . 
B 2 HOH 61 62 62 HOH HOH X . 
B 2 HOH 62 63 63 HOH HOH X . 
B 2 HOH 63 64 64 HOH HOH X . 
B 2 HOH 64 65 65 HOH HOH X . 
B 2 HOH 65 66 66 HOH HOH X . 
B 2 HOH 66 67 67 HOH HOH X . 
B 2 HOH 67 68 68 HOH HOH X . 
B 2 HOH 68 69 69 HOH HOH X . 
B 2 HOH 69 70 70 HOH HOH X . 
B 2 HOH 70 71 71 HOH HOH X . 
B 2 HOH 71 72 72 HOH HOH X . 
B 2 HOH 72 73 73 HOH HOH X . 
B 2 HOH 73 74 74 HOH HOH X . 
B 2 HOH 74 75 75 HOH HOH X . 
# 
loop_
_software.name 
_software.classification 
_software.version 
_software.citation_id 
_software.pdbx_ordinal 
DENZO     'data reduction' .     ? 1 
SCALEPACK 'data scaling'   .     ? 2 
AMoRE     phasing          .     ? 3 
X-PLOR    refinement       3.851 ? 4 
# 
_cell.entry_id           1WWB 
_cell.length_a           68.340 
_cell.length_b           68.340 
_cell.length_c           124.340 
_cell.angle_alpha        90.00 
_cell.angle_beta         90.00 
_cell.angle_gamma        120.00 
_cell.Z_PDB              12 
_cell.pdbx_unique_axis   ? 
# 
_symmetry.entry_id                         1WWB 
_symmetry.space_group_name_H-M             'P 64 2 2' 
_symmetry.pdbx_full_space_group_name_H-M   ? 
_symmetry.cell_setting                     ? 
_symmetry.Int_Tables_number                181 
# 
_exptl.entry_id          1WWB 
_exptl.method            'X-RAY DIFFRACTION' 
_exptl.crystals_number   1 
# 
_exptl_crystal.id                    1 
_exptl_crystal.density_meas          ? 
_exptl_crystal.density_Matthews      3.55 
_exptl_crystal.density_percent_sol   65.34 
_exptl_crystal.description           ? 
# 
_exptl_crystal_grow.crystal_id      1 
_exptl_crystal_grow.method          ? 
_exptl_crystal_grow.temp            ? 
_exptl_crystal_grow.temp_details    ? 
_exptl_crystal_grow.pH              8.5 
_exptl_crystal_grow.pdbx_details    'pH 8.5' 
_exptl_crystal_grow.pdbx_pH_range   ? 
# 
_diffrn.id                     1 
_diffrn.ambient_temp           100 
_diffrn.ambient_temp_details   ? 
_diffrn.crystal_id             1 
# 
_diffrn_detector.diffrn_id              1 
_diffrn_detector.detector               ? 
_diffrn_detector.type                   ? 
_diffrn_detector.pdbx_collection_date   1996-03-01 
_diffrn_detector.details                ? 
# 
_diffrn_radiation.diffrn_id                        1 
_diffrn_radiation.wavelength_id                    1 
_diffrn_radiation.pdbx_monochromatic_or_laue_m_l   M 
_diffrn_radiation.monochromator                    ? 
_diffrn_radiation.pdbx_diffrn_protocol             'SINGLE WAVELENGTH' 
_diffrn_radiation.pdbx_scattering_type             x-ray 
# 
_diffrn_radiation_wavelength.id           1 
_diffrn_radiation_wavelength.wavelength   0.91 
_diffrn_radiation_wavelength.wt           1.0 
# 
_diffrn_source.diffrn_id                   1 
_diffrn_source.source                      SYNCHROTRON 
_diffrn_source.type                        'CHESS BEAMLINE F1' 
_diffrn_source.pdbx_synchrotron_site       CHESS 
_diffrn_source.pdbx_synchrotron_beamline   F1 
_diffrn_source.pdbx_wavelength             0.91 
_diffrn_source.pdbx_wavelength_list        ? 
# 
_reflns.entry_id                     1WWB 
_reflns.observed_criterion_sigma_I   ? 
_reflns.observed_criterion_sigma_F   ? 
_reflns.d_resolution_low             30 
_reflns.d_resolution_high            2.1 
_reflns.number_obs                   115960 
_reflns.number_all                   ? 
_reflns.percent_possible_obs         98.7 
_reflns.pdbx_Rmerge_I_obs            0.059 
_reflns.pdbx_Rsym_value              ? 
_reflns.pdbx_netI_over_sigmaI        7.3 
_reflns.B_iso_Wilson_estimate        ? 
_reflns.pdbx_redundancy              10.9 
_reflns.R_free_details               ? 
_reflns.pdbx_diffrn_id               1 
_reflns.pdbx_ordinal                 1 
# 
_reflns_shell.d_res_high             2.1 
_reflns_shell.d_res_low              2.18 
_reflns_shell.percent_possible_all   97.3 
_reflns_shell.Rmerge_I_obs           0.019 
_reflns_shell.pdbx_Rsym_value        ? 
_reflns_shell.meanI_over_sigI_obs    ? 
_reflns_shell.pdbx_redundancy        ? 
_reflns_shell.percent_possible_obs   ? 
_reflns_shell.number_unique_all      ? 
_reflns_shell.pdbx_diffrn_id         ? 
_reflns_shell.pdbx_ordinal           1 
# 
_refine.entry_id                                 1WWB 
_refine.ls_number_reflns_obs                     10367 
_refine.ls_number_reflns_all                     ? 
_refine.pdbx_ls_sigma_I                          ? 
_refine.pdbx_ls_sigma_F                          0.2 
_refine.pdbx_data_cutoff_high_absF               10000000.00 
_refine.pdbx_data_cutoff_low_absF                0.001 
_refine.pdbx_data_cutoff_high_rms_absF           ? 
_refine.ls_d_res_low                             20.0 
_refine.ls_d_res_high                            2.1 
_refine.ls_percent_reflns_obs                    97.77 
_refine.ls_R_factor_obs                          ? 
_refine.ls_R_factor_all                          ? 
_refine.ls_R_factor_R_work                       0.247 
_refine.ls_R_factor_R_free                       0.297 
_refine.ls_R_factor_R_free_error                 0.009 
_refine.ls_R_factor_R_free_error_details         ? 
_refine.ls_percent_reflns_R_free                 9.5 
_refine.ls_number_reflns_R_free                  1018 
_refine.ls_number_parameters                     ? 
_refine.ls_number_restraints                     ? 
_refine.occupancy_min                            ? 
_refine.occupancy_max                            ? 
_refine.B_iso_mean                               ? 
_refine.aniso_B[1][1]                            ? 
_refine.aniso_B[2][2]                            ? 
_refine.aniso_B[3][3]                            ? 
_refine.aniso_B[1][2]                            ? 
_refine.aniso_B[1][3]                            ? 
_refine.aniso_B[2][3]                            ? 
_refine.solvent_model_details                    ? 
_refine.solvent_model_param_ksol                 ? 
_refine.solvent_model_param_bsol                 ? 
_refine.pdbx_ls_cross_valid_method               THROUGHOUT 
_refine.details                                  
;THE MOLECULE UNDERGOES 3D-DOMAIN SWAPPING, SUCH THAT STRAND
A OF ONE MOLECULE REPLACES THE SAME STRAND A OF A SYMMETRY
RELATED MATE
;
_refine.pdbx_starting_model                      1WWC 
_refine.pdbx_method_to_determine_struct          'MOLECULAR REPLACEMENT' 
_refine.pdbx_isotropic_thermal_model             RESTRAINED 
_refine.pdbx_stereochemistry_target_values       ? 
_refine.pdbx_stereochem_target_val_spec_case     ? 
_refine.pdbx_R_Free_selection_details            RANDOM 
_refine.pdbx_overall_ESU_R                       ? 
_refine.pdbx_overall_ESU_R_Free                  ? 
_refine.overall_SU_ML                            ? 
_refine.overall_SU_B                             ? 
_refine.ls_redundancy_reflns_obs                 ? 
_refine.pdbx_refine_id                           'X-RAY DIFFRACTION' 
_refine.pdbx_diffrn_id                           1 
_refine.pdbx_TLS_residual_ADP_flag               ? 
_refine.correlation_coeff_Fo_to_Fc               ? 
_refine.correlation_coeff_Fo_to_Fc_free          ? 
_refine.pdbx_solvent_vdw_probe_radii             ? 
_refine.pdbx_solvent_ion_probe_radii             ? 
_refine.pdbx_solvent_shrinkage_radii             ? 
_refine.pdbx_overall_phase_error                 ? 
_refine.overall_SU_R_Cruickshank_DPI             ? 
_refine.pdbx_overall_SU_R_free_Cruickshank_DPI   ? 
_refine.pdbx_overall_SU_R_Blow_DPI               ? 
_refine.pdbx_overall_SU_R_free_Blow_DPI          ? 
# 
_refine_hist.pdbx_refine_id                   'X-RAY DIFFRACTION' 
_refine_hist.cycle_id                         LAST 
_refine_hist.pdbx_number_atoms_protein        832 
_refine_hist.pdbx_number_atoms_nucleic_acid   0 
_refine_hist.pdbx_number_atoms_ligand         0 
_refine_hist.number_atoms_solvent             74 
_refine_hist.number_atoms_total               906 
_refine_hist.d_res_high                       2.1 
_refine_hist.d_res_low                        20.0 
# 
loop_
_refine_ls_restr.type 
_refine_ls_restr.dev_ideal 
_refine_ls_restr.dev_ideal_target 
_refine_ls_restr.weight 
_refine_ls_restr.number 
_refine_ls_restr.pdbx_refine_id 
_refine_ls_restr.pdbx_restraint_function 
x_bond_d                0.010 ?   ? ? 'X-RAY DIFFRACTION' ? 
x_bond_d_na             ?     ?   ? ? 'X-RAY DIFFRACTION' ? 
x_bond_d_prot           ?     ?   ? ? 'X-RAY DIFFRACTION' ? 
x_angle_d               ?     ?   ? ? 'X-RAY DIFFRACTION' ? 
x_angle_d_na            ?     ?   ? ? 'X-RAY DIFFRACTION' ? 
x_angle_d_prot          ?     ?   ? ? 'X-RAY DIFFRACTION' ? 
x_angle_deg             1.9   ?   ? ? 'X-RAY DIFFRACTION' ? 
x_angle_deg_na          ?     ?   ? ? 'X-RAY DIFFRACTION' ? 
x_angle_deg_prot        ?     ?   ? ? 'X-RAY DIFFRACTION' ? 
x_dihedral_angle_d      ?     ?   ? ? 'X-RAY DIFFRACTION' ? 
x_dihedral_angle_d_na   ?     ?   ? ? 'X-RAY DIFFRACTION' ? 
x_dihedral_angle_d_prot ?     ?   ? ? 'X-RAY DIFFRACTION' ? 
x_improper_angle_d      ?     ?   ? ? 'X-RAY DIFFRACTION' ? 
x_improper_angle_d_na   ?     ?   ? ? 'X-RAY DIFFRACTION' ? 
x_improper_angle_d_prot ?     ?   ? ? 'X-RAY DIFFRACTION' ? 
x_mcbond_it             2.835 2.0 ? ? 'X-RAY DIFFRACTION' ? 
x_mcangle_it            4.709 3.0 ? ? 'X-RAY DIFFRACTION' ? 
x_scbond_it             4.799 4.5 ? ? 'X-RAY DIFFRACTION' ? 
x_scangle_it            7.482 5.5 ? ? 'X-RAY DIFFRACTION' ? 
# 
_struct.entry_id                  1WWB 
_struct.title                     'LIGAND BINDING DOMAIN OF HUMAN TRKB RECEPTOR' 
_struct.pdbx_model_details        ? 
_struct.pdbx_CASP_flag            ? 
_struct.pdbx_model_type_details   ? 
# 
_struct_keywords.entry_id        1WWB 
_struct_keywords.pdbx_keywords   TRANSFERASE 
_struct_keywords.text            'TRK RECEPTOR, RECEPTOR TYROSINE KINASE, 3D-DOMAIN SWAPPING, TRANSFERASE' 
# 
loop_
_struct_asym.id 
_struct_asym.pdbx_blank_PDB_chainid_flag 
_struct_asym.pdbx_modified 
_struct_asym.entity_id 
_struct_asym.details 
A N N 1 ? 
B N N 2 ? 
# 
_struct_ref.id                         1 
_struct_ref.db_name                    UNP 
_struct_ref.db_code                    NTRK2_HUMAN 
_struct_ref.entity_id                  1 
_struct_ref.pdbx_db_accession          Q16620 
_struct_ref.pdbx_db_isoform            ? 
_struct_ref.pdbx_seq_one_letter_code   ? 
_struct_ref.pdbx_align_begin           ? 
# 
_struct_ref_seq.align_id                      1 
_struct_ref_seq.ref_id                        1 
_struct_ref_seq.pdbx_PDB_id_code              1WWB 
_struct_ref_seq.pdbx_strand_id                X 
_struct_ref_seq.seq_align_beg                 1 
_struct_ref_seq.pdbx_seq_align_beg_ins_code   ? 
_struct_ref_seq.seq_align_end                 103 
_struct_ref_seq.pdbx_seq_align_end_ins_code   ? 
_struct_ref_seq.pdbx_db_accession             Q16620 
_struct_ref_seq.db_align_beg                  283 
_struct_ref_seq.pdbx_db_align_beg_ins_code    ? 
_struct_ref_seq.db_align_end                  385 
_struct_ref_seq.pdbx_db_align_end_ins_code    ? 
_struct_ref_seq.pdbx_auth_seq_align_beg       283 
_struct_ref_seq.pdbx_auth_seq_align_end       385 
# 
_pdbx_struct_assembly.id                   1 
_pdbx_struct_assembly.details              author_defined_assembly 
_pdbx_struct_assembly.method_details       ? 
_pdbx_struct_assembly.oligomeric_details   monomeric 
_pdbx_struct_assembly.oligomeric_count     1 
# 
_pdbx_struct_assembly_gen.assembly_id       1 
_pdbx_struct_assembly_gen.oper_expression   1 
_pdbx_struct_assembly_gen.asym_id_list      A,B 
# 
_pdbx_struct_oper_list.id                   1 
_pdbx_struct_oper_list.type                 'identity operation' 
_pdbx_struct_oper_list.name                 1_555 
_pdbx_struct_oper_list.symmetry_operation   x,y,z 
_pdbx_struct_oper_list.matrix[1][1]         1.0000000000 
_pdbx_struct_oper_list.matrix[1][2]         0.0000000000 
_pdbx_struct_oper_list.matrix[1][3]         0.0000000000 
_pdbx_struct_oper_list.vector[1]            0.0000000000 
_pdbx_struct_oper_list.matrix[2][1]         0.0000000000 
_pdbx_struct_oper_list.matrix[2][2]         1.0000000000 
_pdbx_struct_oper_list.matrix[2][3]         0.0000000000 
_pdbx_struct_oper_list.vector[2]            0.0000000000 
_pdbx_struct_oper_list.matrix[3][1]         0.0000000000 
_pdbx_struct_oper_list.matrix[3][2]         0.0000000000 
_pdbx_struct_oper_list.matrix[3][3]         1.0000000000 
_pdbx_struct_oper_list.vector[3]            0.0000000000 
# 
_struct_biol.id   1 
# 
_struct_conf.conf_type_id            HELX_P 
_struct_conf.id                      HELX_P1 
_struct_conf.pdbx_PDB_helix_id       1 
_struct_conf.beg_label_comp_id       HIS 
_struct_conf.beg_label_asym_id       A 
_struct_conf.beg_label_seq_id        71 
_struct_conf.pdbx_beg_PDB_ins_code   ? 
_struct_conf.end_label_comp_id       ASN 
_struct_conf.end_label_asym_id       A 
_struct_conf.end_label_seq_id        73 
_struct_conf.pdbx_end_PDB_ins_code   ? 
_struct_conf.beg_auth_comp_id        HIS 
_struct_conf.beg_auth_asym_id        X 
_struct_conf.beg_auth_seq_id         353 
_struct_conf.end_auth_comp_id        ASN 
_struct_conf.end_auth_asym_id        X 
_struct_conf.end_auth_seq_id         355 
_struct_conf.pdbx_PDB_helix_class    5 
_struct_conf.details                 ? 
_struct_conf.pdbx_PDB_helix_length   3 
# 
_struct_conf_type.id          HELX_P 
_struct_conf_type.criteria    ? 
_struct_conf_type.reference   ? 
# 
_struct_conn.id                            disulf1 
_struct_conn.conn_type_id                  disulf 
_struct_conn.pdbx_leaving_atom_flag        ? 
_struct_conn.pdbx_PDB_id                   ? 
_struct_conn.ptnr1_label_asym_id           A 
_struct_conn.ptnr1_label_comp_id           CYS 
_struct_conn.ptnr1_label_seq_id            20 
_struct_conn.ptnr1_label_atom_id           SG 
_struct_conn.pdbx_ptnr1_label_alt_id       ? 
_struct_conn.pdbx_ptnr1_PDB_ins_code       ? 
_struct_conn.pdbx_ptnr1_standard_comp_id   ? 
_struct_conn.ptnr1_symmetry                1_555 
_struct_conn.ptnr2_label_asym_id           A 
_struct_conn.ptnr2_label_comp_id           CYS 
_struct_conn.ptnr2_label_seq_id            63 
_struct_conn.ptnr2_label_atom_id           SG 
_struct_conn.pdbx_ptnr2_label_alt_id       ? 
_struct_conn.pdbx_ptnr2_PDB_ins_code       ? 
_struct_conn.ptnr1_auth_asym_id            X 
_struct_conn.ptnr1_auth_comp_id            CYS 
_struct_conn.ptnr1_auth_seq_id             302 
_struct_conn.ptnr2_auth_asym_id            X 
_struct_conn.ptnr2_auth_comp_id            CYS 
_struct_conn.ptnr2_auth_seq_id             345 
_struct_conn.ptnr2_symmetry                1_555 
_struct_conn.pdbx_ptnr3_label_atom_id      ? 
_struct_conn.pdbx_ptnr3_label_seq_id       ? 
_struct_conn.pdbx_ptnr3_label_comp_id      ? 
_struct_conn.pdbx_ptnr3_label_asym_id      ? 
_struct_conn.pdbx_ptnr3_label_alt_id       ? 
_struct_conn.pdbx_ptnr3_PDB_ins_code       ? 
_struct_conn.details                       ? 
_struct_conn.pdbx_dist_value               2.044 
_struct_conn.pdbx_value_order              ? 
_struct_conn.pdbx_role                     ? 
# 
_struct_conn_type.id          disulf 
_struct_conn_type.criteria    ? 
_struct_conn_type.reference   ? 
# 
_pdbx_modification_feature.ordinal                            1 
_pdbx_modification_feature.label_comp_id                      CYS 
_pdbx_modification_feature.label_asym_id                      A 
_pdbx_modification_feature.label_seq_id                       20 
_pdbx_modification_feature.label_alt_id                       ? 
_pdbx_modification_feature.modified_residue_label_comp_id     CYS 
_pdbx_modification_feature.modified_residue_label_asym_id     A 
_pdbx_modification_feature.modified_residue_label_seq_id      63 
_pdbx_modification_feature.modified_residue_label_alt_id      ? 
_pdbx_modification_feature.auth_comp_id                       CYS 
_pdbx_modification_feature.auth_asym_id                       X 
_pdbx_modification_feature.auth_seq_id                        302 
_pdbx_modification_feature.PDB_ins_code                       ? 
_pdbx_modification_feature.symmetry                           1_555 
_pdbx_modification_feature.modified_residue_auth_comp_id      CYS 
_pdbx_modification_feature.modified_residue_auth_asym_id      X 
_pdbx_modification_feature.modified_residue_auth_seq_id       345 
_pdbx_modification_feature.modified_residue_PDB_ins_code      ? 
_pdbx_modification_feature.modified_residue_symmetry          1_555 
_pdbx_modification_feature.comp_id_linking_atom               SG 
_pdbx_modification_feature.modified_residue_id_linking_atom   SG 
_pdbx_modification_feature.modified_residue_id                . 
_pdbx_modification_feature.ref_pcm_id                         . 
_pdbx_modification_feature.ref_comp_id                        . 
_pdbx_modification_feature.type                               None 
_pdbx_modification_feature.category                           'Disulfide bridge' 
# 
_struct_mon_prot_cis.pdbx_id                1 
_struct_mon_prot_cis.label_comp_id          ASN 
_struct_mon_prot_cis.label_seq_id           28 
_struct_mon_prot_cis.label_asym_id          A 
_struct_mon_prot_cis.label_alt_id           . 
_struct_mon_prot_cis.pdbx_PDB_ins_code      ? 
_struct_mon_prot_cis.auth_comp_id           ASN 
_struct_mon_prot_cis.auth_seq_id            310 
_struct_mon_prot_cis.auth_asym_id           X 
_struct_mon_prot_cis.pdbx_label_comp_id_2   PRO 
_struct_mon_prot_cis.pdbx_label_seq_id_2    29 
_struct_mon_prot_cis.pdbx_label_asym_id_2   A 
_struct_mon_prot_cis.pdbx_PDB_ins_code_2    ? 
_struct_mon_prot_cis.pdbx_auth_comp_id_2    PRO 
_struct_mon_prot_cis.pdbx_auth_seq_id_2     311 
_struct_mon_prot_cis.pdbx_auth_asym_id_2    X 
_struct_mon_prot_cis.pdbx_PDB_model_num     1 
_struct_mon_prot_cis.pdbx_omega_angle       -0.27 
# 
loop_
_struct_sheet.id 
_struct_sheet.type 
_struct_sheet.number_strands 
_struct_sheet.details 
A ? 3 ? 
B ? 4 ? 
# 
loop_
_struct_sheet_order.sheet_id 
_struct_sheet_order.range_id_1 
_struct_sheet_order.range_id_2 
_struct_sheet_order.offset 
_struct_sheet_order.sense 
A 1 2 ? anti-parallel 
A 2 3 ? anti-parallel 
B 1 2 ? anti-parallel 
B 2 3 ? anti-parallel 
B 3 4 ? anti-parallel 
# 
loop_
_struct_sheet_range.sheet_id 
_struct_sheet_range.id 
_struct_sheet_range.beg_label_comp_id 
_struct_sheet_range.beg_label_asym_id 
_struct_sheet_range.beg_label_seq_id 
_struct_sheet_range.pdbx_beg_PDB_ins_code 
_struct_sheet_range.end_label_comp_id 
_struct_sheet_range.end_label_asym_id 
_struct_sheet_range.end_label_seq_id 
_struct_sheet_range.pdbx_end_PDB_ins_code 
_struct_sheet_range.beg_auth_comp_id 
_struct_sheet_range.beg_auth_asym_id 
_struct_sheet_range.beg_auth_seq_id 
_struct_sheet_range.end_auth_comp_id 
_struct_sheet_range.end_auth_asym_id 
_struct_sheet_range.end_auth_seq_id 
A 1 HIS A 18 ? LYS A 26 ? HIS X 300 LYS X 308 
A 2 GLU A 59 ? ASP A 67 ? GLU X 341 ASP X 349 
A 3 ILE A 48 ? THR A 55 ? ILE X 330 THR X 337 
B 1 ALA A 40 ? LEU A 42 ? ALA X 322 LEU X 324 
B 2 ALA A 32 ? TYR A 37 ? ALA X 314 TYR X 319 
B 3 GLY A 75 ? LYS A 82 ? GLY X 357 LYS X 364 
B 4 LYS A 87 ? ALA A 94 ? LYS X 369 ALA X 376 
# 
loop_
_pdbx_struct_sheet_hbond.sheet_id 
_pdbx_struct_sheet_hbond.range_id_1 
_pdbx_struct_sheet_hbond.range_id_2 
_pdbx_struct_sheet_hbond.range_1_label_atom_id 
_pdbx_struct_sheet_hbond.range_1_label_comp_id 
_pdbx_struct_sheet_hbond.range_1_label_asym_id 
_pdbx_struct_sheet_hbond.range_1_label_seq_id 
_pdbx_struct_sheet_hbond.range_1_PDB_ins_code 
_pdbx_struct_sheet_hbond.range_1_auth_atom_id 
_pdbx_struct_sheet_hbond.range_1_auth_comp_id 
_pdbx_struct_sheet_hbond.range_1_auth_asym_id 
_pdbx_struct_sheet_hbond.range_1_auth_seq_id 
_pdbx_struct_sheet_hbond.range_2_label_atom_id 
_pdbx_struct_sheet_hbond.range_2_label_comp_id 
_pdbx_struct_sheet_hbond.range_2_label_asym_id 
_pdbx_struct_sheet_hbond.range_2_label_seq_id 
_pdbx_struct_sheet_hbond.range_2_PDB_ins_code 
_pdbx_struct_sheet_hbond.range_2_auth_atom_id 
_pdbx_struct_sheet_hbond.range_2_auth_comp_id 
_pdbx_struct_sheet_hbond.range_2_auth_asym_id 
_pdbx_struct_sheet_hbond.range_2_auth_seq_id 
A 1 2 O TRP A 19 ? O TRP X 301 N LEU A 66 ? N LEU X 348 
A 2 3 O HIS A 61 ? O HIS X 343 N VAL A 54 ? N VAL X 336 
B 1 2 O ALA A 40 ? O ALA X 322 N TYR A 37 ? N TYR X 319 
B 2 3 O ALA A 32 ? O ALA X 314 N LYS A 82 ? N LYS X 364 
B 3 4 O GLY A 75 ? O GLY X 357 N ALA A 94 ? N ALA X 376 
# 
_pdbx_entry_details.entry_id                   1WWB 
_pdbx_entry_details.compound_details           ? 
_pdbx_entry_details.source_details             ? 
_pdbx_entry_details.nonpolymer_details         ? 
_pdbx_entry_details.sequence_details           ? 
_pdbx_entry_details.has_ligand_of_interest     ? 
_pdbx_entry_details.has_protein_modification   Y 
# 
_pdbx_validate_symm_contact.id                1 
_pdbx_validate_symm_contact.PDB_model_num     1 
_pdbx_validate_symm_contact.auth_atom_id_1    O 
_pdbx_validate_symm_contact.auth_asym_id_1    X 
_pdbx_validate_symm_contact.auth_comp_id_1    HOH 
_pdbx_validate_symm_contact.auth_seq_id_1     22 
_pdbx_validate_symm_contact.PDB_ins_code_1    ? 
_pdbx_validate_symm_contact.label_alt_id_1    ? 
_pdbx_validate_symm_contact.site_symmetry_1   1_555 
_pdbx_validate_symm_contact.auth_atom_id_2    O 
_pdbx_validate_symm_contact.auth_asym_id_2    X 
_pdbx_validate_symm_contact.auth_comp_id_2    HOH 
_pdbx_validate_symm_contact.auth_seq_id_2     22 
_pdbx_validate_symm_contact.PDB_ins_code_2    ? 
_pdbx_validate_symm_contact.label_alt_id_2    ? 
_pdbx_validate_symm_contact.site_symmetry_2   12_555 
_pdbx_validate_symm_contact.dist              2.19 
# 
loop_
_pdbx_validate_rmsd_angle.id 
_pdbx_validate_rmsd_angle.PDB_model_num 
_pdbx_validate_rmsd_angle.auth_atom_id_1 
_pdbx_validate_rmsd_angle.auth_asym_id_1 
_pdbx_validate_rmsd_angle.auth_comp_id_1 
_pdbx_validate_rmsd_angle.auth_seq_id_1 
_pdbx_validate_rmsd_angle.PDB_ins_code_1 
_pdbx_validate_rmsd_angle.label_alt_id_1 
_pdbx_validate_rmsd_angle.auth_atom_id_2 
_pdbx_validate_rmsd_angle.auth_asym_id_2 
_pdbx_validate_rmsd_angle.auth_comp_id_2 
_pdbx_validate_rmsd_angle.auth_seq_id_2 
_pdbx_validate_rmsd_angle.PDB_ins_code_2 
_pdbx_validate_rmsd_angle.label_alt_id_2 
_pdbx_validate_rmsd_angle.auth_atom_id_3 
_pdbx_validate_rmsd_angle.auth_asym_id_3 
_pdbx_validate_rmsd_angle.auth_comp_id_3 
_pdbx_validate_rmsd_angle.auth_seq_id_3 
_pdbx_validate_rmsd_angle.PDB_ins_code_3 
_pdbx_validate_rmsd_angle.label_alt_id_3 
_pdbx_validate_rmsd_angle.angle_value 
_pdbx_validate_rmsd_angle.angle_target_value 
_pdbx_validate_rmsd_angle.angle_deviation 
_pdbx_validate_rmsd_angle.angle_standard_deviation 
_pdbx_validate_rmsd_angle.linker_flag 
1 1 CA X CYS 345 ? ? CB X CYS 345 ? ? SG X CYS 345 ? ? 121.34 114.20 7.14   1.10 N 
2 1 N  X LEU 346 ? ? CA X LEU 346 ? ? C  X LEU 346 ? ? 93.10  111.00 -17.90 2.70 N 
# 
loop_
_pdbx_validate_torsion.id 
_pdbx_validate_torsion.PDB_model_num 
_pdbx_validate_torsion.auth_comp_id 
_pdbx_validate_torsion.auth_asym_id 
_pdbx_validate_torsion.auth_seq_id 
_pdbx_validate_torsion.PDB_ins_code 
_pdbx_validate_torsion.label_alt_id 
_pdbx_validate_torsion.phi 
_pdbx_validate_torsion.psi 
1 1 PHE X 285 ? ? -172.51 149.64  
2 1 PHE X 291 ? ? -172.88 133.64  
3 1 ASN X 310 ? ? -162.26 109.77  
4 1 ASN X 338 ? ? -111.59 -108.20 
5 1 HIS X 339 ? ? -125.33 -53.40  
6 1 ASN X 350 ? ? 39.01   62.22   
7 1 ILE X 384 ? ? -88.50  -99.50  
# 
loop_
_chem_comp_atom.comp_id 
_chem_comp_atom.atom_id 
_chem_comp_atom.type_symbol 
_chem_comp_atom.pdbx_aromatic_flag 
_chem_comp_atom.pdbx_stereo_config 
_chem_comp_atom.pdbx_ordinal 
ALA N    N N N 1   
ALA CA   C N S 2   
ALA C    C N N 3   
ALA O    O N N 4   
ALA CB   C N N 5   
ALA OXT  O N N 6   
ALA H    H N N 7   
ALA H2   H N N 8   
ALA HA   H N N 9   
ALA HB1  H N N 10  
ALA HB2  H N N 11  
ALA HB3  H N N 12  
ALA HXT  H N N 13  
ASN N    N N N 14  
ASN CA   C N S 15  
ASN C    C N N 16  
ASN O    O N N 17  
ASN CB   C N N 18  
ASN CG   C N N 19  
ASN OD1  O N N 20  
ASN ND2  N N N 21  
ASN OXT  O N N 22  
ASN H    H N N 23  
ASN H2   H N N 24  
ASN HA   H N N 25  
ASN HB2  H N N 26  
ASN HB3  H N N 27  
ASN HD21 H N N 28  
ASN HD22 H N N 29  
ASN HXT  H N N 30  
ASP N    N N N 31  
ASP CA   C N S 32  
ASP C    C N N 33  
ASP O    O N N 34  
ASP CB   C N N 35  
ASP CG   C N N 36  
ASP OD1  O N N 37  
ASP OD2  O N N 38  
ASP OXT  O N N 39  
ASP H    H N N 40  
ASP H2   H N N 41  
ASP HA   H N N 42  
ASP HB2  H N N 43  
ASP HB3  H N N 44  
ASP HD2  H N N 45  
ASP HXT  H N N 46  
CYS N    N N N 47  
CYS CA   C N R 48  
CYS C    C N N 49  
CYS O    O N N 50  
CYS CB   C N N 51  
CYS SG   S N N 52  
CYS OXT  O N N 53  
CYS H    H N N 54  
CYS H2   H N N 55  
CYS HA   H N N 56  
CYS HB2  H N N 57  
CYS HB3  H N N 58  
CYS HG   H N N 59  
CYS HXT  H N N 60  
GLN N    N N N 61  
GLN CA   C N S 62  
GLN C    C N N 63  
GLN O    O N N 64  
GLN CB   C N N 65  
GLN CG   C N N 66  
GLN CD   C N N 67  
GLN OE1  O N N 68  
GLN NE2  N N N 69  
GLN OXT  O N N 70  
GLN H    H N N 71  
GLN H2   H N N 72  
GLN HA   H N N 73  
GLN HB2  H N N 74  
GLN HB3  H N N 75  
GLN HG2  H N N 76  
GLN HG3  H N N 77  
GLN HE21 H N N 78  
GLN HE22 H N N 79  
GLN HXT  H N N 80  
GLU N    N N N 81  
GLU CA   C N S 82  
GLU C    C N N 83  
GLU O    O N N 84  
GLU CB   C N N 85  
GLU CG   C N N 86  
GLU CD   C N N 87  
GLU OE1  O N N 88  
GLU OE2  O N N 89  
GLU OXT  O N N 90  
GLU H    H N N 91  
GLU H2   H N N 92  
GLU HA   H N N 93  
GLU HB2  H N N 94  
GLU HB3  H N N 95  
GLU HG2  H N N 96  
GLU HG3  H N N 97  
GLU HE2  H N N 98  
GLU HXT  H N N 99  
GLY N    N N N 100 
GLY CA   C N N 101 
GLY C    C N N 102 
GLY O    O N N 103 
GLY OXT  O N N 104 
GLY H    H N N 105 
GLY H2   H N N 106 
GLY HA2  H N N 107 
GLY HA3  H N N 108 
GLY HXT  H N N 109 
HIS N    N N N 110 
HIS CA   C N S 111 
HIS C    C N N 112 
HIS O    O N N 113 
HIS CB   C N N 114 
HIS CG   C Y N 115 
HIS ND1  N Y N 116 
HIS CD2  C Y N 117 
HIS CE1  C Y N 118 
HIS NE2  N Y N 119 
HIS OXT  O N N 120 
HIS H    H N N 121 
HIS H2   H N N 122 
HIS HA   H N N 123 
HIS HB2  H N N 124 
HIS HB3  H N N 125 
HIS HD1  H N N 126 
HIS HD2  H N N 127 
HIS HE1  H N N 128 
HIS HE2  H N N 129 
HIS HXT  H N N 130 
HOH O    O N N 131 
HOH H1   H N N 132 
HOH H2   H N N 133 
ILE N    N N N 134 
ILE CA   C N S 135 
ILE C    C N N 136 
ILE O    O N N 137 
ILE CB   C N S 138 
ILE CG1  C N N 139 
ILE CG2  C N N 140 
ILE CD1  C N N 141 
ILE OXT  O N N 142 
ILE H    H N N 143 
ILE H2   H N N 144 
ILE HA   H N N 145 
ILE HB   H N N 146 
ILE HG12 H N N 147 
ILE HG13 H N N 148 
ILE HG21 H N N 149 
ILE HG22 H N N 150 
ILE HG23 H N N 151 
ILE HD11 H N N 152 
ILE HD12 H N N 153 
ILE HD13 H N N 154 
ILE HXT  H N N 155 
LEU N    N N N 156 
LEU CA   C N S 157 
LEU C    C N N 158 
LEU O    O N N 159 
LEU CB   C N N 160 
LEU CG   C N N 161 
LEU CD1  C N N 162 
LEU CD2  C N N 163 
LEU OXT  O N N 164 
LEU H    H N N 165 
LEU H2   H N N 166 
LEU HA   H N N 167 
LEU HB2  H N N 168 
LEU HB3  H N N 169 
LEU HG   H N N 170 
LEU HD11 H N N 171 
LEU HD12 H N N 172 
LEU HD13 H N N 173 
LEU HD21 H N N 174 
LEU HD22 H N N 175 
LEU HD23 H N N 176 
LEU HXT  H N N 177 
LYS N    N N N 178 
LYS CA   C N S 179 
LYS C    C N N 180 
LYS O    O N N 181 
LYS CB   C N N 182 
LYS CG   C N N 183 
LYS CD   C N N 184 
LYS CE   C N N 185 
LYS NZ   N N N 186 
LYS OXT  O N N 187 
LYS H    H N N 188 
LYS H2   H N N 189 
LYS HA   H N N 190 
LYS HB2  H N N 191 
LYS HB3  H N N 192 
LYS HG2  H N N 193 
LYS HG3  H N N 194 
LYS HD2  H N N 195 
LYS HD3  H N N 196 
LYS HE2  H N N 197 
LYS HE3  H N N 198 
LYS HZ1  H N N 199 
LYS HZ2  H N N 200 
LYS HZ3  H N N 201 
LYS HXT  H N N 202 
MET N    N N N 203 
MET CA   C N S 204 
MET C    C N N 205 
MET O    O N N 206 
MET CB   C N N 207 
MET CG   C N N 208 
MET SD   S N N 209 
MET CE   C N N 210 
MET OXT  O N N 211 
MET H    H N N 212 
MET H2   H N N 213 
MET HA   H N N 214 
MET HB2  H N N 215 
MET HB3  H N N 216 
MET HG2  H N N 217 
MET HG3  H N N 218 
MET HE1  H N N 219 
MET HE2  H N N 220 
MET HE3  H N N 221 
MET HXT  H N N 222 
PHE N    N N N 223 
PHE CA   C N S 224 
PHE C    C N N 225 
PHE O    O N N 226 
PHE CB   C N N 227 
PHE CG   C Y N 228 
PHE CD1  C Y N 229 
PHE CD2  C Y N 230 
PHE CE1  C Y N 231 
PHE CE2  C Y N 232 
PHE CZ   C Y N 233 
PHE OXT  O N N 234 
PHE H    H N N 235 
PHE H2   H N N 236 
PHE HA   H N N 237 
PHE HB2  H N N 238 
PHE HB3  H N N 239 
PHE HD1  H N N 240 
PHE HD2  H N N 241 
PHE HE1  H N N 242 
PHE HE2  H N N 243 
PHE HZ   H N N 244 
PHE HXT  H N N 245 
PRO N    N N N 246 
PRO CA   C N S 247 
PRO C    C N N 248 
PRO O    O N N 249 
PRO CB   C N N 250 
PRO CG   C N N 251 
PRO CD   C N N 252 
PRO OXT  O N N 253 
PRO H    H N N 254 
PRO HA   H N N 255 
PRO HB2  H N N 256 
PRO HB3  H N N 257 
PRO HG2  H N N 258 
PRO HG3  H N N 259 
PRO HD2  H N N 260 
PRO HD3  H N N 261 
PRO HXT  H N N 262 
SER N    N N N 263 
SER CA   C N S 264 
SER C    C N N 265 
SER O    O N N 266 
SER CB   C N N 267 
SER OG   O N N 268 
SER OXT  O N N 269 
SER H    H N N 270 
SER H2   H N N 271 
SER HA   H N N 272 
SER HB2  H N N 273 
SER HB3  H N N 274 
SER HG   H N N 275 
SER HXT  H N N 276 
THR N    N N N 277 
THR CA   C N S 278 
THR C    C N N 279 
THR O    O N N 280 
THR CB   C N R 281 
THR OG1  O N N 282 
THR CG2  C N N 283 
THR OXT  O N N 284 
THR H    H N N 285 
THR H2   H N N 286 
THR HA   H N N 287 
THR HB   H N N 288 
THR HG1  H N N 289 
THR HG21 H N N 290 
THR HG22 H N N 291 
THR HG23 H N N 292 
THR HXT  H N N 293 
TRP N    N N N 294 
TRP CA   C N S 295 
TRP C    C N N 296 
TRP O    O N N 297 
TRP CB   C N N 298 
TRP CG   C Y N 299 
TRP CD1  C Y N 300 
TRP CD2  C Y N 301 
TRP NE1  N Y N 302 
TRP CE2  C Y N 303 
TRP CE3  C Y N 304 
TRP CZ2  C Y N 305 
TRP CZ3  C Y N 306 
TRP CH2  C Y N 307 
TRP OXT  O N N 308 
TRP H    H N N 309 
TRP H2   H N N 310 
TRP HA   H N N 311 
TRP HB2  H N N 312 
TRP HB3  H N N 313 
TRP HD1  H N N 314 
TRP HE1  H N N 315 
TRP HE3  H N N 316 
TRP HZ2  H N N 317 
TRP HZ3  H N N 318 
TRP HH2  H N N 319 
TRP HXT  H N N 320 
TYR N    N N N 321 
TYR CA   C N S 322 
TYR C    C N N 323 
TYR O    O N N 324 
TYR CB   C N N 325 
TYR CG   C Y N 326 
TYR CD1  C Y N 327 
TYR CD2  C Y N 328 
TYR CE1  C Y N 329 
TYR CE2  C Y N 330 
TYR CZ   C Y N 331 
TYR OH   O N N 332 
TYR OXT  O N N 333 
TYR H    H N N 334 
TYR H2   H N N 335 
TYR HA   H N N 336 
TYR HB2  H N N 337 
TYR HB3  H N N 338 
TYR HD1  H N N 339 
TYR HD2  H N N 340 
TYR HE1  H N N 341 
TYR HE2  H N N 342 
TYR HH   H N N 343 
TYR HXT  H N N 344 
VAL N    N N N 345 
VAL CA   C N S 346 
VAL C    C N N 347 
VAL O    O N N 348 
VAL CB   C N N 349 
VAL CG1  C N N 350 
VAL CG2  C N N 351 
VAL OXT  O N N 352 
VAL H    H N N 353 
VAL H2   H N N 354 
VAL HA   H N N 355 
VAL HB   H N N 356 
VAL HG11 H N N 357 
VAL HG12 H N N 358 
VAL HG13 H N N 359 
VAL HG21 H N N 360 
VAL HG22 H N N 361 
VAL HG23 H N N 362 
VAL HXT  H N N 363 
# 
loop_
_chem_comp_bond.comp_id 
_chem_comp_bond.atom_id_1 
_chem_comp_bond.atom_id_2 
_chem_comp_bond.value_order 
_chem_comp_bond.pdbx_aromatic_flag 
_chem_comp_bond.pdbx_stereo_config 
_chem_comp_bond.pdbx_ordinal 
ALA N   CA   sing N N 1   
ALA N   H    sing N N 2   
ALA N   H2   sing N N 3   
ALA CA  C    sing N N 4   
ALA CA  CB   sing N N 5   
ALA CA  HA   sing N N 6   
ALA C   O    doub N N 7   
ALA C   OXT  sing N N 8   
ALA CB  HB1  sing N N 9   
ALA CB  HB2  sing N N 10  
ALA CB  HB3  sing N N 11  
ALA OXT HXT  sing N N 12  
ASN N   CA   sing N N 13  
ASN N   H    sing N N 14  
ASN N   H2   sing N N 15  
ASN CA  C    sing N N 16  
ASN CA  CB   sing N N 17  
ASN CA  HA   sing N N 18  
ASN C   O    doub N N 19  
ASN C   OXT  sing N N 20  
ASN CB  CG   sing N N 21  
ASN CB  HB2  sing N N 22  
ASN CB  HB3  sing N N 23  
ASN CG  OD1  doub N N 24  
ASN CG  ND2  sing N N 25  
ASN ND2 HD21 sing N N 26  
ASN ND2 HD22 sing N N 27  
ASN OXT HXT  sing N N 28  
ASP N   CA   sing N N 29  
ASP N   H    sing N N 30  
ASP N   H2   sing N N 31  
ASP CA  C    sing N N 32  
ASP CA  CB   sing N N 33  
ASP CA  HA   sing N N 34  
ASP C   O    doub N N 35  
ASP C   OXT  sing N N 36  
ASP CB  CG   sing N N 37  
ASP CB  HB2  sing N N 38  
ASP CB  HB3  sing N N 39  
ASP CG  OD1  doub N N 40  
ASP CG  OD2  sing N N 41  
ASP OD2 HD2  sing N N 42  
ASP OXT HXT  sing N N 43  
CYS N   CA   sing N N 44  
CYS N   H    sing N N 45  
CYS N   H2   sing N N 46  
CYS CA  C    sing N N 47  
CYS CA  CB   sing N N 48  
CYS CA  HA   sing N N 49  
CYS C   O    doub N N 50  
CYS C   OXT  sing N N 51  
CYS CB  SG   sing N N 52  
CYS CB  HB2  sing N N 53  
CYS CB  HB3  sing N N 54  
CYS SG  HG   sing N N 55  
CYS OXT HXT  sing N N 56  
GLN N   CA   sing N N 57  
GLN N   H    sing N N 58  
GLN N   H2   sing N N 59  
GLN CA  C    sing N N 60  
GLN CA  CB   sing N N 61  
GLN CA  HA   sing N N 62  
GLN C   O    doub N N 63  
GLN C   OXT  sing N N 64  
GLN CB  CG   sing N N 65  
GLN CB  HB2  sing N N 66  
GLN CB  HB3  sing N N 67  
GLN CG  CD   sing N N 68  
GLN CG  HG2  sing N N 69  
GLN CG  HG3  sing N N 70  
GLN CD  OE1  doub N N 71  
GLN CD  NE2  sing N N 72  
GLN NE2 HE21 sing N N 73  
GLN NE2 HE22 sing N N 74  
GLN OXT HXT  sing N N 75  
GLU N   CA   sing N N 76  
GLU N   H    sing N N 77  
GLU N   H2   sing N N 78  
GLU CA  C    sing N N 79  
GLU CA  CB   sing N N 80  
GLU CA  HA   sing N N 81  
GLU C   O    doub N N 82  
GLU C   OXT  sing N N 83  
GLU CB  CG   sing N N 84  
GLU CB  HB2  sing N N 85  
GLU CB  HB3  sing N N 86  
GLU CG  CD   sing N N 87  
GLU CG  HG2  sing N N 88  
GLU CG  HG3  sing N N 89  
GLU CD  OE1  doub N N 90  
GLU CD  OE2  sing N N 91  
GLU OE2 HE2  sing N N 92  
GLU OXT HXT  sing N N 93  
GLY N   CA   sing N N 94  
GLY N   H    sing N N 95  
GLY N   H2   sing N N 96  
GLY CA  C    sing N N 97  
GLY CA  HA2  sing N N 98  
GLY CA  HA3  sing N N 99  
GLY C   O    doub N N 100 
GLY C   OXT  sing N N 101 
GLY OXT HXT  sing N N 102 
HIS N   CA   sing N N 103 
HIS N   H    sing N N 104 
HIS N   H2   sing N N 105 
HIS CA  C    sing N N 106 
HIS CA  CB   sing N N 107 
HIS CA  HA   sing N N 108 
HIS C   O    doub N N 109 
HIS C   OXT  sing N N 110 
HIS CB  CG   sing N N 111 
HIS CB  HB2  sing N N 112 
HIS CB  HB3  sing N N 113 
HIS CG  ND1  sing Y N 114 
HIS CG  CD2  doub Y N 115 
HIS ND1 CE1  doub Y N 116 
HIS ND1 HD1  sing N N 117 
HIS CD2 NE2  sing Y N 118 
HIS CD2 HD2  sing N N 119 
HIS CE1 NE2  sing Y N 120 
HIS CE1 HE1  sing N N 121 
HIS NE2 HE2  sing N N 122 
HIS OXT HXT  sing N N 123 
HOH O   H1   sing N N 124 
HOH O   H2   sing N N 125 
ILE N   CA   sing N N 126 
ILE N   H    sing N N 127 
ILE N   H2   sing N N 128 
ILE CA  C    sing N N 129 
ILE CA  CB   sing N N 130 
ILE CA  HA   sing N N 131 
ILE C   O    doub N N 132 
ILE C   OXT  sing N N 133 
ILE CB  CG1  sing N N 134 
ILE CB  CG2  sing N N 135 
ILE CB  HB   sing N N 136 
ILE CG1 CD1  sing N N 137 
ILE CG1 HG12 sing N N 138 
ILE CG1 HG13 sing N N 139 
ILE CG2 HG21 sing N N 140 
ILE CG2 HG22 sing N N 141 
ILE CG2 HG23 sing N N 142 
ILE CD1 HD11 sing N N 143 
ILE CD1 HD12 sing N N 144 
ILE CD1 HD13 sing N N 145 
ILE OXT HXT  sing N N 146 
LEU N   CA   sing N N 147 
LEU N   H    sing N N 148 
LEU N   H2   sing N N 149 
LEU CA  C    sing N N 150 
LEU CA  CB   sing N N 151 
LEU CA  HA   sing N N 152 
LEU C   O    doub N N 153 
LEU C   OXT  sing N N 154 
LEU CB  CG   sing N N 155 
LEU CB  HB2  sing N N 156 
LEU CB  HB3  sing N N 157 
LEU CG  CD1  sing N N 158 
LEU CG  CD2  sing N N 159 
LEU CG  HG   sing N N 160 
LEU CD1 HD11 sing N N 161 
LEU CD1 HD12 sing N N 162 
LEU CD1 HD13 sing N N 163 
LEU CD2 HD21 sing N N 164 
LEU CD2 HD22 sing N N 165 
LEU CD2 HD23 sing N N 166 
LEU OXT HXT  sing N N 167 
LYS N   CA   sing N N 168 
LYS N   H    sing N N 169 
LYS N   H2   sing N N 170 
LYS CA  C    sing N N 171 
LYS CA  CB   sing N N 172 
LYS CA  HA   sing N N 173 
LYS C   O    doub N N 174 
LYS C   OXT  sing N N 175 
LYS CB  CG   sing N N 176 
LYS CB  HB2  sing N N 177 
LYS CB  HB3  sing N N 178 
LYS CG  CD   sing N N 179 
LYS CG  HG2  sing N N 180 
LYS CG  HG3  sing N N 181 
LYS CD  CE   sing N N 182 
LYS CD  HD2  sing N N 183 
LYS CD  HD3  sing N N 184 
LYS CE  NZ   sing N N 185 
LYS CE  HE2  sing N N 186 
LYS CE  HE3  sing N N 187 
LYS NZ  HZ1  sing N N 188 
LYS NZ  HZ2  sing N N 189 
LYS NZ  HZ3  sing N N 190 
LYS OXT HXT  sing N N 191 
MET N   CA   sing N N 192 
MET N   H    sing N N 193 
MET N   H2   sing N N 194 
MET CA  C    sing N N 195 
MET CA  CB   sing N N 196 
MET CA  HA   sing N N 197 
MET C   O    doub N N 198 
MET C   OXT  sing N N 199 
MET CB  CG   sing N N 200 
MET CB  HB2  sing N N 201 
MET CB  HB3  sing N N 202 
MET CG  SD   sing N N 203 
MET CG  HG2  sing N N 204 
MET CG  HG3  sing N N 205 
MET SD  CE   sing N N 206 
MET CE  HE1  sing N N 207 
MET CE  HE2  sing N N 208 
MET CE  HE3  sing N N 209 
MET OXT HXT  sing N N 210 
PHE N   CA   sing N N 211 
PHE N   H    sing N N 212 
PHE N   H2   sing N N 213 
PHE CA  C    sing N N 214 
PHE CA  CB   sing N N 215 
PHE CA  HA   sing N N 216 
PHE C   O    doub N N 217 
PHE C   OXT  sing N N 218 
PHE CB  CG   sing N N 219 
PHE CB  HB2  sing N N 220 
PHE CB  HB3  sing N N 221 
PHE CG  CD1  doub Y N 222 
PHE CG  CD2  sing Y N 223 
PHE CD1 CE1  sing Y N 224 
PHE CD1 HD1  sing N N 225 
PHE CD2 CE2  doub Y N 226 
PHE CD2 HD2  sing N N 227 
PHE CE1 CZ   doub Y N 228 
PHE CE1 HE1  sing N N 229 
PHE CE2 CZ   sing Y N 230 
PHE CE2 HE2  sing N N 231 
PHE CZ  HZ   sing N N 232 
PHE OXT HXT  sing N N 233 
PRO N   CA   sing N N 234 
PRO N   CD   sing N N 235 
PRO N   H    sing N N 236 
PRO CA  C    sing N N 237 
PRO CA  CB   sing N N 238 
PRO CA  HA   sing N N 239 
PRO C   O    doub N N 240 
PRO C   OXT  sing N N 241 
PRO CB  CG   sing N N 242 
PRO CB  HB2  sing N N 243 
PRO CB  HB3  sing N N 244 
PRO CG  CD   sing N N 245 
PRO CG  HG2  sing N N 246 
PRO CG  HG3  sing N N 247 
PRO CD  HD2  sing N N 248 
PRO CD  HD3  sing N N 249 
PRO OXT HXT  sing N N 250 
SER N   CA   sing N N 251 
SER N   H    sing N N 252 
SER N   H2   sing N N 253 
SER CA  C    sing N N 254 
SER CA  CB   sing N N 255 
SER CA  HA   sing N N 256 
SER C   O    doub N N 257 
SER C   OXT  sing N N 258 
SER CB  OG   sing N N 259 
SER CB  HB2  sing N N 260 
SER CB  HB3  sing N N 261 
SER OG  HG   sing N N 262 
SER OXT HXT  sing N N 263 
THR N   CA   sing N N 264 
THR N   H    sing N N 265 
THR N   H2   sing N N 266 
THR CA  C    sing N N 267 
THR CA  CB   sing N N 268 
THR CA  HA   sing N N 269 
THR C   O    doub N N 270 
THR C   OXT  sing N N 271 
THR CB  OG1  sing N N 272 
THR CB  CG2  sing N N 273 
THR CB  HB   sing N N 274 
THR OG1 HG1  sing N N 275 
THR CG2 HG21 sing N N 276 
THR CG2 HG22 sing N N 277 
THR CG2 HG23 sing N N 278 
THR OXT HXT  sing N N 279 
TRP N   CA   sing N N 280 
TRP N   H    sing N N 281 
TRP N   H2   sing N N 282 
TRP CA  C    sing N N 283 
TRP CA  CB   sing N N 284 
TRP CA  HA   sing N N 285 
TRP C   O    doub N N 286 
TRP C   OXT  sing N N 287 
TRP CB  CG   sing N N 288 
TRP CB  HB2  sing N N 289 
TRP CB  HB3  sing N N 290 
TRP CG  CD1  doub Y N 291 
TRP CG  CD2  sing Y N 292 
TRP CD1 NE1  sing Y N 293 
TRP CD1 HD1  sing N N 294 
TRP CD2 CE2  doub Y N 295 
TRP CD2 CE3  sing Y N 296 
TRP NE1 CE2  sing Y N 297 
TRP NE1 HE1  sing N N 298 
TRP CE2 CZ2  sing Y N 299 
TRP CE3 CZ3  doub Y N 300 
TRP CE3 HE3  sing N N 301 
TRP CZ2 CH2  doub Y N 302 
TRP CZ2 HZ2  sing N N 303 
TRP CZ3 CH2  sing Y N 304 
TRP CZ3 HZ3  sing N N 305 
TRP CH2 HH2  sing N N 306 
TRP OXT HXT  sing N N 307 
TYR N   CA   sing N N 308 
TYR N   H    sing N N 309 
TYR N   H2   sing N N 310 
TYR CA  C    sing N N 311 
TYR CA  CB   sing N N 312 
TYR CA  HA   sing N N 313 
TYR C   O    doub N N 314 
TYR C   OXT  sing N N 315 
TYR CB  CG   sing N N 316 
TYR CB  HB2  sing N N 317 
TYR CB  HB3  sing N N 318 
TYR CG  CD1  doub Y N 319 
TYR CG  CD2  sing Y N 320 
TYR CD1 CE1  sing Y N 321 
TYR CD1 HD1  sing N N 322 
TYR CD2 CE2  doub Y N 323 
TYR CD2 HD2  sing N N 324 
TYR CE1 CZ   doub Y N 325 
TYR CE1 HE1  sing N N 326 
TYR CE2 CZ   sing Y N 327 
TYR CE2 HE2  sing N N 328 
TYR CZ  OH   sing N N 329 
TYR OH  HH   sing N N 330 
TYR OXT HXT  sing N N 331 
VAL N   CA   sing N N 332 
VAL N   H    sing N N 333 
VAL N   H2   sing N N 334 
VAL CA  C    sing N N 335 
VAL CA  CB   sing N N 336 
VAL CA  HA   sing N N 337 
VAL C   O    doub N N 338 
VAL C   OXT  sing N N 339 
VAL CB  CG1  sing N N 340 
VAL CB  CG2  sing N N 341 
VAL CB  HB   sing N N 342 
VAL CG1 HG11 sing N N 343 
VAL CG1 HG12 sing N N 344 
VAL CG1 HG13 sing N N 345 
VAL CG2 HG21 sing N N 346 
VAL CG2 HG22 sing N N 347 
VAL CG2 HG23 sing N N 348 
VAL OXT HXT  sing N N 349 
# 
_pdbx_initial_refinement_model.id               1 
_pdbx_initial_refinement_model.entity_id_list   ? 
_pdbx_initial_refinement_model.type             'experimental model' 
_pdbx_initial_refinement_model.source_name      PDB 
_pdbx_initial_refinement_model.accession_code   1WWC 
_pdbx_initial_refinement_model.details          ? 
# 
_atom_sites.entry_id                    1WWB 
_atom_sites.fract_transf_matrix[1][1]   0.01304088 
_atom_sites.fract_transf_matrix[1][2]   0.00569068 
_atom_sites.fract_transf_matrix[1][3]   -0.00911291 
_atom_sites.fract_transf_matrix[2][1]   -0.00255277 
_atom_sites.fract_transf_matrix[2][2]   0.00592739 
_atom_sites.fract_transf_matrix[2][3]   -0.01561487 
_atom_sites.fract_transf_matrix[3][1]   -0.00113336 
_atom_sites.fract_transf_matrix[3][2]   0.00738025 
_atom_sites.fract_transf_matrix[3][3]   0.00298682 
_atom_sites.fract_transf_vector[1]      0.433598 
_atom_sites.fract_transf_vector[2]      0.311857 
_atom_sites.fract_transf_vector[3]      0.211235 
# 
loop_
_atom_type.symbol 
C 
N 
O 
S 
# 
loop_
_atom_site.group_PDB 
_atom_site.id 
_atom_site.type_symbol 
_atom_site.label_atom_id 
_atom_site.label_alt_id 
_atom_site.label_comp_id 
_atom_site.label_asym_id 
_atom_site.label_entity_id 
_atom_site.label_seq_id 
_atom_site.pdbx_PDB_ins_code 
_atom_site.Cartn_x 
_atom_site.Cartn_y 
_atom_site.Cartn_z 
_atom_site.occupancy 
_atom_site.B_iso_or_equiv 
_atom_site.pdbx_formal_charge 
_atom_site.auth_seq_id 
_atom_site.auth_comp_id 
_atom_site.auth_asym_id 
_atom_site.auth_atom_id 
_atom_site.pdbx_PDB_model_num 
ATOM   1   N N   . VAL A 1 1   ? -25.877 -10.011 -35.081 1.00 80.09  ? 283 VAL X N   1 
ATOM   2   C CA  . VAL A 1 1   ? -24.815 -10.133 -36.130 1.00 79.48  ? 283 VAL X CA  1 
ATOM   3   C C   . VAL A 1 1   ? -23.791 -9.001  -36.058 1.00 75.29  ? 283 VAL X C   1 
ATOM   4   O O   . VAL A 1 1   ? -23.392 -8.555  -34.984 1.00 74.25  ? 283 VAL X O   1 
ATOM   5   C CB  . VAL A 1 1   ? -25.414 -10.093 -37.568 1.00 83.37  ? 283 VAL X CB  1 
ATOM   6   C CG1 . VAL A 1 1   ? -24.490 -10.828 -38.543 1.00 84.78  ? 283 VAL X CG1 1 
ATOM   7   C CG2 . VAL A 1 1   ? -26.817 -10.685 -37.585 1.00 84.81  ? 283 VAL X CG2 1 
ATOM   8   N N   . HIS A 1 2   ? -23.401 -8.557  -37.248 1.00 72.45  ? 284 HIS X N   1 
ATOM   9   C CA  . HIS A 1 2   ? -22.445 -7.491  -37.498 1.00 71.41  ? 284 HIS X CA  1 
ATOM   10  C C   . HIS A 1 2   ? -23.197 -6.172  -37.721 1.00 68.97  ? 284 HIS X C   1 
ATOM   11  O O   . HIS A 1 2   ? -24.292 -6.167  -38.284 1.00 68.31  ? 284 HIS X O   1 
ATOM   12  C CB  . HIS A 1 2   ? -21.674 -7.814  -38.777 1.00 76.67  ? 284 HIS X CB  1 
ATOM   13  C CG  . HIS A 1 2   ? -20.555 -8.792  -38.597 1.00 85.74  ? 284 HIS X CG  1 
ATOM   14  N ND1 . HIS A 1 2   ? -20.500 -9.695  -37.555 1.00 89.84  ? 284 HIS X ND1 1 
ATOM   15  C CD2 . HIS A 1 2   ? -19.439 -9.001  -39.337 1.00 86.77  ? 284 HIS X CD2 1 
ATOM   16  C CE1 . HIS A 1 2   ? -19.400 -10.418 -37.661 1.00 91.91  ? 284 HIS X CE1 1 
ATOM   17  N NE2 . HIS A 1 2   ? -18.737 -10.016 -38.734 1.00 91.46  ? 284 HIS X NE2 1 
ATOM   18  N N   . PHE A 1 3   ? -22.595 -5.057  -37.311 1.00 66.66  ? 285 PHE X N   1 
ATOM   19  C CA  . PHE A 1 3   ? -23.213 -3.742  -37.490 1.00 62.28  ? 285 PHE X CA  1 
ATOM   20  C C   . PHE A 1 3   ? -22.282 -2.584  -37.117 1.00 60.26  ? 285 PHE X C   1 
ATOM   21  O O   . PHE A 1 3   ? -21.442 -2.714  -36.231 1.00 62.51  ? 285 PHE X O   1 
ATOM   22  C CB  . PHE A 1 3   ? -24.468 -3.658  -36.646 1.00 58.93  ? 285 PHE X CB  1 
ATOM   23  C CG  . PHE A 1 3   ? -24.208 -3.796  -35.188 1.00 55.70  ? 285 PHE X CG  1 
ATOM   24  C CD1 . PHE A 1 3   ? -23.869 -2.692  -34.433 1.00 56.29  ? 285 PHE X CD1 1 
ATOM   25  C CD2 . PHE A 1 3   ? -24.311 -5.029  -34.566 1.00 54.79  ? 285 PHE X CD2 1 
ATOM   26  C CE1 . PHE A 1 3   ? -23.642 -2.810  -33.079 1.00 56.32  ? 285 PHE X CE1 1 
ATOM   27  C CE2 . PHE A 1 3   ? -24.085 -5.156  -33.209 1.00 53.42  ? 285 PHE X CE2 1 
ATOM   28  C CZ  . PHE A 1 3   ? -23.755 -4.042  -32.465 1.00 53.33  ? 285 PHE X CZ  1 
ATOM   29  N N   . ALA A 1 4   ? -22.462 -1.442  -37.789 1.00 54.19  ? 286 ALA X N   1 
ATOM   30  C CA  . ALA A 1 4   ? -21.662 -0.236  -37.562 1.00 46.01  ? 286 ALA X CA  1 
ATOM   31  C C   . ALA A 1 4   ? -21.598 0.169   -36.099 1.00 42.47  ? 286 ALA X C   1 
ATOM   32  O O   . ALA A 1 4   ? -22.481 -0.149  -35.318 1.00 39.11  ? 286 ALA X O   1 
ATOM   33  C CB  . ALA A 1 4   ? -22.196 0.900   -38.394 1.00 44.15  ? 286 ALA X CB  1 
ATOM   34  N N   . PRO A 1 5   ? -20.552 0.916   -35.715 1.00 44.07  ? 287 PRO X N   1 
ATOM   35  C CA  . PRO A 1 5   ? -20.367 1.358   -34.332 1.00 45.60  ? 287 PRO X CA  1 
ATOM   36  C C   . PRO A 1 5   ? -21.206 2.516   -33.829 1.00 45.98  ? 287 PRO X C   1 
ATOM   37  O O   . PRO A 1 5   ? -21.463 3.456   -34.564 1.00 44.97  ? 287 PRO X O   1 
ATOM   38  C CB  . PRO A 1 5   ? -18.864 1.678   -34.252 1.00 42.91  ? 287 PRO X CB  1 
ATOM   39  C CG  . PRO A 1 5   ? -18.431 1.958   -35.657 1.00 38.63  ? 287 PRO X CG  1 
ATOM   40  C CD  . PRO A 1 5   ? -19.484 1.405   -36.607 1.00 38.95  ? 287 PRO X CD  1 
ATOM   41  N N   . THR A 1 6   ? -21.666 2.414   -32.581 1.00 46.12  ? 288 THR X N   1 
ATOM   42  C CA  . THR A 1 6   ? -22.384 3.511   -31.930 1.00 46.33  ? 288 THR X CA  1 
ATOM   43  C C   . THR A 1 6   ? -21.746 3.800   -30.559 1.00 41.63  ? 288 THR X C   1 
ATOM   44  O O   . THR A 1 6   ? -21.627 2.909   -29.714 1.00 39.78  ? 288 THR X O   1 
ATOM   45  C CB  . THR A 1 6   ? -23.925 3.237   -31.731 1.00 50.39  ? 288 THR X CB  1 
ATOM   46  O OG1 . THR A 1 6   ? -24.133 2.256   -30.712 1.00 55.44  ? 288 THR X OG1 1 
ATOM   47  C CG2 . THR A 1 6   ? -24.569 2.773   -33.033 1.00 51.96  ? 288 THR X CG2 1 
ATOM   48  N N   . ILE A 1 7   ? -21.305 5.039   -30.356 1.00 35.99  ? 289 ILE X N   1 
ATOM   49  C CA  . ILE A 1 7   ? -20.711 5.432   -29.087 1.00 29.76  ? 289 ILE X CA  1 
ATOM   50  C C   . ILE A 1 7   ? -21.923 5.779   -28.257 1.00 30.58  ? 289 ILE X C   1 
ATOM   51  O O   . ILE A 1 7   ? -22.489 6.848   -28.430 1.00 31.70  ? 289 ILE X O   1 
ATOM   52  C CB  . ILE A 1 7   ? -19.803 6.675   -29.232 1.00 23.42  ? 289 ILE X CB  1 
ATOM   53  C CG1 . ILE A 1 7   ? -18.567 6.319   -30.061 1.00 18.87  ? 289 ILE X CG1 1 
ATOM   54  C CG2 . ILE A 1 7   ? -19.356 7.156   -27.862 1.00 21.11  ? 289 ILE X CG2 1 
ATOM   55  C CD1 . ILE A 1 7   ? -17.712 7.525   -30.487 1.00 16.07  ? 289 ILE X CD1 1 
ATOM   56  N N   . THR A 1 8   ? -22.327 4.878   -27.367 1.00 33.06  ? 290 THR X N   1 
ATOM   57  C CA  . THR A 1 8   ? -23.513 5.095   -26.541 1.00 38.45  ? 290 THR X CA  1 
ATOM   58  C C   . THR A 1 8   ? -23.315 5.693   -25.156 1.00 42.26  ? 290 THR X C   1 
ATOM   59  O O   . THR A 1 8   ? -24.258 5.733   -24.366 1.00 46.01  ? 290 THR X O   1 
ATOM   60  C CB  . THR A 1 8   ? -24.303 3.789   -26.337 1.00 44.53  ? 290 THR X CB  1 
ATOM   61  O OG1 . THR A 1 8   ? -23.813 3.104   -25.170 1.00 46.40  ? 290 THR X OG1 1 
ATOM   62  C CG2 . THR A 1 8   ? -24.173 2.903   -27.561 1.00 46.88  ? 290 THR X CG2 1 
ATOM   63  N N   . PHE A 1 9   ? -22.094 6.111   -24.843 1.00 40.81  ? 291 PHE X N   1 
ATOM   64  C CA  . PHE A 1 9   ? -21.792 6.726   -23.553 1.00 36.46  ? 291 PHE X CA  1 
ATOM   65  C C   . PHE A 1 9   ? -20.357 7.245   -23.591 1.00 32.55  ? 291 PHE X C   1 
ATOM   66  O O   . PHE A 1 9   ? -19.448 6.566   -24.060 1.00 33.20  ? 291 PHE X O   1 
ATOM   67  C CB  . PHE A 1 9   ? -21.985 5.714   -22.402 1.00 39.06  ? 291 PHE X CB  1 
ATOM   68  C CG  . PHE A 1 9   ? -21.613 6.254   -21.032 1.00 50.63  ? 291 PHE X CG  1 
ATOM   69  C CD1 . PHE A 1 9   ? -22.401 7.221   -20.402 1.00 51.87  ? 291 PHE X CD1 1 
ATOM   70  C CD2 . PHE A 1 9   ? -20.461 5.810   -20.384 1.00 53.20  ? 291 PHE X CD2 1 
ATOM   71  C CE1 . PHE A 1 9   ? -22.046 7.740   -19.157 1.00 51.15  ? 291 PHE X CE1 1 
ATOM   72  C CE2 . PHE A 1 9   ? -20.098 6.323   -19.139 1.00 54.56  ? 291 PHE X CE2 1 
ATOM   73  C CZ  . PHE A 1 9   ? -20.894 7.291   -18.525 1.00 55.63  ? 291 PHE X CZ  1 
ATOM   74  N N   . LEU A 1 10  ? -20.178 8.473   -23.128 1.00 31.19  ? 292 LEU X N   1 
ATOM   75  C CA  . LEU A 1 10  ? -18.874 9.130   -23.066 1.00 31.22  ? 292 LEU X CA  1 
ATOM   76  C C   . LEU A 1 10  ? -19.097 10.180  -22.022 1.00 32.30  ? 292 LEU X C   1 
ATOM   77  O O   . LEU A 1 10  ? -19.870 11.093  -22.229 1.00 35.53  ? 292 LEU X O   1 
ATOM   78  C CB  . LEU A 1 10  ? -18.524 9.791   -24.392 1.00 26.76  ? 292 LEU X CB  1 
ATOM   79  C CG  . LEU A 1 10  ? -17.168 10.481  -24.462 1.00 23.05  ? 292 LEU X CG  1 
ATOM   80  C CD1 . LEU A 1 10  ? -16.060 9.464   -24.187 1.00 25.31  ? 292 LEU X CD1 1 
ATOM   81  C CD2 . LEU A 1 10  ? -16.988 11.067  -25.840 1.00 20.43  ? 292 LEU X CD2 1 
ATOM   82  N N   . GLU A 1 11  ? -18.453 10.047  -20.876 1.00 36.15  ? 293 GLU X N   1 
ATOM   83  C CA  . GLU A 1 11  ? -18.678 11.017  -19.819 1.00 41.20  ? 293 GLU X CA  1 
ATOM   84  C C   . GLU A 1 11  ? -17.429 11.725  -19.332 1.00 38.43  ? 293 GLU X C   1 
ATOM   85  O O   . GLU A 1 11  ? -16.325 11.473  -19.802 1.00 33.60  ? 293 GLU X O   1 
ATOM   86  C CB  . GLU A 1 11  ? -19.371 10.332  -18.635 1.00 52.63  ? 293 GLU X CB  1 
ATOM   87  C CG  . GLU A 1 11  ? -20.805 10.787  -18.396 1.00 68.29  ? 293 GLU X CG  1 
ATOM   88  C CD  . GLU A 1 11  ? -21.223 10.671  -16.940 1.00 79.20  ? 293 GLU X CD  1 
ATOM   89  O OE1 . GLU A 1 11  ? -21.102 9.564   -16.371 1.00 82.27  ? 293 GLU X OE1 1 
ATOM   90  O OE2 . GLU A 1 11  ? -21.677 11.686  -16.364 1.00 83.06  ? 293 GLU X OE2 1 
ATOM   91  N N   . SER A 1 12  ? -17.631 12.644  -18.394 1.00 40.32  ? 294 SER X N   1 
ATOM   92  C CA  . SER A 1 12  ? -16.529 13.377  -17.810 1.00 40.99  ? 294 SER X CA  1 
ATOM   93  C C   . SER A 1 12  ? -15.690 12.395  -16.995 1.00 37.64  ? 294 SER X C   1 
ATOM   94  O O   . SER A 1 12  ? -16.204 11.449  -16.407 1.00 35.43  ? 294 SER X O   1 
ATOM   95  C CB  . SER A 1 12  ? -17.062 14.526  -16.947 1.00 43.10  ? 294 SER X CB  1 
ATOM   96  O OG  . SER A 1 12  ? -17.125 15.736  -17.705 1.00 47.51  ? 294 SER X OG  1 
ATOM   97  N N   . PRO A 1 13  ? -14.375 12.622  -16.960 1.00 37.14  ? 295 PRO X N   1 
ATOM   98  C CA  . PRO A 1 13  ? -13.368 11.820  -16.265 1.00 31.85  ? 295 PRO X CA  1 
ATOM   99  C C   . PRO A 1 13  ? -13.580 11.584  -14.789 1.00 33.23  ? 295 PRO X C   1 
ATOM   100 O O   . PRO A 1 13  ? -14.020 12.474  -14.069 1.00 32.15  ? 295 PRO X O   1 
ATOM   101 C CB  . PRO A 1 13  ? -12.067 12.577  -16.525 1.00 30.87  ? 295 PRO X CB  1 
ATOM   102 C CG  . PRO A 1 13  ? -12.498 13.986  -16.858 1.00 34.38  ? 295 PRO X CG  1 
ATOM   103 C CD  . PRO A 1 13  ? -13.777 13.798  -17.619 1.00 36.12  ? 295 PRO X CD  1 
ATOM   104 N N   . THR A 1 14  ? -13.297 10.355  -14.358 1.00 35.06  ? 296 THR X N   1 
ATOM   105 C CA  . THR A 1 14  ? -13.368 9.981   -12.949 1.00 33.37  ? 296 THR X CA  1 
ATOM   106 C C   . THR A 1 14  ? -11.909 9.757   -12.562 1.00 31.34  ? 296 THR X C   1 
ATOM   107 O O   . THR A 1 14  ? -11.060 9.627   -13.441 1.00 27.66  ? 296 THR X O   1 
ATOM   108 C CB  . THR A 1 14  ? -14.165 8.681   -12.717 1.00 35.39  ? 296 THR X CB  1 
ATOM   109 O OG1 . THR A 1 14  ? -13.475 7.576   -13.309 1.00 39.20  ? 296 THR X OG1 1 
ATOM   110 C CG2 . THR A 1 14  ? -15.572 8.788   -13.324 1.00 39.28  ? 296 THR X CG2 1 
ATOM   111 N N   . SER A 1 15  ? -11.605 9.729   -11.269 1.00 34.97  ? 297 SER X N   1 
ATOM   112 C CA  . SER A 1 15  ? -10.219 9.532   -10.846 1.00 34.50  ? 297 SER X CA  1 
ATOM   113 C C   . SER A 1 15  ? -10.015 8.569   -9.708  1.00 31.30  ? 297 SER X C   1 
ATOM   114 O O   . SER A 1 15  ? -10.954 8.165   -9.028  1.00 28.85  ? 297 SER X O   1 
ATOM   115 C CB  . SER A 1 15  ? -9.570  10.858  -10.463 1.00 35.70  ? 297 SER X CB  1 
ATOM   116 O OG  . SER A 1 15  ? -9.799  11.162  -9.101  1.00 40.60  ? 297 SER X OG  1 
ATOM   117 N N   . ASP A 1 16  ? -8.755  8.204   -9.534  1.00 31.29  ? 298 ASP X N   1 
ATOM   118 C CA  . ASP A 1 16  ? -8.344  7.298   -8.490  1.00 37.33  ? 298 ASP X CA  1 
ATOM   119 C C   . ASP A 1 16  ? -6.959  7.739   -8.027  1.00 37.02  ? 298 ASP X C   1 
ATOM   120 O O   . ASP A 1 16  ? -6.136  8.176   -8.842  1.00 33.54  ? 298 ASP X O   1 
ATOM   121 C CB  . ASP A 1 16  ? -8.321  5.869   -9.019  1.00 44.43  ? 298 ASP X CB  1 
ATOM   122 C CG  . ASP A 1 16  ? -9.427  5.016   -8.417  1.00 56.36  ? 298 ASP X CG  1 
ATOM   123 O OD1 . ASP A 1 16  ? -10.574 5.509   -8.295  1.00 58.28  ? 298 ASP X OD1 1 
ATOM   124 O OD2 . ASP A 1 16  ? -9.146  3.851   -8.064  1.00 64.12  ? 298 ASP X OD2 1 
ATOM   125 N N   . HIS A 1 17  ? -6.734  7.657   -6.715  1.00 34.25  ? 299 HIS X N   1 
ATOM   126 C CA  . HIS A 1 17  ? -5.469  8.059   -6.118  1.00 34.61  ? 299 HIS X CA  1 
ATOM   127 C C   . HIS A 1 17  ? -4.868  6.916   -5.347  1.00 30.14  ? 299 HIS X C   1 
ATOM   128 O O   . HIS A 1 17  ? -5.421  6.440   -4.371  1.00 29.90  ? 299 HIS X O   1 
ATOM   129 C CB  . HIS A 1 17  ? -5.691  9.280   -5.232  1.00 41.40  ? 299 HIS X CB  1 
ATOM   130 C CG  . HIS A 1 17  ? -6.529  10.320  -5.895  1.00 55.54  ? 299 HIS X CG  1 
ATOM   131 N ND1 . HIS A 1 17  ? -7.841  10.555  -5.540  1.00 64.08  ? 299 HIS X ND1 1 
ATOM   132 C CD2 . HIS A 1 17  ? -6.292  11.079  -6.992  1.00 61.76  ? 299 HIS X CD2 1 
ATOM   133 C CE1 . HIS A 1 17  ? -8.378  11.409  -6.393  1.00 67.49  ? 299 HIS X CE1 1 
ATOM   134 N NE2 . HIS A 1 17  ? -7.461  11.743  -7.284  1.00 67.07  ? 299 HIS X NE2 1 
ATOM   135 N N   . HIS A 1 18  ? -3.718  6.474   -5.820  1.00 29.40  ? 300 HIS X N   1 
ATOM   136 C CA  . HIS A 1 18  ? -3.037  5.353   -5.225  1.00 30.45  ? 300 HIS X CA  1 
ATOM   137 C C   . HIS A 1 18  ? -1.791  5.846   -4.534  1.00 30.14  ? 300 HIS X C   1 
ATOM   138 O O   . HIS A 1 18  ? -1.038  6.613   -5.105  1.00 30.26  ? 300 HIS X O   1 
ATOM   139 C CB  . HIS A 1 18  ? -2.698  4.353   -6.328  1.00 33.81  ? 300 HIS X CB  1 
ATOM   140 C CG  . HIS A 1 18  ? -3.906  3.794   -7.015  1.00 44.55  ? 300 HIS X CG  1 
ATOM   141 N ND1 . HIS A 1 18  ? -4.935  3.184   -6.327  1.00 48.54  ? 300 HIS X ND1 1 
ATOM   142 C CD2 . HIS A 1 18  ? -4.275  3.783   -8.319  1.00 48.35  ? 300 HIS X CD2 1 
ATOM   143 C CE1 . HIS A 1 18  ? -5.882  2.821   -7.174  1.00 46.90  ? 300 HIS X CE1 1 
ATOM   144 N NE2 . HIS A 1 18  ? -5.506  3.176   -8.389  1.00 50.37  ? 300 HIS X NE2 1 
ATOM   145 N N   . TRP A 1 19  ? -1.600  5.413   -3.291  1.00 32.67  ? 301 TRP X N   1 
ATOM   146 C CA  . TRP A 1 19  ? -0.442  5.809   -2.494  1.00 32.30  ? 301 TRP X CA  1 
ATOM   147 C C   . TRP A 1 19  ? 0.391   4.597   -2.166  1.00 30.99  ? 301 TRP X C   1 
ATOM   148 O O   . TRP A 1 19  ? -0.134  3.507   -2.001  1.00 32.78  ? 301 TRP X O   1 
ATOM   149 C CB  . TRP A 1 19  ? -0.892  6.461   -1.187  1.00 30.03  ? 301 TRP X CB  1 
ATOM   150 C CG  . TRP A 1 19  ? -1.416  7.840   -1.373  1.00 28.30  ? 301 TRP X CG  1 
ATOM   151 C CD1 . TRP A 1 19  ? -2.624  8.188   -1.876  1.00 25.49  ? 301 TRP X CD1 1 
ATOM   152 C CD2 . TRP A 1 19  ? -0.738  9.062   -1.062  1.00 28.01  ? 301 TRP X CD2 1 
ATOM   153 N NE1 . TRP A 1 19  ? -2.748  9.553   -1.899  1.00 27.18  ? 301 TRP X NE1 1 
ATOM   154 C CE2 . TRP A 1 19  ? -1.601  10.115  -1.405  1.00 27.82  ? 301 TRP X CE2 1 
ATOM   155 C CE3 . TRP A 1 19  ? 0.511   9.370   -0.527  1.00 28.20  ? 301 TRP X CE3 1 
ATOM   156 C CZ2 . TRP A 1 19  ? -1.253  11.454  -1.230  1.00 34.30  ? 301 TRP X CZ2 1 
ATOM   157 C CZ3 . TRP A 1 19  ? 0.860   10.702  -0.354  1.00 29.04  ? 301 TRP X CZ3 1 
ATOM   158 C CH2 . TRP A 1 19  ? -0.018  11.727  -0.704  1.00 31.04  ? 301 TRP X CH2 1 
ATOM   159 N N   . CYS A 1 20  ? 1.695   4.785   -2.065  1.00 30.41  ? 302 CYS X N   1 
ATOM   160 C CA  . CYS A 1 20  ? 2.553   3.664   -1.750  1.00 32.63  ? 302 CYS X CA  1 
ATOM   161 C C   . CYS A 1 20  ? 3.583   4.039   -0.687  1.00 29.88  ? 302 CYS X C   1 
ATOM   162 O O   . CYS A 1 20  ? 4.214   5.089   -0.778  1.00 28.47  ? 302 CYS X O   1 
ATOM   163 C CB  . CYS A 1 20  ? 3.228   3.169   -3.036  1.00 38.37  ? 302 CYS X CB  1 
ATOM   164 S SG  . CYS A 1 20  ? 5.013   2.844   -2.886  1.00 58.06  ? 302 CYS X SG  1 
ATOM   165 N N   . ILE A 1 21  ? 3.693   3.214   0.358   1.00 28.48  ? 303 ILE X N   1 
ATOM   166 C CA  . ILE A 1 21  ? 4.682   3.434   1.415   1.00 24.38  ? 303 ILE X CA  1 
ATOM   167 C C   . ILE A 1 21  ? 5.788   2.495   0.983   1.00 25.12  ? 303 ILE X C   1 
ATOM   168 O O   . ILE A 1 21  ? 5.691   1.287   1.165   1.00 25.97  ? 303 ILE X O   1 
ATOM   169 C CB  . ILE A 1 21  ? 4.158   3.026   2.807   1.00 22.57  ? 303 ILE X CB  1 
ATOM   170 C CG1 . ILE A 1 21  ? 3.110   4.030   3.304   1.00 19.18  ? 303 ILE X CG1 1 
ATOM   171 C CG2 . ILE A 1 21  ? 5.295   3.037   3.796   1.00 24.44  ? 303 ILE X CG2 1 
ATOM   172 C CD1 . ILE A 1 21  ? 2.355   3.555   4.525   1.00 16.46  ? 303 ILE X CD1 1 
ATOM   173 N N   . PRO A 1 22  ? 6.854   3.042   0.387   1.00 26.53  ? 304 PRO X N   1 
ATOM   174 C CA  . PRO A 1 22  ? 8.015   2.312   -0.124  1.00 26.43  ? 304 PRO X CA  1 
ATOM   175 C C   . PRO A 1 22  ? 8.971   1.691   0.885   1.00 30.49  ? 304 PRO X C   1 
ATOM   176 O O   . PRO A 1 22  ? 9.206   2.235   1.959   1.00 32.44  ? 304 PRO X O   1 
ATOM   177 C CB  . PRO A 1 22  ? 8.696   3.330   -1.026  1.00 25.44  ? 304 PRO X CB  1 
ATOM   178 C CG  . PRO A 1 22  ? 8.313   4.654   -0.459  1.00 24.75  ? 304 PRO X CG  1 
ATOM   179 C CD  . PRO A 1 22  ? 6.995   4.500   0.219   1.00 25.11  ? 304 PRO X CD  1 
ATOM   180 N N   . PHE A 1 23  ? 9.510   0.530   0.523   1.00 32.32  ? 305 PHE X N   1 
ATOM   181 C CA  . PHE A 1 23  ? 10.428  -0.190  1.382   1.00 30.74  ? 305 PHE X CA  1 
ATOM   182 C C   . PHE A 1 23  ? 11.345  -1.151  0.632   1.00 33.67  ? 305 PHE X C   1 
ATOM   183 O O   . PHE A 1 23  ? 11.190  -1.382  -0.568  1.00 32.11  ? 305 PHE X O   1 
ATOM   184 C CB  . PHE A 1 23  ? 9.640   -0.974  2.432   1.00 29.43  ? 305 PHE X CB  1 
ATOM   185 C CG  . PHE A 1 23  ? 8.845   -2.144  1.873   1.00 34.05  ? 305 PHE X CG  1 
ATOM   186 C CD1 . PHE A 1 23  ? 9.480   -3.316  1.484   1.00 37.50  ? 305 PHE X CD1 1 
ATOM   187 C CD2 . PHE A 1 23  ? 7.457   -2.085  1.784   1.00 34.35  ? 305 PHE X CD2 1 
ATOM   188 C CE1 . PHE A 1 23  ? 8.750   -4.407  1.021   1.00 37.16  ? 305 PHE X CE1 1 
ATOM   189 C CE2 . PHE A 1 23  ? 6.719   -3.163  1.324   1.00 34.10  ? 305 PHE X CE2 1 
ATOM   190 C CZ  . PHE A 1 23  ? 7.362   -4.329  0.942   1.00 37.23  ? 305 PHE X CZ  1 
ATOM   191 N N   . THR A 1 24  ? 12.337  -1.665  1.354   1.00 33.84  ? 306 THR X N   1 
ATOM   192 C CA  . THR A 1 24  ? 13.254  -2.673  0.839   1.00 31.37  ? 306 THR X CA  1 
ATOM   193 C C   . THR A 1 24  ? 13.505  -3.599  2.021   1.00 30.99  ? 306 THR X C   1 
ATOM   194 O O   . THR A 1 24  ? 13.741  -3.144  3.136   1.00 31.91  ? 306 THR X O   1 
ATOM   195 C CB  . THR A 1 24  ? 14.611  -2.105  0.389   1.00 34.58  ? 306 THR X CB  1 
ATOM   196 O OG1 . THR A 1 24  ? 14.434  -1.233  -0.735  1.00 38.59  ? 306 THR X OG1 1 
ATOM   197 C CG2 . THR A 1 24  ? 15.528  -3.243  -0.031  1.00 38.16  ? 306 THR X CG2 1 
ATOM   198 N N   . VAL A 1 25  ? 13.431  -4.899  1.785   1.00 31.92  ? 307 VAL X N   1 
ATOM   199 C CA  . VAL A 1 25  ? 13.659  -5.893  2.830   1.00 33.47  ? 307 VAL X CA  1 
ATOM   200 C C   . VAL A 1 25  ? 14.644  -6.940  2.300   1.00 37.65  ? 307 VAL X C   1 
ATOM   201 O O   . VAL A 1 25  ? 14.719  -7.169  1.090   1.00 38.54  ? 307 VAL X O   1 
ATOM   202 C CB  . VAL A 1 25  ? 12.337  -6.582  3.233   1.00 29.98  ? 307 VAL X CB  1 
ATOM   203 C CG1 . VAL A 1 25  ? 12.591  -7.687  4.254   1.00 25.05  ? 307 VAL X CG1 1 
ATOM   204 C CG2 . VAL A 1 25  ? 11.395  -5.554  3.818   1.00 33.81  ? 307 VAL X CG2 1 
ATOM   205 N N   . LYS A 1 26  ? 15.411  -7.545  3.207   1.00 39.67  ? 308 LYS X N   1 
ATOM   206 C CA  . LYS A 1 26  ? 16.401  -8.572  2.871   1.00 34.85  ? 308 LYS X CA  1 
ATOM   207 C C   . LYS A 1 26  ? 16.258  -9.709  3.864   1.00 36.22  ? 308 LYS X C   1 
ATOM   208 O O   . LYS A 1 26  ? 16.136  -9.496  5.073   1.00 36.22  ? 308 LYS X O   1 
ATOM   209 C CB  . LYS A 1 26  ? 17.811  -8.013  2.961   1.00 35.08  ? 308 LYS X CB  1 
ATOM   210 C CG  . LYS A 1 26  ? 18.132  -6.980  1.900   1.00 41.23  ? 308 LYS X CG  1 
ATOM   211 C CD  . LYS A 1 26  ? 19.611  -6.590  1.931   1.00 50.92  ? 308 LYS X CD  1 
ATOM   212 C CE  . LYS A 1 26  ? 19.903  -5.470  0.930   1.00 58.10  ? 308 LYS X CE  1 
ATOM   213 N NZ  . LYS A 1 26  ? 21.040  -4.576  1.326   1.00 62.35  ? 308 LYS X NZ  1 
ATOM   214 N N   . GLY A 1 27  ? 16.286  -10.925 3.350   1.00 39.40  ? 309 GLY X N   1 
ATOM   215 C CA  . GLY A 1 27  ? 16.124  -12.082 4.207   1.00 44.39  ? 309 GLY X CA  1 
ATOM   216 C C   . GLY A 1 27  ? 16.238  -13.328 3.358   1.00 48.62  ? 309 GLY X C   1 
ATOM   217 O O   . GLY A 1 27  ? 16.193  -13.241 2.128   1.00 50.38  ? 309 GLY X O   1 
ATOM   218 N N   . ASN A 1 28  ? 16.390  -14.480 4.003   1.00 49.61  ? 310 ASN X N   1 
ATOM   219 C CA  . ASN A 1 28  ? 16.533  -15.747 3.292   1.00 50.80  ? 310 ASN X CA  1 
ATOM   220 C C   . ASN A 1 28  ? 16.252  -16.890 4.237   1.00 53.82  ? 310 ASN X C   1 
ATOM   221 O O   . ASN A 1 28  ? 17.043  -17.168 5.129   1.00 57.32  ? 310 ASN X O   1 
ATOM   222 C CB  . ASN A 1 28  ? 17.949  -15.881 2.770   1.00 51.33  ? 310 ASN X CB  1 
ATOM   223 C CG  . ASN A 1 28  ? 17.999  -15.960 1.277   1.00 55.94  ? 310 ASN X CG  1 
ATOM   224 O OD1 . ASN A 1 28  ? 17.841  -17.037 0.698   1.00 55.17  ? 310 ASN X OD1 1 
ATOM   225 N ND2 . ASN A 1 28  ? 18.215  -14.815 0.630   1.00 54.18  ? 310 ASN X ND2 1 
ATOM   226 N N   . PRO A 1 29  ? 15.130  -17.585 4.053   1.00 55.12  ? 311 PRO X N   1 
ATOM   227 C CA  . PRO A 1 29  ? 14.084  -17.409 3.044   1.00 58.55  ? 311 PRO X CA  1 
ATOM   228 C C   . PRO A 1 29  ? 13.445  -16.028 3.040   1.00 63.08  ? 311 PRO X C   1 
ATOM   229 O O   . PRO A 1 29  ? 13.660  -15.233 3.948   1.00 67.04  ? 311 PRO X O   1 
ATOM   230 C CB  . PRO A 1 29  ? 13.061  -18.476 3.411   1.00 59.70  ? 311 PRO X CB  1 
ATOM   231 C CG  . PRO A 1 29  ? 13.284  -18.713 4.881   1.00 57.23  ? 311 PRO X CG  1 
ATOM   232 C CD  . PRO A 1 29  ? 14.775  -18.646 5.011   1.00 56.42  ? 311 PRO X CD  1 
ATOM   233 N N   . LYS A 1 30  ? 12.649  -15.755 2.007   1.00 61.10  ? 312 LYS X N   1 
ATOM   234 C CA  . LYS A 1 30  ? 11.948  -14.484 1.895   1.00 55.11  ? 312 LYS X CA  1 
ATOM   235 C C   . LYS A 1 30  ? 11.255  -14.203 3.220   1.00 49.81  ? 312 LYS X C   1 
ATOM   236 O O   . LYS A 1 30  ? 10.678  -15.096 3.844   1.00 46.38  ? 312 LYS X O   1 
ATOM   237 C CB  . LYS A 1 30  ? 10.917  -14.549 0.768   1.00 55.80  ? 312 LYS X CB  1 
ATOM   238 C CG  . LYS A 1 30  ? 10.235  -13.226 0.478   1.00 59.01  ? 312 LYS X CG  1 
ATOM   239 C CD  . LYS A 1 30  ? 8.796   -13.425 0.018   1.00 65.38  ? 312 LYS X CD  1 
ATOM   240 C CE  . LYS A 1 30  ? 8.324   -12.259 -0.838  1.00 70.17  ? 312 LYS X CE  1 
ATOM   241 N NZ  . LYS A 1 30  ? 7.936   -12.662 -2.221  1.00 68.95  ? 312 LYS X NZ  1 
ATOM   242 N N   . PRO A 1 31  ? 11.343  -12.957 3.694   1.00 46.41  ? 313 PRO X N   1 
ATOM   243 C CA  . PRO A 1 31  ? 10.714  -12.583 4.959   1.00 42.68  ? 313 PRO X CA  1 
ATOM   244 C C   . PRO A 1 31  ? 9.224   -12.283 4.891   1.00 41.62  ? 313 PRO X C   1 
ATOM   245 O O   . PRO A 1 31  ? 8.742   -11.641 3.947   1.00 40.70  ? 313 PRO X O   1 
ATOM   246 C CB  . PRO A 1 31  ? 11.520  -11.373 5.422   1.00 40.83  ? 313 PRO X CB  1 
ATOM   247 C CG  . PRO A 1 31  ? 12.233  -10.857 4.198   1.00 43.33  ? 313 PRO X CG  1 
ATOM   248 C CD  . PRO A 1 31  ? 12.092  -11.848 3.082   1.00 44.17  ? 313 PRO X CD  1 
ATOM   249 N N   . ALA A 1 32  ? 8.507   -12.802 5.886   1.00 38.31  ? 314 ALA X N   1 
ATOM   250 C CA  . ALA A 1 32  ? 7.078   -12.586 6.055   1.00 38.23  ? 314 ALA X CA  1 
ATOM   251 C C   . ALA A 1 32  ? 6.871   -11.124 6.518   1.00 41.64  ? 314 ALA X C   1 
ATOM   252 O O   . ALA A 1 32  ? 7.351   -10.739 7.589   1.00 43.45  ? 314 ALA X O   1 
ATOM   253 C CB  . ALA A 1 32  ? 6.554   -13.545 7.102   1.00 32.89  ? 314 ALA X CB  1 
ATOM   254 N N   . LEU A 1 33  ? 6.136   -10.328 5.736   1.00 38.28  ? 315 LEU X N   1 
ATOM   255 C CA  . LEU A 1 33  ? 5.929   -8.917  6.061   1.00 30.88  ? 315 LEU X CA  1 
ATOM   256 C C   . LEU A 1 33  ? 4.627   -8.627  6.753   1.00 31.25  ? 315 LEU X C   1 
ATOM   257 O O   . LEU A 1 33  ? 3.575   -8.899  6.201   1.00 39.44  ? 315 LEU X O   1 
ATOM   258 C CB  . LEU A 1 33  ? 5.992   -8.071  4.791   1.00 26.00  ? 315 LEU X CB  1 
ATOM   259 C CG  . LEU A 1 33  ? 7.246   -8.243  3.935   1.00 22.25  ? 315 LEU X CG  1 
ATOM   260 C CD1 . LEU A 1 33  ? 7.215   -7.266  2.779   1.00 26.57  ? 315 LEU X CD1 1 
ATOM   261 C CD2 . LEU A 1 33  ? 8.480   -7.987  4.798   1.00 23.10  ? 315 LEU X CD2 1 
ATOM   262 N N   . GLN A 1 34  ? 4.689   -8.062  7.954   1.00 29.03  ? 316 GLN X N   1 
ATOM   263 C CA  . GLN A 1 34  ? 3.473   -7.714  8.688   1.00 27.51  ? 316 GLN X CA  1 
ATOM   264 C C   . GLN A 1 34  ? 3.519   -6.227  9.001   1.00 29.25  ? 316 GLN X C   1 
ATOM   265 O O   . GLN A 1 34  ? 4.564   -5.703  9.374   1.00 32.05  ? 316 GLN X O   1 
ATOM   266 C CB  . GLN A 1 34  ? 3.351   -8.534  9.979   1.00 27.40  ? 316 GLN X CB  1 
ATOM   267 C CG  . GLN A 1 34  ? 2.204   -8.129  10.914  1.00 32.88  ? 316 GLN X CG  1 
ATOM   268 C CD  . GLN A 1 34  ? 0.792   -8.457  10.391  1.00 41.04  ? 316 GLN X CD  1 
ATOM   269 O OE1 . GLN A 1 34  ? 0.553   -9.494  9.760   1.00 47.37  ? 316 GLN X OE1 1 
ATOM   270 N NE2 . GLN A 1 34  ? -0.153  -7.566  10.674  1.00 41.18  ? 316 GLN X NE2 1 
ATOM   271 N N   . TRP A 1 35  ? 2.394   -5.541  8.810   1.00 25.45  ? 317 TRP X N   1 
ATOM   272 C CA  . TRP A 1 35  ? 2.318   -4.110  9.080   1.00 20.92  ? 317 TRP X CA  1 
ATOM   273 C C   . TRP A 1 35  ? 1.456   -3.835  10.282  1.00 20.57  ? 317 TRP X C   1 
ATOM   274 O O   . TRP A 1 35  ? 0.571   -4.615  10.592  1.00 22.68  ? 317 TRP X O   1 
ATOM   275 C CB  . TRP A 1 35  ? 1.708   -3.363  7.893   1.00 20.62  ? 317 TRP X CB  1 
ATOM   276 C CG  . TRP A 1 35  ? 2.581   -3.331  6.680   1.00 20.18  ? 317 TRP X CG  1 
ATOM   277 C CD1 . TRP A 1 35  ? 2.664   -4.271  5.699   1.00 18.03  ? 317 TRP X CD1 1 
ATOM   278 C CD2 . TRP A 1 35  ? 3.478   -2.289  6.321   1.00 16.98  ? 317 TRP X CD2 1 
ATOM   279 N NE1 . TRP A 1 35  ? 3.562   -3.871  4.744   1.00 19.07  ? 317 TRP X NE1 1 
ATOM   280 C CE2 . TRP A 1 35  ? 4.077   -2.654  5.099   1.00 17.12  ? 317 TRP X CE2 1 
ATOM   281 C CE3 . TRP A 1 35  ? 3.838   -1.073  6.899   1.00 18.45  ? 317 TRP X CE3 1 
ATOM   282 C CZ2 . TRP A 1 35  ? 5.014   -1.855  4.458   1.00 20.69  ? 317 TRP X CZ2 1 
ATOM   283 C CZ3 . TRP A 1 35  ? 4.767   -0.277  6.263   1.00 19.42  ? 317 TRP X CZ3 1 
ATOM   284 C CH2 . TRP A 1 35  ? 5.345   -0.668  5.053   1.00 19.52  ? 317 TRP X CH2 1 
ATOM   285 N N   . PHE A 1 36  ? 1.726   -2.724  10.960  1.00 22.01  ? 318 PHE X N   1 
ATOM   286 C CA  . PHE A 1 36  ? 0.931   -2.271  12.105  1.00 21.60  ? 318 PHE X CA  1 
ATOM   287 C C   . PHE A 1 36  ? 0.660   -0.798  11.834  1.00 21.98  ? 318 PHE X C   1 
ATOM   288 O O   . PHE A 1 36  ? 1.452   -0.128  11.171  1.00 21.09  ? 318 PHE X O   1 
ATOM   289 C CB  . PHE A 1 36  ? 1.692   -2.384  13.433  1.00 20.73  ? 318 PHE X CB  1 
ATOM   290 C CG  . PHE A 1 36  ? 2.026   -3.784  13.820  1.00 25.45  ? 318 PHE X CG  1 
ATOM   291 C CD1 . PHE A 1 36  ? 3.084   -4.445  13.223  1.00 29.36  ? 318 PHE X CD1 1 
ATOM   292 C CD2 . PHE A 1 36  ? 1.285   -4.448  14.781  1.00 28.86  ? 318 PHE X CD2 1 
ATOM   293 C CE1 . PHE A 1 36  ? 3.404   -5.752  13.575  1.00 29.85  ? 318 PHE X CE1 1 
ATOM   294 C CE2 . PHE A 1 36  ? 1.601   -5.763  15.143  1.00 28.59  ? 318 PHE X CE2 1 
ATOM   295 C CZ  . PHE A 1 36  ? 2.660   -6.410  14.538  1.00 30.00  ? 318 PHE X CZ  1 
ATOM   296 N N   . TYR A 1 37  ? -0.467  -0.308  12.330  1.00 23.23  ? 319 TYR X N   1 
ATOM   297 C CA  . TYR A 1 37  ? -0.833  1.079   12.167  1.00 23.53  ? 319 TYR X CA  1 
ATOM   298 C C   . TYR A 1 37  ? -1.171  1.549   13.567  1.00 26.47  ? 319 TYR X C   1 
ATOM   299 O O   . TYR A 1 37  ? -2.028  0.971   14.216  1.00 29.64  ? 319 TYR X O   1 
ATOM   300 C CB  . TYR A 1 37  ? -2.041  1.197   11.253  1.00 22.28  ? 319 TYR X CB  1 
ATOM   301 C CG  . TYR A 1 37  ? -2.687  2.562   11.263  1.00 23.57  ? 319 TYR X CG  1 
ATOM   302 C CD1 . TYR A 1 37  ? -2.073  3.659   10.655  1.00 18.89  ? 319 TYR X CD1 1 
ATOM   303 C CD2 . TYR A 1 37  ? -3.917  2.757   11.887  1.00 25.79  ? 319 TYR X CD2 1 
ATOM   304 C CE1 . TYR A 1 37  ? -2.659  4.916   10.693  1.00 19.72  ? 319 TYR X CE1 1 
ATOM   305 C CE2 . TYR A 1 37  ? -4.510  3.997   11.930  1.00 26.53  ? 319 TYR X CE2 1 
ATOM   306 C CZ  . TYR A 1 37  ? -3.882  5.074   11.326  1.00 23.89  ? 319 TYR X CZ  1 
ATOM   307 O OH  . TYR A 1 37  ? -4.473  6.309   11.391  1.00 28.57  ? 319 TYR X OH  1 
ATOM   308 N N   . ASN A 1 38  ? -0.485  2.594   14.021  1.00 28.91  ? 320 ASN X N   1 
ATOM   309 C CA  . ASN A 1 38  ? -0.658  3.136   15.365  1.00 30.42  ? 320 ASN X CA  1 
ATOM   310 C C   . ASN A 1 38  ? -0.730  2.036   16.405  1.00 34.53  ? 320 ASN X C   1 
ATOM   311 O O   . ASN A 1 38  ? -1.675  1.946   17.197  1.00 34.69  ? 320 ASN X O   1 
ATOM   312 C CB  . ASN A 1 38  ? -1.876  4.048   15.445  1.00 26.99  ? 320 ASN X CB  1 
ATOM   313 C CG  . ASN A 1 38  ? -1.650  5.352   14.706  1.00 29.83  ? 320 ASN X CG  1 
ATOM   314 O OD1 . ASN A 1 38  ? -0.588  5.555   14.121  1.00 33.36  ? 320 ASN X OD1 1 
ATOM   315 N ND2 . ASN A 1 38  ? -2.636  6.236   14.720  1.00 29.49  ? 320 ASN X ND2 1 
ATOM   316 N N   . GLY A 1 39  ? 0.291   1.184   16.368  1.00 35.15  ? 321 GLY X N   1 
ATOM   317 C CA  . GLY A 1 39  ? 0.404   0.097   17.314  1.00 36.14  ? 321 GLY X CA  1 
ATOM   318 C C   . GLY A 1 39  ? -0.474  -1.121  17.101  1.00 40.87  ? 321 GLY X C   1 
ATOM   319 O O   . GLY A 1 39  ? -0.211  -2.173  17.689  1.00 41.43  ? 321 GLY X O   1 
ATOM   320 N N   . ALA A 1 40  ? -1.508  -1.011  16.268  1.00 42.91  ? 322 ALA X N   1 
ATOM   321 C CA  . ALA A 1 40  ? -2.397  -2.155  16.037  1.00 40.14  ? 322 ALA X CA  1 
ATOM   322 C C   . ALA A 1 40  ? -2.109  -2.840  14.724  1.00 37.02  ? 322 ALA X C   1 
ATOM   323 O O   . ALA A 1 40  ? -1.814  -2.182  13.733  1.00 35.46  ? 322 ALA X O   1 
ATOM   324 C CB  . ALA A 1 40  ? -3.853  -1.711  16.065  1.00 37.34  ? 322 ALA X CB  1 
ATOM   325 N N   . ILE A 1 41  ? -2.205  -4.166  14.729  1.00 36.15  ? 323 ILE X N   1 
ATOM   326 C CA  . ILE A 1 41  ? -1.977  -4.952  13.525  1.00 35.94  ? 323 ILE X CA  1 
ATOM   327 C C   . ILE A 1 41  ? -2.817  -4.373  12.406  1.00 30.84  ? 323 ILE X C   1 
ATOM   328 O O   . ILE A 1 41  ? -3.960  -3.966  12.607  1.00 28.70  ? 323 ILE X O   1 
ATOM   329 C CB  . ILE A 1 41  ? -2.413  -6.420  13.687  1.00 41.96  ? 323 ILE X CB  1 
ATOM   330 C CG1 . ILE A 1 41  ? -3.927  -6.470  13.936  1.00 52.71  ? 323 ILE X CG1 1 
ATOM   331 C CG2 . ILE A 1 41  ? -1.624  -7.087  14.800  1.00 48.23  ? 323 ILE X CG2 1 
ATOM   332 C CD1 . ILE A 1 41  ? -4.432  -7.689  14.698  1.00 64.34  ? 323 ILE X CD1 1 
ATOM   333 N N   . LEU A 1 42  ? -2.237  -4.341  11.220  1.00 30.63  ? 324 LEU X N   1 
ATOM   334 C CA  . LEU A 1 42  ? -2.924  -3.829  10.054  1.00 30.64  ? 324 LEU X CA  1 
ATOM   335 C C   . LEU A 1 42  ? -3.254  -5.049  9.215   1.00 29.91  ? 324 LEU X C   1 
ATOM   336 O O   . LEU A 1 42  ? -2.363  -5.698  8.661   1.00 25.60  ? 324 LEU X O   1 
ATOM   337 C CB  . LEU A 1 42  ? -2.003  -2.873  9.293   1.00 28.09  ? 324 LEU X CB  1 
ATOM   338 C CG  . LEU A 1 42  ? -2.500  -2.262  7.993   1.00 26.15  ? 324 LEU X CG  1 
ATOM   339 C CD1 . LEU A 1 42  ? -3.852  -1.623  8.203   1.00 28.97  ? 324 LEU X CD1 1 
ATOM   340 C CD2 . LEU A 1 42  ? -1.491  -1.229  7.536   1.00 24.61  ? 324 LEU X CD2 1 
ATOM   341 N N   . ASN A 1 43  ? -4.534  -5.383  9.167   1.00 33.74  ? 325 ASN X N   1 
ATOM   342 C CA  . ASN A 1 43  ? -4.980  -6.524  8.388   1.00 40.45  ? 325 ASN X CA  1 
ATOM   343 C C   . ASN A 1 43  ? -5.129  -6.092  6.926   1.00 37.48  ? 325 ASN X C   1 
ATOM   344 O O   . ASN A 1 43  ? -5.912  -5.205  6.621   1.00 35.54  ? 325 ASN X O   1 
ATOM   345 C CB  . ASN A 1 43  ? -6.307  -7.040  8.967   1.00 43.79  ? 325 ASN X CB  1 
ATOM   346 C CG  . ASN A 1 43  ? -6.122  -7.733  10.304  1.00 44.03  ? 325 ASN X CG  1 
ATOM   347 O OD1 . ASN A 1 43  ? -5.117  -8.407  10.532  1.00 44.40  ? 325 ASN X OD1 1 
ATOM   348 N ND2 . ASN A 1 43  ? -7.094  -7.571  11.195  1.00 45.66  ? 325 ASN X ND2 1 
ATOM   349 N N   . GLU A 1 44  ? -4.351  -6.704  6.037   1.00 36.01  ? 326 GLU X N   1 
ATOM   350 C CA  . GLU A 1 44  ? -4.380  -6.365  4.621   1.00 34.70  ? 326 GLU X CA  1 
ATOM   351 C C   . GLU A 1 44  ? -5.732  -6.646  4.001   1.00 36.29  ? 326 GLU X C   1 
ATOM   352 O O   . GLU A 1 44  ? -6.441  -7.563  4.411   1.00 37.19  ? 326 GLU X O   1 
ATOM   353 C CB  . GLU A 1 44  ? -3.273  -7.117  3.899   1.00 35.89  ? 326 GLU X CB  1 
ATOM   354 C CG  . GLU A 1 44  ? -1.946  -7.025  4.647   1.00 45.31  ? 326 GLU X CG  1 
ATOM   355 C CD  . GLU A 1 44  ? -0.754  -6.921  3.734   1.00 50.45  ? 326 GLU X CD  1 
ATOM   356 O OE1 . GLU A 1 44  ? -0.874  -7.314  2.557   1.00 48.87  ? 326 GLU X OE1 1 
ATOM   357 O OE2 . GLU A 1 44  ? 0.307   -6.449  4.199   1.00 54.88  ? 326 GLU X OE2 1 
ATOM   358 N N   . SER A 1 45  ? -6.085  -5.845  3.004   1.00 33.84  ? 327 SER X N   1 
ATOM   359 C CA  . SER A 1 45  ? -7.374  -5.977  2.351   1.00 30.79  ? 327 SER X CA  1 
ATOM   360 C C   . SER A 1 45  ? -7.362  -5.508  0.907   1.00 27.66  ? 327 SER X C   1 
ATOM   361 O O   . SER A 1 45  ? -6.319  -5.240  0.327   1.00 26.33  ? 327 SER X O   1 
ATOM   362 C CB  . SER A 1 45  ? -8.411  -5.161  3.112   1.00 27.57  ? 327 SER X CB  1 
ATOM   363 O OG  . SER A 1 45  ? -8.264  -3.775  2.837   1.00 24.39  ? 327 SER X OG  1 
ATOM   364 N N   . LYS A 1 46  ? -8.550  -5.435  0.330   1.00 28.42  ? 328 LYS X N   1 
ATOM   365 C CA  . LYS A 1 46  ? -8.704  -4.976  -1.030  1.00 28.98  ? 328 LYS X CA  1 
ATOM   366 C C   . LYS A 1 46  ? -8.367  -3.487  -1.208  1.00 27.92  ? 328 LYS X C   1 
ATOM   367 O O   . LYS A 1 46  ? -8.215  -3.032  -2.333  1.00 29.33  ? 328 LYS X O   1 
ATOM   368 C CB  . LYS A 1 46  ? -10.129 -5.279  -1.495  1.00 32.33  ? 328 LYS X CB  1 
ATOM   369 C CG  . LYS A 1 46  ? -11.240 -4.642  -0.674  1.00 30.25  ? 328 LYS X CG  1 
ATOM   370 C CD  . LYS A 1 46  ? -12.322 -4.176  -1.626  1.00 38.38  ? 328 LYS X CD  1 
ATOM   371 C CE  . LYS A 1 46  ? -13.718 -4.407  -1.086  1.00 44.30  ? 328 LYS X CE  1 
ATOM   372 N NZ  . LYS A 1 46  ? -14.720 -4.241  -2.185  1.00 45.67  ? 328 LYS X NZ  1 
ATOM   373 N N   . TYR A 1 47  ? -8.259  -2.726  -0.113  1.00 31.48  ? 329 TYR X N   1 
ATOM   374 C CA  . TYR A 1 47  ? -7.898  -1.292  -0.193  1.00 28.74  ? 329 TYR X CA  1 
ATOM   375 C C   . TYR A 1 47  ? -6.482  -0.995  0.284   1.00 26.02  ? 329 TYR X C   1 
ATOM   376 O O   . TYR A 1 47  ? -5.951  0.075   0.008   1.00 27.20  ? 329 TYR X O   1 
ATOM   377 C CB  . TYR A 1 47  ? -8.808  -0.407  0.666   1.00 29.74  ? 329 TYR X CB  1 
ATOM   378 C CG  . TYR A 1 47  ? -10.285 -0.624  0.489   1.00 38.08  ? 329 TYR X CG  1 
ATOM   379 C CD1 . TYR A 1 47  ? -10.943 -0.167  -0.646  1.00 38.09  ? 329 TYR X CD1 1 
ATOM   380 C CD2 . TYR A 1 47  ? -11.024 -1.309  1.451   1.00 39.80  ? 329 TYR X CD2 1 
ATOM   381 C CE1 . TYR A 1 47  ? -12.296 -0.392  -0.818  1.00 39.77  ? 329 TYR X CE1 1 
ATOM   382 C CE2 . TYR A 1 47  ? -12.369 -1.538  1.285   1.00 41.53  ? 329 TYR X CE2 1 
ATOM   383 C CZ  . TYR A 1 47  ? -12.996 -1.076  0.147   1.00 43.69  ? 329 TYR X CZ  1 
ATOM   384 O OH  . TYR A 1 47  ? -14.329 -1.303  -0.051  1.00 53.42  ? 329 TYR X OH  1 
ATOM   385 N N   . ILE A 1 48  ? -5.879  -1.914  1.026   1.00 21.76  ? 330 ILE X N   1 
ATOM   386 C CA  . ILE A 1 48  ? -4.538  -1.686  1.552   1.00 19.64  ? 330 ILE X CA  1 
ATOM   387 C C   . ILE A 1 48  ? -3.801  -2.990  1.589   1.00 18.23  ? 330 ILE X C   1 
ATOM   388 O O   . ILE A 1 48  ? -4.223  -3.903  2.277   1.00 21.03  ? 330 ILE X O   1 
ATOM   389 C CB  . ILE A 1 48  ? -4.583  -1.144  2.991   1.00 19.79  ? 330 ILE X CB  1 
ATOM   390 C CG1 . ILE A 1 48  ? -5.316  0.200   3.018   1.00 19.70  ? 330 ILE X CG1 1 
ATOM   391 C CG2 . ILE A 1 48  ? -3.169  -0.983  3.522   1.00 20.86  ? 330 ILE X CG2 1 
ATOM   392 C CD1 . ILE A 1 48  ? -5.688  0.677   4.407   1.00 21.30  ? 330 ILE X CD1 1 
ATOM   393 N N   . CYS A 1 49  ? -2.710  -3.097  0.843   1.00 20.82  ? 331 CYS X N   1 
ATOM   394 C CA  . CYS A 1 49  ? -1.945  -4.341  0.837   1.00 22.82  ? 331 CYS X CA  1 
ATOM   395 C C   . CYS A 1 49  ? -0.487  -4.162  0.443   1.00 21.53  ? 331 CYS X C   1 
ATOM   396 O O   . CYS A 1 49  ? -0.114  -3.162  -0.168  1.00 19.17  ? 331 CYS X O   1 
ATOM   397 C CB  . CYS A 1 49  ? -2.584  -5.345  -0.129  1.00 26.84  ? 331 CYS X CB  1 
ATOM   398 S SG  . CYS A 1 49  ? -2.609  -4.793  -1.840  1.00 36.64  ? 331 CYS X SG  1 
ATOM   399 N N   . THR A 1 50  ? 0.325   -5.154  0.800   1.00 23.95  ? 332 THR X N   1 
ATOM   400 C CA  . THR A 1 50  ? 1.751   -5.146  0.471   1.00 28.45  ? 332 THR X CA  1 
ATOM   401 C C   . THR A 1 50  ? 1.935   -5.720  -0.941  1.00 31.82  ? 332 THR X C   1 
ATOM   402 O O   . THR A 1 50  ? 1.307   -6.715  -1.292  1.00 33.80  ? 332 THR X O   1 
ATOM   403 C CB  . THR A 1 50  ? 2.595   -6.048  1.433   1.00 25.69  ? 332 THR X CB  1 
ATOM   404 O OG1 . THR A 1 50  ? 2.322   -5.723  2.798   1.00 22.44  ? 332 THR X OG1 1 
ATOM   405 C CG2 . THR A 1 50  ? 4.084   -5.840  1.164   1.00 26.62  ? 332 THR X CG2 1 
ATOM   406 N N   . LYS A 1 51  ? 2.765   -5.072  -1.753  1.00 29.92  ? 333 LYS X N   1 
ATOM   407 C CA  . LYS A 1 51  ? 3.071   -5.555  -3.092  1.00 27.84  ? 333 LYS X CA  1 
ATOM   408 C C   . LYS A 1 51  ? 4.573   -5.508  -3.229  1.00 28.62  ? 333 LYS X C   1 
ATOM   409 O O   . LYS A 1 51  ? 5.189   -4.500  -2.915  1.00 31.05  ? 333 LYS X O   1 
ATOM   410 C CB  . LYS A 1 51  ? 2.502   -4.648  -4.188  1.00 29.88  ? 333 LYS X CB  1 
ATOM   411 C CG  . LYS A 1 51  ? 1.063   -4.213  -4.017  1.00 45.38  ? 333 LYS X CG  1 
ATOM   412 C CD  . LYS A 1 51  ? 0.098   -5.382  -4.254  1.00 56.60  ? 333 LYS X CD  1 
ATOM   413 C CE  . LYS A 1 51  ? -0.959  -5.054  -5.314  1.00 61.24  ? 333 LYS X CE  1 
ATOM   414 N NZ  . LYS A 1 51  ? -1.385  -3.621  -5.291  1.00 67.22  ? 333 LYS X NZ  1 
ATOM   415 N N   . ILE A 1 52  ? 5.172   -6.601  -3.663  1.00 30.23  ? 334 ILE X N   1 
ATOM   416 C CA  . ILE A 1 52  ? 6.607   -6.625  -3.909  1.00 32.21  ? 334 ILE X CA  1 
ATOM   417 C C   . ILE A 1 52  ? 6.701   -6.373  -5.419  1.00 34.34  ? 334 ILE X C   1 
ATOM   418 O O   . ILE A 1 52  ? 6.243   -7.196  -6.200  1.00 37.72  ? 334 ILE X O   1 
ATOM   419 C CB  . ILE A 1 52  ? 7.209   -8.015  -3.583  1.00 31.02  ? 334 ILE X CB  1 
ATOM   420 C CG1 . ILE A 1 52  ? 7.237   -8.259  -2.066  1.00 31.23  ? 334 ILE X CG1 1 
ATOM   421 C CG2 . ILE A 1 52  ? 8.597   -8.103  -4.134  1.00 25.58  ? 334 ILE X CG2 1 
ATOM   422 C CD1 . ILE A 1 52  ? 7.837   -7.118  -1.271  1.00 27.48  ? 334 ILE X CD1 1 
ATOM   423 N N   . HIS A 1 53  ? 7.269   -5.243  -5.828  1.00 35.42  ? 335 HIS X N   1 
ATOM   424 C CA  . HIS A 1 53  ? 7.389   -4.902  -7.242  1.00 37.45  ? 335 HIS X CA  1 
ATOM   425 C C   . HIS A 1 53  ? 8.693   -5.319  -7.901  1.00 41.29  ? 335 HIS X C   1 
ATOM   426 O O   . HIS A 1 53  ? 8.690   -5.779  -9.039  1.00 42.97  ? 335 HIS X O   1 
ATOM   427 C CB  . HIS A 1 53  ? 7.227   -3.396  -7.434  1.00 41.16  ? 335 HIS X CB  1 
ATOM   428 C CG  . HIS A 1 53  ? 5.876   -2.885  -7.058  1.00 48.02  ? 335 HIS X CG  1 
ATOM   429 N ND1 . HIS A 1 53  ? 5.694   -1.784  -6.246  1.00 49.36  ? 335 HIS X ND1 1 
ATOM   430 C CD2 . HIS A 1 53  ? 4.636   -3.324  -7.377  1.00 50.75  ? 335 HIS X CD2 1 
ATOM   431 C CE1 . HIS A 1 53  ? 4.397   -1.569  -6.085  1.00 52.63  ? 335 HIS X CE1 1 
ATOM   432 N NE2 . HIS A 1 53  ? 3.738   -2.490  -6.760  1.00 50.41  ? 335 HIS X NE2 1 
ATOM   433 N N   . VAL A 1 54  ? 9.813   -5.130  -7.210  1.00 42.33  ? 336 VAL X N   1 
ATOM   434 C CA  . VAL A 1 54  ? 11.101  -5.488  -7.782  1.00 43.27  ? 336 VAL X CA  1 
ATOM   435 C C   . VAL A 1 54  ? 11.812  -6.480  -6.896  1.00 44.18  ? 336 VAL X C   1 
ATOM   436 O O   . VAL A 1 54  ? 11.971  -6.270  -5.701  1.00 44.39  ? 336 VAL X O   1 
ATOM   437 C CB  . VAL A 1 54  ? 12.001  -4.260  -7.996  1.00 46.56  ? 336 VAL X CB  1 
ATOM   438 C CG1 . VAL A 1 54  ? 13.282  -4.683  -8.718  1.00 49.05  ? 336 VAL X CG1 1 
ATOM   439 C CG2 . VAL A 1 54  ? 11.256  -3.200  -8.812  1.00 47.90  ? 336 VAL X CG2 1 
ATOM   440 N N   . THR A 1 55  ? 12.232  -7.573  -7.508  1.00 48.49  ? 337 THR X N   1 
ATOM   441 C CA  . THR A 1 55  ? 12.894  -8.649  -6.807  1.00 52.96  ? 337 THR X CA  1 
ATOM   442 C C   . THR A 1 55  ? 14.317  -8.834  -7.298  1.00 56.00  ? 337 THR X C   1 
ATOM   443 O O   . THR A 1 55  ? 14.586  -8.736  -8.494  1.00 55.20  ? 337 THR X O   1 
ATOM   444 C CB  . THR A 1 55  ? 12.143  -9.966  -7.044  1.00 56.12  ? 337 THR X CB  1 
ATOM   445 O OG1 . THR A 1 55  ? 10.993  -9.711  -7.868  1.00 61.99  ? 337 THR X OG1 1 
ATOM   446 C CG2 . THR A 1 55  ? 11.703  -10.587 -5.728  1.00 52.43  ? 337 THR X CG2 1 
ATOM   447 N N   . ASN A 1 56  ? 15.230  -9.063  -6.358  1.00 58.81  ? 338 ASN X N   1 
ATOM   448 C CA  . ASN A 1 56  ? 16.622  -9.343  -6.691  1.00 59.71  ? 338 ASN X CA  1 
ATOM   449 C C   . ASN A 1 56  ? 16.748  -10.811 -6.279  1.00 63.43  ? 338 ASN X C   1 
ATOM   450 O O   . ASN A 1 56  ? 16.183  -11.679 -6.936  1.00 67.64  ? 338 ASN X O   1 
ATOM   451 C CB  . ASN A 1 56  ? 17.590  -8.455  -5.900  1.00 54.60  ? 338 ASN X CB  1 
ATOM   452 C CG  . ASN A 1 56  ? 18.981  -8.455  -6.497  1.00 50.32  ? 338 ASN X CG  1 
ATOM   453 O OD1 . ASN A 1 56  ? 19.448  -9.477  -6.969  1.00 52.81  ? 338 ASN X OD1 1 
ATOM   454 N ND2 . ASN A 1 56  ? 19.643  -7.314  -6.485  1.00 52.56  ? 338 ASN X ND2 1 
ATOM   455 N N   . HIS A 1 57  ? 17.451  -11.115 -5.199  1.00 62.65  ? 339 HIS X N   1 
ATOM   456 C CA  . HIS A 1 57  ? 17.538  -12.512 -4.783  1.00 65.47  ? 339 HIS X CA  1 
ATOM   457 C C   . HIS A 1 57  ? 17.079  -12.529 -3.361  1.00 64.26  ? 339 HIS X C   1 
ATOM   458 O O   . HIS A 1 57  ? 16.165  -13.254 -2.951  1.00 61.66  ? 339 HIS X O   1 
ATOM   459 C CB  . HIS A 1 57  ? 18.980  -13.015 -4.802  1.00 71.82  ? 339 HIS X CB  1 
ATOM   460 C CG  . HIS A 1 57  ? 19.503  -13.293 -6.170  1.00 76.47  ? 339 HIS X CG  1 
ATOM   461 N ND1 . HIS A 1 57  ? 19.805  -12.291 -7.063  1.00 79.49  ? 339 HIS X ND1 1 
ATOM   462 C CD2 . HIS A 1 57  ? 19.782  -14.460 -6.801  1.00 77.33  ? 339 HIS X CD2 1 
ATOM   463 C CE1 . HIS A 1 57  ? 20.248  -12.822 -8.186  1.00 82.47  ? 339 HIS X CE1 1 
ATOM   464 N NE2 . HIS A 1 57  ? 20.244  -14.136 -8.055  1.00 82.20  ? 339 HIS X NE2 1 
ATOM   465 N N   . THR A 1 58  ? 17.753  -11.664 -2.631  1.00 64.50  ? 340 THR X N   1 
ATOM   466 C CA  . THR A 1 58  ? 17.563  -11.490 -1.220  1.00 62.49  ? 340 THR X CA  1 
ATOM   467 C C   . THR A 1 58  ? 16.972  -10.123 -0.965  1.00 57.31  ? 340 THR X C   1 
ATOM   468 O O   . THR A 1 58  ? 16.431  -9.869  0.102   1.00 59.68  ? 340 THR X O   1 
ATOM   469 C CB  . THR A 1 58  ? 18.910  -11.599 -0.535  1.00 66.80  ? 340 THR X CB  1 
ATOM   470 O OG1 . THR A 1 58  ? 19.685  -12.618 -1.182  1.00 66.85  ? 340 THR X OG1 1 
ATOM   471 C CG2 . THR A 1 58  ? 18.728  -11.946 0.911   1.00 70.53  ? 340 THR X CG2 1 
ATOM   472 N N   . GLU A 1 59  ? 17.085  -9.255  -1.969  1.00 53.64  ? 341 GLU X N   1 
ATOM   473 C CA  . GLU A 1 59  ? 16.584  -7.883  -1.918  1.00 53.63  ? 341 GLU X CA  1 
ATOM   474 C C   . GLU A 1 59  ? 15.167  -7.739  -2.505  1.00 49.35  ? 341 GLU X C   1 
ATOM   475 O O   . GLU A 1 59  ? 14.959  -7.921  -3.704  1.00 44.02  ? 341 GLU X O   1 
ATOM   476 C CB  . GLU A 1 59  ? 17.542  -6.954  -2.683  1.00 58.76  ? 341 GLU X CB  1 
ATOM   477 C CG  . GLU A 1 59  ? 18.128  -5.811  -1.854  1.00 65.50  ? 341 GLU X CG  1 
ATOM   478 C CD  . GLU A 1 59  ? 18.981  -4.858  -2.681  1.00 69.65  ? 341 GLU X CD  1 
ATOM   479 O OE1 . GLU A 1 59  ? 19.256  -5.174  -3.855  1.00 72.87  ? 341 GLU X OE1 1 
ATOM   480 O OE2 . GLU A 1 59  ? 19.378  -3.791  -2.166  1.00 70.80  ? 341 GLU X OE2 1 
ATOM   481 N N   . TYR A 1 60  ? 14.211  -7.384  -1.652  1.00 47.70  ? 342 TYR X N   1 
ATOM   482 C CA  . TYR A 1 60  ? 12.827  -7.208  -2.068  1.00 41.92  ? 342 TYR X CA  1 
ATOM   483 C C   . TYR A 1 60  ? 12.370  -5.763  -1.936  1.00 38.51  ? 342 TYR X C   1 
ATOM   484 O O   . TYR A 1 60  ? 12.343  -5.218  -0.841  1.00 40.01  ? 342 TYR X O   1 
ATOM   485 C CB  . TYR A 1 60  ? 11.923  -8.086  -1.213  1.00 43.07  ? 342 TYR X CB  1 
ATOM   486 C CG  . TYR A 1 60  ? 12.255  -9.547  -1.295  1.00 48.18  ? 342 TYR X CG  1 
ATOM   487 C CD1 . TYR A 1 60  ? 12.075  -10.245 -2.478  1.00 52.74  ? 342 TYR X CD1 1 
ATOM   488 C CD2 . TYR A 1 60  ? 12.728  -10.236 -0.192  1.00 49.09  ? 342 TYR X CD2 1 
ATOM   489 C CE1 . TYR A 1 60  ? 12.376  -11.588 -2.569  1.00 54.85  ? 342 TYR X CE1 1 
ATOM   490 C CE2 . TYR A 1 60  ? 13.033  -11.585 -0.272  1.00 53.54  ? 342 TYR X CE2 1 
ATOM   491 C CZ  . TYR A 1 60  ? 12.846  -12.259 -1.463  1.00 53.99  ? 342 TYR X CZ  1 
ATOM   492 O OH  . TYR A 1 60  ? 13.142  -13.601 -1.561  1.00 52.58  ? 342 TYR X OH  1 
ATOM   493 N N   . HIS A 1 61  ? 12.014  -5.152  -3.057  1.00 36.01  ? 343 HIS X N   1 
ATOM   494 C CA  . HIS A 1 61  ? 11.518  -3.784  -3.095  1.00 34.87  ? 343 HIS X CA  1 
ATOM   495 C C   . HIS A 1 61  ? 9.999   -3.739  -3.349  1.00 36.29  ? 343 HIS X C   1 
ATOM   496 O O   . HIS A 1 61  ? 9.505   -4.180  -4.396  1.00 33.56  ? 343 HIS X O   1 
ATOM   497 C CB  . HIS A 1 61  ? 12.242  -3.025  -4.195  1.00 38.19  ? 343 HIS X CB  1 
ATOM   498 C CG  . HIS A 1 61  ? 13.726  -3.193  -4.146  1.00 49.98  ? 343 HIS X CG  1 
ATOM   499 N ND1 . HIS A 1 61  ? 14.407  -4.085  -4.951  1.00 53.68  ? 343 HIS X ND1 1 
ATOM   500 C CD2 . HIS A 1 61  ? 14.657  -2.613  -3.355  1.00 50.64  ? 343 HIS X CD2 1 
ATOM   501 C CE1 . HIS A 1 61  ? 15.693  -4.046  -4.655  1.00 52.83  ? 343 HIS X CE1 1 
ATOM   502 N NE2 . HIS A 1 61  ? 15.869  -3.161  -3.690  1.00 52.79  ? 343 HIS X NE2 1 
ATOM   503 N N   . GLY A 1 62  ? 9.261   -3.188  -2.392  1.00 36.01  ? 344 GLY X N   1 
ATOM   504 C CA  . GLY A 1 62  ? 7.825   -3.097  -2.544  1.00 32.99  ? 344 GLY X CA  1 
ATOM   505 C C   . GLY A 1 62  ? 7.200   -1.839  -1.971  1.00 33.04  ? 344 GLY X C   1 
ATOM   506 O O   . GLY A 1 62  ? 7.849   -0.817  -1.776  1.00 33.34  ? 344 GLY X O   1 
ATOM   507 N N   . CYS A 1 63  ? 5.911   -1.932  -1.696  1.00 31.41  ? 345 CYS X N   1 
ATOM   508 C CA  . CYS A 1 63  ? 5.153   -0.841  -1.131  1.00 30.87  ? 345 CYS X CA  1 
ATOM   509 C C   . CYS A 1 63  ? 4.020   -1.433  -0.328  1.00 29.95  ? 345 CYS X C   1 
ATOM   510 O O   . CYS A 1 63  ? 3.571   -2.553  -0.581  1.00 28.97  ? 345 CYS X O   1 
ATOM   511 C CB  . CYS A 1 63  ? 4.416   -0.048  -2.213  1.00 38.89  ? 345 CYS X CB  1 
ATOM   512 S SG  . CYS A 1 63  ? 5.318   0.906   -3.461  1.00 50.34  ? 345 CYS X SG  1 
ATOM   513 N N   . LEU A 1 64  ? 3.557   -0.679  0.651   1.00 30.40  ? 346 LEU X N   1 
ATOM   514 C CA  . LEU A 1 64  ? 2.324   -1.051  1.319   1.00 27.35  ? 346 LEU X CA  1 
ATOM   515 C C   . LEU A 1 64  ? 1.466   -0.127  0.433   1.00 29.43  ? 346 LEU X C   1 
ATOM   516 O O   . LEU A 1 64  ? 1.711   1.090   0.408   1.00 28.36  ? 346 LEU X O   1 
ATOM   517 C CB  . LEU A 1 64  ? 2.265   -0.544  2.754   1.00 16.56  ? 346 LEU X CB  1 
ATOM   518 C CG  . LEU A 1 64  ? 0.833   -0.678  3.258   1.00 17.57  ? 346 LEU X CG  1 
ATOM   519 C CD1 . LEU A 1 64  ? 0.442   -2.146  3.338   1.00 14.71  ? 346 LEU X CD1 1 
ATOM   520 C CD2 . LEU A 1 64  ? 0.693   -0.008  4.581   1.00 19.31  ? 346 LEU X CD2 1 
ATOM   521 N N   . GLN A 1 65  ? 0.524   -0.674  -0.331  1.00 28.70  ? 347 GLN X N   1 
ATOM   522 C CA  . GLN A 1 65  ? -0.297  0.176   -1.191  1.00 28.68  ? 347 GLN X CA  1 
ATOM   523 C C   . GLN A 1 65  ? -1.660  0.528   -0.626  1.00 24.12  ? 347 GLN X C   1 
ATOM   524 O O   . GLN A 1 65  ? -2.383  -0.328  -0.136  1.00 26.98  ? 347 GLN X O   1 
ATOM   525 C CB  . GLN A 1 65  ? -0.469  -0.461  -2.572  1.00 34.34  ? 347 GLN X CB  1 
ATOM   526 C CG  . GLN A 1 65  ? -1.185  0.462   -3.555  1.00 44.77  ? 347 GLN X CG  1 
ATOM   527 C CD  . GLN A 1 65  ? -1.241  -0.093  -4.955  1.00 54.10  ? 347 GLN X CD  1 
ATOM   528 O OE1 . GLN A 1 65  ? -0.294  -0.727  -5.414  1.00 60.69  ? 347 GLN X OE1 1 
ATOM   529 N NE2 . GLN A 1 65  ? -2.353  0.144   -5.649  1.00 55.81  ? 347 GLN X NE2 1 
ATOM   530 N N   . LEU A 1 66  ? -2.008  1.803   -0.706  1.00 21.90  ? 348 LEU X N   1 
ATOM   531 C CA  . LEU A 1 66  ? -3.297  2.276   -0.211  1.00 22.09  ? 348 LEU X CA  1 
ATOM   532 C C   . LEU A 1 66  ? -4.072  2.892   -1.369  1.00 20.93  ? 348 LEU X C   1 
ATOM   533 O O   . LEU A 1 66  ? -3.553  3.776   -2.041  1.00 21.01  ? 348 LEU X O   1 
ATOM   534 C CB  . LEU A 1 66  ? -3.108  3.336   0.890   1.00 14.20  ? 348 LEU X CB  1 
ATOM   535 C CG  . LEU A 1 66  ? -2.472  2.830   2.172   1.00 17.90  ? 348 LEU X CG  1 
ATOM   536 C CD1 . LEU A 1 66  ? -0.989  2.963   2.053   1.00 17.76  ? 348 LEU X CD1 1 
ATOM   537 C CD2 . LEU A 1 66  ? -2.996  3.616   3.370   1.00 22.42  ? 348 LEU X CD2 1 
ATOM   538 N N   . ASP A 1 67  ? -5.300  2.435   -1.605  1.00 27.51  ? 349 ASP X N   1 
ATOM   539 C CA  . ASP A 1 67  ? -6.108  2.999   -2.686  1.00 30.60  ? 349 ASP X CA  1 
ATOM   540 C C   . ASP A 1 67  ? -7.064  4.012   -2.095  1.00 28.65  ? 349 ASP X C   1 
ATOM   541 O O   . ASP A 1 67  ? -7.774  3.725   -1.138  1.00 29.18  ? 349 ASP X O   1 
ATOM   542 C CB  . ASP A 1 67  ? -6.871  1.902   -3.427  1.00 38.88  ? 349 ASP X CB  1 
ATOM   543 C CG  . ASP A 1 67  ? -5.955  1.031   -4.272  1.00 54.99  ? 349 ASP X CG  1 
ATOM   544 O OD1 . ASP A 1 67  ? -4.845  1.469   -4.632  1.00 54.97  ? 349 ASP X OD1 1 
ATOM   545 O OD2 . ASP A 1 67  ? -6.347  -0.109  -4.576  1.00 68.06  ? 349 ASP X OD2 1 
ATOM   546 N N   . ASN A 1 68  ? -7.055  5.202   -2.676  1.00 28.37  ? 350 ASN X N   1 
ATOM   547 C CA  . ASN A 1 68  ? -7.871  6.325   -2.233  1.00 27.89  ? 350 ASN X CA  1 
ATOM   548 C C   . ASN A 1 68  ? -7.980  6.436   -0.712  1.00 29.41  ? 350 ASN X C   1 
ATOM   549 O O   . ASN A 1 68  ? -9.060  6.322   -0.143  1.00 29.78  ? 350 ASN X O   1 
ATOM   550 C CB  . ASN A 1 68  ? -9.278  6.279   -2.868  1.00 24.27  ? 350 ASN X CB  1 
ATOM   551 C CG  . ASN A 1 68  ? -9.238  6.252   -4.398  1.00 22.17  ? 350 ASN X CG  1 
ATOM   552 O OD1 . ASN A 1 68  ? -8.924  7.245   -5.051  1.00 21.35  ? 350 ASN X OD1 1 
ATOM   553 N ND2 . ASN A 1 68  ? -9.549  5.103   -4.969  1.00 24.36  ? 350 ASN X ND2 1 
ATOM   554 N N   . PRO A 1 69  ? -6.844  6.648   -0.029  1.00 28.01  ? 351 PRO X N   1 
ATOM   555 C CA  . PRO A 1 69  ? -6.823  6.785   1.426   1.00 26.06  ? 351 PRO X CA  1 
ATOM   556 C C   . PRO A 1 69  ? -7.268  8.207   1.754   1.00 27.27  ? 351 PRO X C   1 
ATOM   557 O O   . PRO A 1 69  ? -7.194  9.079   0.896   1.00 27.39  ? 351 PRO X O   1 
ATOM   558 C CB  . PRO A 1 69  ? -5.359  6.586   1.769   1.00 25.87  ? 351 PRO X CB  1 
ATOM   559 C CG  . PRO A 1 69  ? -4.655  7.185   0.603   1.00 24.89  ? 351 PRO X CG  1 
ATOM   560 C CD  . PRO A 1 69  ? -5.490  6.755   -0.596  1.00 26.29  ? 351 PRO X CD  1 
ATOM   561 N N   . THR A 1 70  ? -7.729  8.430   2.984   1.00 28.66  ? 352 THR X N   1 
ATOM   562 C CA  . THR A 1 70  ? -8.156  9.751   3.445   1.00 31.02  ? 352 THR X CA  1 
ATOM   563 C C   . THR A 1 70  ? -7.297  10.192  4.641   1.00 33.35  ? 352 THR X C   1 
ATOM   564 O O   . THR A 1 70  ? -6.318  9.535   4.991   1.00 35.56  ? 352 THR X O   1 
ATOM   565 C CB  . THR A 1 70  ? -9.625  9.723   3.902   1.00 33.33  ? 352 THR X CB  1 
ATOM   566 O OG1 . THR A 1 70  ? -9.785  8.738   4.932   1.00 30.50  ? 352 THR X OG1 1 
ATOM   567 C CG2 . THR A 1 70  ? -10.537 9.382   2.739   1.00 35.15  ? 352 THR X CG2 1 
ATOM   568 N N   . HIS A 1 71  ? -7.668  11.290  5.285   1.00 32.29  ? 353 HIS X N   1 
ATOM   569 C CA  . HIS A 1 71  ? -6.911  11.758  6.442   1.00 28.15  ? 353 HIS X CA  1 
ATOM   570 C C   . HIS A 1 71  ? -7.061  10.745  7.549   1.00 28.78  ? 353 HIS X C   1 
ATOM   571 O O   . HIS A 1 71  ? -6.345  10.788  8.543   1.00 35.79  ? 353 HIS X O   1 
ATOM   572 C CB  . HIS A 1 71  ? -7.452  13.081  6.935   1.00 29.71  ? 353 HIS X CB  1 
ATOM   573 C CG  . HIS A 1 71  ? -8.921  13.048  7.177   1.00 30.71  ? 353 HIS X CG  1 
ATOM   574 N ND1 . HIS A 1 71  ? -9.835  13.054  6.144   1.00 32.88  ? 353 HIS X ND1 1 
ATOM   575 C CD2 . HIS A 1 71  ? -9.636  12.921  8.315   1.00 30.00  ? 353 HIS X CD2 1 
ATOM   576 C CE1 . HIS A 1 71  ? -11.052 12.929  6.639   1.00 32.51  ? 353 HIS X CE1 1 
ATOM   577 N NE2 . HIS A 1 71  ? -10.957 12.846  7.954   1.00 32.08  ? 353 HIS X NE2 1 
ATOM   578 N N   . MET A 1 72  ? -8.023  9.850   7.399   1.00 26.81  ? 354 MET X N   1 
ATOM   579 C CA  . MET A 1 72  ? -8.235  8.822   8.396   1.00 28.99  ? 354 MET X CA  1 
ATOM   580 C C   . MET A 1 72  ? -7.134  7.755   8.361   1.00 28.82  ? 354 MET X C   1 
ATOM   581 O O   . MET A 1 72  ? -7.022  6.945   9.280   1.00 30.32  ? 354 MET X O   1 
ATOM   582 C CB  . MET A 1 72  ? -9.607  8.165   8.194   1.00 39.89  ? 354 MET X CB  1 
ATOM   583 C CG  . MET A 1 72  ? -10.812 9.000   8.652   1.00 48.41  ? 354 MET X CG  1 
ATOM   584 S SD  . MET A 1 72  ? -10.668 9.772   10.295  1.00 60.61  ? 354 MET X SD  1 
ATOM   585 C CE  . MET A 1 72  ? -10.914 8.354   11.407  1.00 56.70  ? 354 MET X CE  1 
ATOM   586 N N   . ASN A 1 73  ? -6.337  7.719   7.297   1.00 27.97  ? 355 ASN X N   1 
ATOM   587 C CA  . ASN A 1 73  ? -5.243  6.747   7.219   1.00 27.15  ? 355 ASN X CA  1 
ATOM   588 C C   . ASN A 1 73  ? -3.910  7.400   7.610   1.00 28.24  ? 355 ASN X C   1 
ATOM   589 O O   . ASN A 1 73  ? -2.855  6.766   7.527   1.00 26.48  ? 355 ASN X O   1 
ATOM   590 C CB  . ASN A 1 73  ? -5.100  6.163   5.802   1.00 25.70  ? 355 ASN X CB  1 
ATOM   591 C CG  . ASN A 1 73  ? -6.373  5.473   5.300   1.00 20.78  ? 355 ASN X CG  1 
ATOM   592 O OD1 . ASN A 1 73  ? -7.110  6.024   4.480   1.00 25.67  ? 355 ASN X OD1 1 
ATOM   593 N ND2 . ASN A 1 73  ? -6.629  4.270   5.777   1.00 18.82  ? 355 ASN X ND2 1 
ATOM   594 N N   . ASN A 1 74  ? -3.952  8.673   8.001   1.00 27.59  ? 356 ASN X N   1 
ATOM   595 C CA  . ASN A 1 74  ? -2.741  9.378   8.398   1.00 25.57  ? 356 ASN X CA  1 
ATOM   596 C C   . ASN A 1 74  ? -2.273  8.725   9.687   1.00 26.57  ? 356 ASN X C   1 
ATOM   597 O O   . ASN A 1 74  ? -3.089  8.443   10.558  1.00 27.75  ? 356 ASN X O   1 
ATOM   598 C CB  . ASN A 1 74  ? -3.044  10.844  8.673   1.00 28.46  ? 356 ASN X CB  1 
ATOM   599 C CG  . ASN A 1 74  ? -3.416  11.619  7.419   1.00 30.98  ? 356 ASN X CG  1 
ATOM   600 O OD1 . ASN A 1 74  ? -3.295  11.124  6.288   1.00 26.30  ? 356 ASN X OD1 1 
ATOM   601 N ND2 . ASN A 1 74  ? -3.868  12.854  7.620   1.00 31.74  ? 356 ASN X ND2 1 
ATOM   602 N N   . GLY A 1 75  ? -0.972  8.490   9.826   1.00 25.33  ? 357 GLY X N   1 
ATOM   603 C CA  . GLY A 1 75  ? -0.490  7.854   11.043  1.00 20.09  ? 357 GLY X CA  1 
ATOM   604 C C   . GLY A 1 75  ? 0.871   7.196   10.943  1.00 19.08  ? 357 GLY X C   1 
ATOM   605 O O   . GLY A 1 75  ? 1.591   7.383   9.968   1.00 21.18  ? 357 GLY X O   1 
ATOM   606 N N   . ASP A 1 76  ? 1.215   6.420   11.963  1.00 24.41  ? 358 ASP X N   1 
ATOM   607 C CA  . ASP A 1 76  ? 2.492   5.725   12.023  1.00 24.99  ? 358 ASP X CA  1 
ATOM   608 C C   . ASP A 1 76  ? 2.348   4.270   11.653  1.00 23.10  ? 358 ASP X C   1 
ATOM   609 O O   . ASP A 1 76  ? 1.636   3.507   12.311  1.00 23.16  ? 358 ASP X O   1 
ATOM   610 C CB  . ASP A 1 76  ? 3.099   5.850   13.422  1.00 28.50  ? 358 ASP X CB  1 
ATOM   611 C CG  . ASP A 1 76  ? 3.512   7.274   13.738  1.00 34.76  ? 358 ASP X CG  1 
ATOM   612 O OD1 . ASP A 1 76  ? 4.643   7.665   13.385  1.00 39.08  ? 358 ASP X OD1 1 
ATOM   613 O OD2 . ASP A 1 76  ? 2.701   8.011   14.329  1.00 41.66  ? 358 ASP X OD2 1 
ATOM   614 N N   . TYR A 1 77  ? 3.071   3.899   10.606  1.00 22.51  ? 359 TYR X N   1 
ATOM   615 C CA  . TYR A 1 77  ? 3.065   2.552   10.088  1.00 24.31  ? 359 TYR X CA  1 
ATOM   616 C C   . TYR A 1 77  ? 4.371   1.823   10.430  1.00 23.43  ? 359 TYR X C   1 
ATOM   617 O O   . TYR A 1 77  ? 5.474   2.281   10.120  1.00 21.62  ? 359 TYR X O   1 
ATOM   618 C CB  . TYR A 1 77  ? 2.860   2.596   8.572   1.00 24.46  ? 359 TYR X CB  1 
ATOM   619 C CG  . TYR A 1 77  ? 1.478   3.045   8.147   1.00 21.13  ? 359 TYR X CG  1 
ATOM   620 C CD1 . TYR A 1 77  ? 1.142   4.381   8.078   1.00 23.56  ? 359 TYR X CD1 1 
ATOM   621 C CD2 . TYR A 1 77  ? 0.517   2.126   7.794   1.00 21.04  ? 359 TYR X CD2 1 
ATOM   622 C CE1 . TYR A 1 77  ? -0.114  4.780   7.663   1.00 23.23  ? 359 TYR X CE1 1 
ATOM   623 C CE2 . TYR A 1 77  ? -0.727  2.517   7.384   1.00 23.10  ? 359 TYR X CE2 1 
ATOM   624 C CZ  . TYR A 1 77  ? -1.042  3.838   7.317   1.00 26.16  ? 359 TYR X CZ  1 
ATOM   625 O OH  . TYR A 1 77  ? -2.299  4.205   6.891   1.00 32.14  ? 359 TYR X OH  1 
ATOM   626 N N   . THR A 1 78  ? 4.227   0.661   11.046  1.00 25.16  ? 360 THR X N   1 
ATOM   627 C CA  . THR A 1 78  ? 5.373   -0.125  11.446  1.00 25.11  ? 360 THR X CA  1 
ATOM   628 C C   . THR A 1 78  ? 5.416   -1.411  10.644  1.00 24.68  ? 360 THR X C   1 
ATOM   629 O O   . THR A 1 78  ? 4.422   -2.127  10.560  1.00 28.03  ? 360 THR X O   1 
ATOM   630 C CB  . THR A 1 78  ? 5.298   -0.474  12.958  1.00 24.45  ? 360 THR X CB  1 
ATOM   631 O OG1 . THR A 1 78  ? 5.339   0.727   13.730  1.00 27.04  ? 360 THR X OG1 1 
ATOM   632 C CG2 . THR A 1 78  ? 6.464   -1.341  13.371  1.00 20.15  ? 360 THR X CG2 1 
ATOM   633 N N   . LEU A 1 79  ? 6.548   -1.670  10.007  1.00 26.41  ? 361 LEU X N   1 
ATOM   634 C CA  . LEU A 1 79  ? 6.725   -2.904  9.268   1.00 27.60  ? 361 LEU X CA  1 
ATOM   635 C C   . LEU A 1 79  ? 7.604   -3.846  10.090  1.00 31.69  ? 361 LEU X C   1 
ATOM   636 O O   . LEU A 1 79  ? 8.608   -3.418  10.651  1.00 32.49  ? 361 LEU X O   1 
ATOM   637 C CB  . LEU A 1 79  ? 7.390   -2.620  7.917   1.00 22.68  ? 361 LEU X CB  1 
ATOM   638 C CG  . LEU A 1 79  ? 7.850   -3.829  7.082   1.00 24.60  ? 361 LEU X CG  1 
ATOM   639 C CD1 . LEU A 1 79  ? 6.664   -4.741  6.714   1.00 19.30  ? 361 LEU X CD1 1 
ATOM   640 C CD2 . LEU A 1 79  ? 8.540   -3.313  5.823   1.00 19.01  ? 361 LEU X CD2 1 
ATOM   641 N N   . ILE A 1 80  ? 7.198   -5.109  10.201  1.00 35.02  ? 362 ILE X N   1 
ATOM   642 C CA  . ILE A 1 80  ? 7.990   -6.134  10.896  1.00 35.15  ? 362 ILE X CA  1 
ATOM   643 C C   . ILE A 1 80  ? 8.270   -7.232  9.867   1.00 37.45  ? 362 ILE X C   1 
ATOM   644 O O   . ILE A 1 80  ? 7.348   -7.906  9.422   1.00 42.50  ? 362 ILE X O   1 
ATOM   645 C CB  . ILE A 1 80  ? 7.241   -6.796  12.065  1.00 32.18  ? 362 ILE X CB  1 
ATOM   646 C CG1 . ILE A 1 80  ? 6.988   -5.790  13.187  1.00 34.88  ? 362 ILE X CG1 1 
ATOM   647 C CG2 . ILE A 1 80  ? 8.084   -7.944  12.622  1.00 30.99  ? 362 ILE X CG2 1 
ATOM   648 C CD1 . ILE A 1 80  ? 7.186   -6.391  14.604  1.00 36.70  ? 362 ILE X CD1 1 
ATOM   649 N N   . ALA A 1 81  ? 9.525   -7.383  9.460   1.00 35.59  ? 363 ALA X N   1 
ATOM   650 C CA  . ALA A 1 81  ? 9.895   -8.409  8.490   1.00 35.77  ? 363 ALA X CA  1 
ATOM   651 C C   . ALA A 1 81  ? 10.407  -9.604  9.269   1.00 41.30  ? 363 ALA X C   1 
ATOM   652 O O   . ALA A 1 81  ? 11.434  -9.503  9.927   1.00 43.44  ? 363 ALA X O   1 
ATOM   653 C CB  . ALA A 1 81  ? 10.977  -7.890  7.564   1.00 32.39  ? 363 ALA X CB  1 
ATOM   654 N N   . LYS A 1 82  ? 9.705   -10.734 9.184   1.00 43.09  ? 364 LYS X N   1 
ATOM   655 C CA  . LYS A 1 82  ? 10.097  -11.924 9.930   1.00 43.54  ? 364 LYS X CA  1 
ATOM   656 C C   . LYS A 1 82  ? 10.725  -13.017 9.084   1.00 49.76  ? 364 LYS X C   1 
ATOM   657 O O   . LYS A 1 82  ? 10.468  -13.134 7.883   1.00 49.00  ? 364 LYS X O   1 
ATOM   658 C CB  . LYS A 1 82  ? 8.916   -12.486 10.706  1.00 41.72  ? 364 LYS X CB  1 
ATOM   659 C CG  . LYS A 1 82  ? 9.238   -12.771 12.167  1.00 45.48  ? 364 LYS X CG  1 
ATOM   660 C CD  . LYS A 1 82  ? 7.966   -12.954 13.005  1.00 51.25  ? 364 LYS X CD  1 
ATOM   661 C CE  . LYS A 1 82  ? 8.259   -12.884 14.502  1.00 57.09  ? 364 LYS X CE  1 
ATOM   662 N NZ  . LYS A 1 82  ? 7.697   -11.647 15.142  1.00 62.18  ? 364 LYS X NZ  1 
ATOM   663 N N   . ASN A 1 83  ? 11.521  -13.844 9.759   1.00 57.12  ? 365 ASN X N   1 
ATOM   664 C CA  . ASN A 1 83  ? 12.308  -14.922 9.151   1.00 56.71  ? 365 ASN X CA  1 
ATOM   665 C C   . ASN A 1 83  ? 12.459  -16.090 10.119  1.00 59.31  ? 365 ASN X C   1 
ATOM   666 O O   . ASN A 1 83  ? 12.119  -15.990 11.301  1.00 60.12  ? 365 ASN X O   1 
ATOM   667 C CB  . ASN A 1 83  ? 13.704  -14.376 8.865   1.00 51.08  ? 365 ASN X CB  1 
ATOM   668 C CG  . ASN A 1 83  ? 14.362  -15.034 7.719   1.00 40.50  ? 365 ASN X CG  1 
ATOM   669 O OD1 . ASN A 1 83  ? 13.721  -15.367 6.736   1.00 45.65  ? 365 ASN X OD1 1 
ATOM   670 N ND2 . ASN A 1 83  ? 15.663  -15.223 7.825   1.00 44.54  ? 365 ASN X ND2 1 
ATOM   671 N N   . GLU A 1 84  ? 13.010  -17.186 9.625   1.00 64.60  ? 366 GLU X N   1 
ATOM   672 C CA  . GLU A 1 84  ? 13.239  -18.355 10.468  1.00 68.06  ? 366 GLU X CA  1 
ATOM   673 C C   . GLU A 1 84  ? 14.366  -17.988 11.437  1.00 65.29  ? 366 GLU X C   1 
ATOM   674 O O   . GLU A 1 84  ? 14.363  -18.370 12.608  1.00 63.99  ? 366 GLU X O   1 
ATOM   675 C CB  . GLU A 1 84  ? 13.654  -19.549 9.596   1.00 73.88  ? 366 GLU X CB  1 
ATOM   676 C CG  . GLU A 1 84  ? 12.483  -20.398 9.072   1.00 84.05  ? 366 GLU X CG  1 
ATOM   677 C CD  . GLU A 1 84  ? 11.456  -19.608 8.252   1.00 90.31  ? 366 GLU X CD  1 
ATOM   678 O OE1 . GLU A 1 84  ? 11.854  -18.711 7.479   1.00 93.72  ? 366 GLU X OE1 1 
ATOM   679 O OE2 . GLU A 1 84  ? 10.243  -19.893 8.378   1.00 93.19  ? 366 GLU X OE2 1 
ATOM   680 N N   . TYR A 1 85  ? 15.307  -17.209 10.916  1.00 62.74  ? 367 TYR X N   1 
ATOM   681 C CA  . TYR A 1 85  ? 16.481  -16.750 11.634  1.00 60.50  ? 367 TYR X CA  1 
ATOM   682 C C   . TYR A 1 85  ? 16.226  -15.596 12.604  1.00 57.66  ? 367 TYR X C   1 
ATOM   683 O O   . TYR A 1 85  ? 16.672  -15.635 13.747  1.00 56.34  ? 367 TYR X O   1 
ATOM   684 C CB  . TYR A 1 85  ? 17.536  -16.348 10.605  1.00 62.70  ? 367 TYR X CB  1 
ATOM   685 C CG  . TYR A 1 85  ? 17.831  -17.429 9.579   1.00 65.39  ? 367 TYR X CG  1 
ATOM   686 C CD1 . TYR A 1 85  ? 17.599  -18.774 9.865   1.00 65.69  ? 367 TYR X CD1 1 
ATOM   687 C CD2 . TYR A 1 85  ? 18.375  -17.111 8.339   1.00 71.45  ? 367 TYR X CD2 1 
ATOM   688 C CE1 . TYR A 1 85  ? 17.903  -19.773 8.944   1.00 68.49  ? 367 TYR X CE1 1 
ATOM   689 C CE2 . TYR A 1 85  ? 18.684  -18.104 7.410   1.00 73.73  ? 367 TYR X CE2 1 
ATOM   690 C CZ  . TYR A 1 85  ? 18.448  -19.433 7.718   1.00 72.49  ? 367 TYR X CZ  1 
ATOM   691 O OH  . TYR A 1 85  ? 18.759  -20.414 6.795   1.00 72.45  ? 367 TYR X OH  1 
ATOM   692 N N   . GLY A 1 86  ? 15.512  -14.572 12.150  1.00 57.39  ? 368 GLY X N   1 
ATOM   693 C CA  . GLY A 1 86  ? 15.224  -13.430 13.004  1.00 54.52  ? 368 GLY X CA  1 
ATOM   694 C C   . GLY A 1 86  ? 14.163  -12.488 12.448  1.00 51.80  ? 368 GLY X C   1 
ATOM   695 O O   . GLY A 1 86  ? 13.477  -12.821 11.481  1.00 50.83  ? 368 GLY X O   1 
ATOM   696 N N   . LYS A 1 87  ? 14.034  -11.308 13.053  1.00 49.45  ? 369 LYS X N   1 
ATOM   697 C CA  . LYS A 1 87  ? 13.048  -10.321 12.617  1.00 47.00  ? 369 LYS X CA  1 
ATOM   698 C C   . LYS A 1 87  ? 13.530  -8.882  12.752  1.00 46.69  ? 369 LYS X C   1 
ATOM   699 O O   . LYS A 1 87  ? 14.313  -8.576  13.649  1.00 51.51  ? 369 LYS X O   1 
ATOM   700 C CB  . LYS A 1 87  ? 11.774  -10.476 13.435  1.00 46.01  ? 369 LYS X CB  1 
ATOM   701 C CG  . LYS A 1 87  ? 11.786  -9.695  14.732  1.00 44.22  ? 369 LYS X CG  1 
ATOM   702 C CD  . LYS A 1 87  ? 10.638  -10.132 15.634  1.00 52.56  ? 369 LYS X CD  1 
ATOM   703 C CE  . LYS A 1 87  ? 11.125  -10.513 17.026  1.00 54.93  ? 369 LYS X CE  1 
ATOM   704 N NZ  . LYS A 1 87  ? 10.141  -10.122 18.079  1.00 57.65  ? 369 LYS X NZ  1 
ATOM   705 N N   . ASP A 1 88  ? 13.060  -8.005  11.862  1.00 42.64  ? 370 ASP X N   1 
ATOM   706 C CA  . ASP A 1 88  ? 13.417  -6.590  11.905  1.00 37.93  ? 370 ASP X CA  1 
ATOM   707 C C   . ASP A 1 88  ? 12.154  -5.749  11.956  1.00 36.89  ? 370 ASP X C   1 
ATOM   708 O O   . ASP A 1 88  ? 11.086  -6.192  11.549  1.00 34.07  ? 370 ASP X O   1 
ATOM   709 C CB  . ASP A 1 88  ? 14.269  -6.180  10.702  1.00 37.18  ? 370 ASP X CB  1 
ATOM   710 C CG  . ASP A 1 88  ? 15.006  -4.846  10.929  1.00 47.33  ? 370 ASP X CG  1 
ATOM   711 O OD1 . ASP A 1 88  ? 14.987  -4.330  12.066  1.00 47.89  ? 370 ASP X OD1 1 
ATOM   712 O OD2 . ASP A 1 88  ? 15.611  -4.302  9.976   1.00 53.62  ? 370 ASP X OD2 1 
ATOM   713 N N   . GLU A 1 89  ? 12.299  -4.536  12.484  1.00 39.35  ? 371 GLU X N   1 
ATOM   714 C CA  . GLU A 1 89  ? 11.207  -3.578  12.654  1.00 39.25  ? 371 GLU X CA  1 
ATOM   715 C C   . GLU A 1 89  ? 11.691  -2.210  12.187  1.00 37.00  ? 371 GLU X C   1 
ATOM   716 O O   . GLU A 1 89  ? 12.869  -1.887  12.279  1.00 38.00  ? 371 GLU X O   1 
ATOM   717 C CB  . GLU A 1 89  ? 10.805  -3.465  14.135  1.00 42.29  ? 371 GLU X CB  1 
ATOM   718 C CG  . GLU A 1 89  ? 9.517   -4.174  14.545  1.00 52.96  ? 371 GLU X CG  1 
ATOM   719 C CD  . GLU A 1 89  ? 8.861   -3.565  15.792  1.00 61.61  ? 371 GLU X CD  1 
ATOM   720 O OE1 . GLU A 1 89  ? 8.565   -2.348  15.781  1.00 61.54  ? 371 GLU X OE1 1 
ATOM   721 O OE2 . GLU A 1 89  ? 8.633   -4.307  16.779  1.00 63.86  ? 371 GLU X OE2 1 
ATOM   722 N N   . LYS A 1 90  ? 10.765  -1.411  11.682  1.00 31.71  ? 372 LYS X N   1 
ATOM   723 C CA  . LYS A 1 90  ? 11.066  -0.075  11.210  1.00 26.10  ? 372 LYS X CA  1 
ATOM   724 C C   . LYS A 1 90  ? 9.691   0.553   11.194  1.00 23.98  ? 372 LYS X C   1 
ATOM   725 O O   . LYS A 1 90  ? 8.717   -0.135  10.945  1.00 22.83  ? 372 LYS X O   1 
ATOM   726 C CB  . LYS A 1 90  ? 11.645  -0.133  9.797   1.00 27.07  ? 372 LYS X CB  1 
ATOM   727 C CG  . LYS A 1 90  ? 12.767  0.843   9.506   1.00 29.55  ? 372 LYS X CG  1 
ATOM   728 C CD  . LYS A 1 90  ? 13.940  0.600   10.434  1.00 41.02  ? 372 LYS X CD  1 
ATOM   729 C CE  . LYS A 1 90  ? 14.620  -0.725  10.136  1.00 45.53  ? 372 LYS X CE  1 
ATOM   730 N NZ  . LYS A 1 90  ? 15.976  -0.818  10.769  1.00 47.39  ? 372 LYS X NZ  1 
ATOM   731 N N   . GLN A 1 91  ? 9.587   1.835   11.509  1.00 24.15  ? 373 GLN X N   1 
ATOM   732 C CA  . GLN A 1 91  ? 8.286   2.476   11.468  1.00 27.32  ? 373 GLN X CA  1 
ATOM   733 C C   . GLN A 1 91  ? 8.426   3.786   10.723  1.00 28.32  ? 373 GLN X C   1 
ATOM   734 O O   . GLN A 1 91  ? 9.512   4.348   10.663  1.00 30.33  ? 373 GLN X O   1 
ATOM   735 C CB  . GLN A 1 91  ? 7.723   2.628   12.884  1.00 31.06  ? 373 GLN X CB  1 
ATOM   736 C CG  . GLN A 1 91  ? 7.678   3.987   13.492  1.00 39.10  ? 373 GLN X CG  1 
ATOM   737 C CD  . GLN A 1 91  ? 7.104   3.931   14.905  1.00 41.69  ? 373 GLN X CD  1 
ATOM   738 O OE1 . GLN A 1 91  ? 5.892   4.040   15.106  1.00 40.22  ? 373 GLN X OE1 1 
ATOM   739 N NE2 . GLN A 1 91  ? 7.978   3.747   15.892  1.00 46.65  ? 373 GLN X NE2 1 
ATOM   740 N N   . ILE A 1 92  ? 7.345   4.253   10.112  1.00 27.34  ? 374 ILE X N   1 
ATOM   741 C CA  . ILE A 1 92  ? 7.409   5.471   9.334   1.00 23.97  ? 374 ILE X CA  1 
ATOM   742 C C   . ILE A 1 92  ? 6.143   6.284   9.529   1.00 26.05  ? 374 ILE X C   1 
ATOM   743 O O   . ILE A 1 92  ? 5.106   5.724   9.841   1.00 26.65  ? 374 ILE X O   1 
ATOM   744 C CB  . ILE A 1 92  ? 7.609   5.105   7.862   1.00 27.46  ? 374 ILE X CB  1 
ATOM   745 C CG1 . ILE A 1 92  ? 8.413   6.199   7.162   1.00 29.44  ? 374 ILE X CG1 1 
ATOM   746 C CG2 . ILE A 1 92  ? 6.260   4.823   7.198   1.00 25.93  ? 374 ILE X CG2 1 
ATOM   747 C CD1 . ILE A 1 92  ? 7.670   7.470   6.996   1.00 34.93  ? 374 ILE X CD1 1 
ATOM   748 N N   . SER A 1 93  ? 6.232   7.603   9.381   1.00 26.74  ? 375 SER X N   1 
ATOM   749 C CA  . SER A 1 93  ? 5.065   8.475   9.549   1.00 28.59  ? 375 SER X CA  1 
ATOM   750 C C   . SER A 1 93  ? 4.453   8.773   8.191   1.00 27.51  ? 375 SER X C   1 
ATOM   751 O O   . SER A 1 93  ? 5.137   9.270   7.303   1.00 31.13  ? 375 SER X O   1 
ATOM   752 C CB  . SER A 1 93  ? 5.471   9.787   10.220  1.00 33.87  ? 375 SER X CB  1 
ATOM   753 O OG  . SER A 1 93  ? 4.328   10.561  10.541  1.00 41.99  ? 375 SER X OG  1 
ATOM   754 N N   . ALA A 1 94  ? 3.167   8.484   8.024   1.00 23.74  ? 376 ALA X N   1 
ATOM   755 C CA  . ALA A 1 94  ? 2.531   8.709   6.732   1.00 19.21  ? 376 ALA X CA  1 
ATOM   756 C C   . ALA A 1 94  ? 1.347   9.643   6.767   1.00 19.69  ? 376 ALA X C   1 
ATOM   757 O O   . ALA A 1 94  ? 0.435   9.489   7.570   1.00 23.19  ? 376 ALA X O   1 
ATOM   758 C CB  . ALA A 1 94  ? 2.111   7.375   6.131   1.00 18.52  ? 376 ALA X CB  1 
ATOM   759 N N   . HIS A 1 95  ? 1.372   10.628  5.888   1.00 23.36  ? 377 HIS X N   1 
ATOM   760 C CA  . HIS A 1 95  ? 0.276   11.580  5.784   1.00 29.32  ? 377 HIS X CA  1 
ATOM   761 C C   . HIS A 1 95  ? -0.273  11.501  4.346   1.00 30.65  ? 377 HIS X C   1 
ATOM   762 O O   . HIS A 1 95  ? 0.458   11.683  3.372   1.00 27.39  ? 377 HIS X O   1 
ATOM   763 C CB  . HIS A 1 95  ? 0.775   12.988  6.140   1.00 35.29  ? 377 HIS X CB  1 
ATOM   764 C CG  . HIS A 1 95  ? -0.194  14.076  5.807   1.00 41.29  ? 377 HIS X CG  1 
ATOM   765 N ND1 . HIS A 1 95  ? -1.199  14.466  6.671   1.00 43.49  ? 377 HIS X ND1 1 
ATOM   766 C CD2 . HIS A 1 95  ? -0.326  14.844  4.699   1.00 42.62  ? 377 HIS X CD2 1 
ATOM   767 C CE1 . HIS A 1 95  ? -1.908  15.430  6.100   1.00 46.71  ? 377 HIS X CE1 1 
ATOM   768 N NE2 . HIS A 1 95  ? -1.397  15.673  4.905   1.00 43.54  ? 377 HIS X NE2 1 
ATOM   769 N N   . PHE A 1 96  ? -1.566  11.213  4.226   1.00 29.81  ? 378 PHE X N   1 
ATOM   770 C CA  . PHE A 1 96  ? -2.197  11.051  2.925   1.00 29.77  ? 378 PHE X CA  1 
ATOM   771 C C   . PHE A 1 96  ? -3.102  12.207  2.529   1.00 31.47  ? 378 PHE X C   1 
ATOM   772 O O   . PHE A 1 96  ? -3.171  12.588  1.374   1.00 34.17  ? 378 PHE X O   1 
ATOM   773 C CB  . PHE A 1 96  ? -3.010  9.755   2.927   1.00 24.07  ? 378 PHE X CB  1 
ATOM   774 C CG  . PHE A 1 96  ? -2.200  8.539   3.267   1.00 25.73  ? 378 PHE X CG  1 
ATOM   775 C CD1 . PHE A 1 96  ? -1.377  7.953   2.318   1.00 25.50  ? 378 PHE X CD1 1 
ATOM   776 C CD2 . PHE A 1 96  ? -2.246  7.989   4.538   1.00 23.18  ? 378 PHE X CD2 1 
ATOM   777 C CE1 . PHE A 1 96  ? -0.604  6.847   2.637   1.00 21.79  ? 378 PHE X CE1 1 
ATOM   778 C CE2 . PHE A 1 96  ? -1.481  6.886   4.862   1.00 18.18  ? 378 PHE X CE2 1 
ATOM   779 C CZ  . PHE A 1 96  ? -0.660  6.310   3.914   1.00 17.85  ? 378 PHE X CZ  1 
ATOM   780 N N   . MET A 1 97  ? -3.787  12.779  3.497   1.00 33.69  ? 379 MET X N   1 
ATOM   781 C CA  . MET A 1 97  ? -4.702  13.846  3.189   1.00 37.89  ? 379 MET X CA  1 
ATOM   782 C C   . MET A 1 97  ? -4.880  14.715  4.421   1.00 42.44  ? 379 MET X C   1 
ATOM   783 O O   . MET A 1 97  ? -5.056  14.203  5.525   1.00 44.16  ? 379 MET X O   1 
ATOM   784 C CB  . MET A 1 97  ? -6.018  13.216  2.780   1.00 42.11  ? 379 MET X CB  1 
ATOM   785 C CG  . MET A 1 97  ? -7.055  14.143  2.237   1.00 51.16  ? 379 MET X CG  1 
ATOM   786 S SD  . MET A 1 97  ? -8.407  13.171  1.558   1.00 56.07  ? 379 MET X SD  1 
ATOM   787 C CE  . MET A 1 97  ? -7.644  12.642  -0.028  1.00 46.33  ? 379 MET X CE  1 
ATOM   788 N N   . GLY A 1 98  ? -4.833  16.030  4.237   1.00 41.28  ? 380 GLY X N   1 
ATOM   789 C CA  . GLY A 1 98  ? -4.998  16.916  5.368   1.00 39.07  ? 380 GLY X CA  1 
ATOM   790 C C   . GLY A 1 98  ? -6.378  16.733  5.955   1.00 39.73  ? 380 GLY X C   1 
ATOM   791 O O   . GLY A 1 98  ? -7.289  16.273  5.279   1.00 39.73  ? 380 GLY X O   1 
ATOM   792 N N   . TRP A 1 99  ? -6.539  17.066  7.222   1.00 43.50  ? 381 TRP X N   1 
ATOM   793 C CA  . TRP A 1 99  ? -7.838  16.960  7.855   1.00 45.12  ? 381 TRP X CA  1 
ATOM   794 C C   . TRP A 1 99  ? -8.800  17.931  7.183   1.00 49.18  ? 381 TRP X C   1 
ATOM   795 O O   . TRP A 1 99  ? -8.394  18.980  6.686   1.00 48.09  ? 381 TRP X O   1 
ATOM   796 C CB  . TRP A 1 99  ? -7.722  17.332  9.320   1.00 42.81  ? 381 TRP X CB  1 
ATOM   797 C CG  . TRP A 1 99  ? -8.672  16.598  10.149  1.00 42.03  ? 381 TRP X CG  1 
ATOM   798 C CD1 . TRP A 1 99  ? -9.932  16.986  10.501  1.00 42.92  ? 381 TRP X CD1 1 
ATOM   799 C CD2 . TRP A 1 99  ? -8.478  15.305  10.720  1.00 42.28  ? 381 TRP X CD2 1 
ATOM   800 N NE1 . TRP A 1 99  ? -10.533 16.008  11.257  1.00 43.14  ? 381 TRP X NE1 1 
ATOM   801 C CE2 . TRP A 1 99  ? -9.656  14.965  11.405  1.00 41.20  ? 381 TRP X CE2 1 
ATOM   802 C CE3 . TRP A 1 99  ? -7.412  14.401  10.711  1.00 42.94  ? 381 TRP X CE3 1 
ATOM   803 C CZ2 . TRP A 1 99  ? -9.805  13.762  12.080  1.00 40.04  ? 381 TRP X CZ2 1 
ATOM   804 C CZ3 . TRP A 1 99  ? -7.563  13.207  11.379  1.00 41.61  ? 381 TRP X CZ3 1 
ATOM   805 C CH2 . TRP A 1 99  ? -8.748  12.897  12.055  1.00 41.65  ? 381 TRP X CH2 1 
ATOM   806 N N   . PRO A 1 100 ? -10.090 17.585  7.133   1.00 54.69  ? 382 PRO X N   1 
ATOM   807 C CA  . PRO A 1 100 ? -11.071 18.487  6.510   1.00 59.67  ? 382 PRO X CA  1 
ATOM   808 C C   . PRO A 1 100 ? -11.063 19.865  7.204   1.00 65.14  ? 382 PRO X C   1 
ATOM   809 O O   . PRO A 1 100 ? -10.859 19.930  8.418   1.00 66.66  ? 382 PRO X O   1 
ATOM   810 C CB  . PRO A 1 100 ? -12.401 17.753  6.700   1.00 57.44  ? 382 PRO X CB  1 
ATOM   811 C CG  . PRO A 1 100 ? -12.035 16.320  6.921   1.00 55.74  ? 382 PRO X CG  1 
ATOM   812 C CD  . PRO A 1 100 ? -10.695 16.326  7.596   1.00 55.07  ? 382 PRO X CD  1 
ATOM   813 N N   . GLY A 1 101 ? -11.271 20.948  6.448   1.00 68.71  ? 383 GLY X N   1 
ATOM   814 C CA  . GLY A 1 101 ? -11.280 22.294  7.018   1.00 74.12  ? 383 GLY X CA  1 
ATOM   815 C C   . GLY A 1 101 ? -12.442 22.630  7.966   1.00 79.67  ? 383 GLY X C   1 
ATOM   816 O O   . GLY A 1 101 ? -13.510 22.032  7.861   1.00 81.81  ? 383 GLY X O   1 
ATOM   817 N N   . ILE A 1 102 ? -12.243 23.579  8.872   1.00 82.00  ? 384 ILE X N   1 
ATOM   818 C CA  . ILE A 1 102 ? -13.312 23.955  9.819   1.00 83.84  ? 384 ILE X CA  1 
ATOM   819 C C   . ILE A 1 102 ? -14.324 25.064  9.384   1.00 90.62  ? 384 ILE X C   1 
ATOM   820 O O   . ILE A 1 102 ? -15.270 24.741  8.661   1.00 89.43  ? 384 ILE X O   1 
ATOM   821 C CB  . ILE A 1 102 ? -12.728 24.330  11.217  1.00 79.07  ? 384 ILE X CB  1 
ATOM   822 C CG1 . ILE A 1 102 ? -11.192 24.208  11.225  1.00 70.55  ? 384 ILE X CG1 1 
ATOM   823 C CG2 . ILE A 1 102 ? -13.387 23.451  12.281  1.00 75.27  ? 384 ILE X CG2 1 
ATOM   824 C CD1 . ILE A 1 102 ? -10.672 22.827  11.612  1.00 68.11  ? 384 ILE X CD1 1 
ATOM   825 N N   . ASP A 1 103 ? -14.152 26.315  9.826   1.00 98.24  ? 385 ASP X N   1 
ATOM   826 C CA  . ASP A 1 103 ? -15.081 27.430  9.480   1.00 99.95  ? 385 ASP X CA  1 
ATOM   827 C C   . ASP A 1 103 ? -14.890 28.706  10.320  1.00 100.00 ? 385 ASP X C   1 
ATOM   828 O O   . ASP A 1 103 ? -13.771 29.210  10.426  1.00 97.94  ? 385 ASP X O   1 
ATOM   829 C CB  . ASP A 1 103 ? -16.527 26.909  9.594   1.00 100.00 ? 385 ASP X CB  1 
ATOM   830 C CG  . ASP A 1 103 ? -17.566 28.011  9.903   1.00 100.00 ? 385 ASP X CG  1 
ATOM   831 O OD1 . ASP A 1 103 ? -17.331 29.183  9.543   1.00 100.00 ? 385 ASP X OD1 1 
ATOM   832 O OD2 . ASP A 1 103 ? -18.641 27.692  10.489  1.00 100.00 ? 385 ASP X OD2 1 
HETATM 833 O O   . HOH B 2 .   ? -4.790  2.684   7.643   1.00 21.90  ? 1   HOH X O   1 
HETATM 834 O O   . HOH B 2 .   ? 12.114  3.022   12.704  1.00 33.75  ? 2   HOH X O   1 
HETATM 835 O O   . HOH B 2 .   ? -11.748 5.979   -12.442 1.00 32.14  ? 3   HOH X O   1 
HETATM 836 O O   . HOH B 2 .   ? -13.860 10.391  -9.188  1.00 36.34  ? 4   HOH X O   1 
HETATM 837 O O   . HOH B 2 .   ? 2.010   -8.531  4.053   1.00 39.87  ? 5   HOH X O   1 
HETATM 838 O O   . HOH B 2 .   ? 13.256  -22.730 4.300   1.00 67.17  ? 6   HOH X O   1 
HETATM 839 O O   . HOH B 2 .   ? 0.046   -6.365  7.217   1.00 34.79  ? 7   HOH X O   1 
HETATM 840 O O   . HOH B 2 .   ? -15.939 -2.771  1.733   1.00 47.27  ? 8   HOH X O   1 
HETATM 841 O O   . HOH B 2 .   ? 6.991   7.303   12.641  1.00 28.49  ? 9   HOH X O   1 
HETATM 842 O O   . HOH B 2 .   ? -8.378  -1.632  4.701   1.00 34.24  ? 10  HOH X O   1 
HETATM 843 O O   . HOH B 2 .   ? -22.801 10.241  -22.894 1.00 51.35  ? 11  HOH X O   1 
HETATM 844 O O   . HOH B 2 .   ? -8.884  2.632   3.577   1.00 35.83  ? 12  HOH X O   1 
HETATM 845 O O   . HOH B 2 .   ? -4.967  -4.375  -2.831  1.00 37.41  ? 13  HOH X O   1 
HETATM 846 O O   . HOH B 2 .   ? 2.700   1.584   14.186  1.00 23.58  ? 15  HOH X O   1 
HETATM 847 O O   . HOH B 2 .   ? 0.176   8.684   15.132  1.00 52.58  ? 16  HOH X O   1 
HETATM 848 O O   . HOH B 2 .   ? -3.615  9.239   13.234  1.00 43.05  ? 17  HOH X O   1 
HETATM 849 O O   . HOH B 2 .   ? 0.984   -1.624  -8.509  1.00 59.77  ? 18  HOH X O   1 
HETATM 850 O O   . HOH B 2 .   ? -11.733 1.788   8.715   1.00 83.02  ? 19  HOH X O   1 
HETATM 851 O O   . HOH B 2 .   ? -6.671  -9.551  2.062   1.00 31.56  ? 20  HOH X O   1 
HETATM 852 O O   . HOH B 2 .   ? -6.647  1.625   8.869   1.00 31.36  ? 21  HOH X O   1 
HETATM 853 O O   . HOH B 2 .   ? -0.393  10.852  13.367  1.00 66.25  ? 22  HOH X O   1 
HETATM 854 O O   . HOH B 2 .   ? -17.179 -2.390  -1.020  1.00 55.28  ? 23  HOH X O   1 
HETATM 855 O O   . HOH B 2 .   ? 16.438  -16.115 -4.599  1.00 65.28  ? 24  HOH X O   1 
HETATM 856 O O   . HOH B 2 .   ? -5.926  8.774   14.357  1.00 66.36  ? 25  HOH X O   1 
HETATM 857 O O   . HOH B 2 .   ? 16.688  -10.899 14.296  1.00 54.17  ? 26  HOH X O   1 
HETATM 858 O O   . HOH B 2 .   ? 20.720  -2.245  -5.164  1.00 46.53  ? 27  HOH X O   1 
HETATM 859 O O   . HOH B 2 .   ? -6.431  -9.558  5.993   1.00 55.06  ? 28  HOH X O   1 
HETATM 860 O O   . HOH B 2 .   ? -17.825 0.296   -1.603  1.00 93.78  ? 29  HOH X O   1 
HETATM 861 O O   . HOH B 2 .   ? 14.701  -13.618 -7.606  1.00 70.61  ? 30  HOH X O   1 
HETATM 862 O O   . HOH B 2 .   ? -12.887 0.245   4.637   1.00 52.13  ? 31  HOH X O   1 
HETATM 863 O O   . HOH B 2 .   ? -12.847 20.652  11.417  1.00 76.02  ? 32  HOH X O   1 
HETATM 864 O O   . HOH B 2 .   ? 3.222   -11.929 5.578   1.00 59.44  ? 33  HOH X O   1 
HETATM 865 O O   . HOH B 2 .   ? -7.127  6.955   12.465  1.00 40.88  ? 34  HOH X O   1 
HETATM 866 O O   . HOH B 2 .   ? 17.007  -7.012  12.914  1.00 48.48  ? 35  HOH X O   1 
HETATM 867 O O   . HOH B 2 .   ? -11.760 8.476   -5.664  1.00 58.77  ? 36  HOH X O   1 
HETATM 868 O O   . HOH B 2 .   ? -2.390  -9.126  6.405   1.00 48.09  ? 37  HOH X O   1 
HETATM 869 O O   . HOH B 2 .   ? 1.663   4.675   -5.668  1.00 37.68  ? 38  HOH X O   1 
HETATM 870 O O   . HOH B 2 .   ? -2.635  20.529  4.638   1.00 39.60  ? 39  HOH X O   1 
HETATM 871 O O   . HOH B 2 .   ? 6.580   -11.998 2.336   1.00 36.72  ? 40  HOH X O   1 
HETATM 872 O O   . HOH B 2 .   ? -12.929 6.661   -3.310  1.00 67.55  ? 41  HOH X O   1 
HETATM 873 O O   . HOH B 2 .   ? 2.259   13.002  2.174   1.00 49.05  ? 42  HOH X O   1 
HETATM 874 O O   . HOH B 2 .   ? -7.090  2.901   1.284   1.00 27.02  ? 43  HOH X O   1 
HETATM 875 O O   . HOH B 2 .   ? 10.308  -7.933  -10.403 1.00 36.26  ? 44  HOH X O   1 
HETATM 876 O O   . HOH B 2 .   ? -6.252  -9.568  13.508  1.00 82.94  ? 45  HOH X O   1 
HETATM 877 O O   . HOH B 2 .   ? -8.817  9.768   13.874  1.00 66.96  ? 46  HOH X O   1 
HETATM 878 O O   . HOH B 2 .   ? -1.675  0.101   -9.666  1.00 54.68  ? 47  HOH X O   1 
HETATM 879 O O   . HOH B 2 .   ? 14.118  -20.513 0.216   1.00 65.90  ? 48  HOH X O   1 
HETATM 880 O O   . HOH B 2 .   ? -7.522  23.827  5.818   1.00 42.63  ? 49  HOH X O   1 
HETATM 881 O O   . HOH B 2 .   ? 3.138   -10.035 2.486   1.00 36.94  ? 50  HOH X O   1 
HETATM 882 O O   . HOH B 2 .   ? -4.273  -1.944  -3.194  1.00 33.34  ? 51  HOH X O   1 
HETATM 883 O O   . HOH B 2 .   ? -8.685  -11.240 12.385  1.00 55.30  ? 52  HOH X O   1 
HETATM 884 O O   . HOH B 2 .   ? -11.726 8.211   -0.708  1.00 51.25  ? 53  HOH X O   1 
HETATM 885 O O   . HOH B 2 .   ? -4.790  1.977   15.504  1.00 38.96  ? 54  HOH X O   1 
HETATM 886 O O   . HOH B 2 .   ? -22.718 3.931   -36.748 1.00 42.41  ? 55  HOH X O   1 
HETATM 887 O O   . HOH B 2 .   ? 21.276  -7.794  -1.533  1.00 66.62  ? 56  HOH X O   1 
HETATM 888 O O   . HOH B 2 .   ? -20.042 14.028  -19.405 1.00 59.88  ? 57  HOH X O   1 
HETATM 889 O O   . HOH B 2 .   ? -6.838  9.808   -1.999  1.00 34.54  ? 58  HOH X O   1 
HETATM 890 O O   . HOH B 2 .   ? 4.523   -9.768  14.794  1.00 48.13  ? 59  HOH X O   1 
HETATM 891 O O   . HOH B 2 .   ? -3.951  -1.818  -7.441  1.00 60.42  ? 60  HOH X O   1 
HETATM 892 O O   . HOH B 2 .   ? -3.472  -11.682 5.019   1.00 51.95  ? 61  HOH X O   1 
HETATM 893 O O   . HOH B 2 .   ? 7.940   -8.795  -8.365  1.00 57.00  ? 62  HOH X O   1 
HETATM 894 O O   . HOH B 2 .   ? -12.825 8.772   5.600   1.00 53.95  ? 63  HOH X O   1 
HETATM 895 O O   . HOH B 2 .   ? -0.452  -11.225 6.874   1.00 57.25  ? 64  HOH X O   1 
HETATM 896 O O   . HOH B 2 .   ? -1.780  -6.227  -7.988  1.00 55.89  ? 65  HOH X O   1 
HETATM 897 O O   . HOH B 2 .   ? -2.889  -9.412  9.744   1.00 38.21  ? 66  HOH X O   1 
HETATM 898 O O   . HOH B 2 .   ? 4.494   -9.602  0.277   1.00 45.86  ? 67  HOH X O   1 
HETATM 899 O O   . HOH B 2 .   ? -1.713  17.770  2.757   1.00 72.43  ? 68  HOH X O   1 
HETATM 900 O O   . HOH B 2 .   ? 13.241  -11.296 -10.292 1.00 37.51  ? 69  HOH X O   1 
HETATM 901 O O   . HOH B 2 .   ? 3.592   -9.329  -3.148  1.00 56.88  ? 70  HOH X O   1 
HETATM 902 O O   . HOH B 2 .   ? -9.817  6.148   4.660   1.00 57.27  ? 71  HOH X O   1 
HETATM 903 O O   . HOH B 2 .   ? -23.953 14.275  -17.575 1.00 49.52  ? 72  HOH X O   1 
HETATM 904 O O   . HOH B 2 .   ? -10.919 2.967   -3.847  1.00 68.79  ? 73  HOH X O   1 
HETATM 905 O O   . HOH B 2 .   ? -4.895  17.445  0.838   1.00 53.95  ? 74  HOH X O   1 
HETATM 906 O O   . HOH B 2 .   ? 5.840   -10.088 12.162  1.00 52.22  ? 75  HOH X O   1 
# 
